data_3CDB
#
_entry.id   3CDB
#
_cell.length_a   73.575
_cell.length_b   173.484
_cell.length_c   75.990
_cell.angle_alpha   90.00
_cell.angle_beta   118.68
_cell.angle_gamma   90.00
#
_symmetry.space_group_name_H-M   'P 1 21 1'
#
loop_
_entity.id
_entity.type
_entity.pdbx_description
1 polymer '3-hydroxy-3-methylglutaryl-coenzyme A reductase'
2 non-polymer '(3R,5R)-7-{3-[(4-carbamoylphenyl)sulfamoyl]-4,5-bis(4-fluorophenyl)-2-(1-methylethyl)-1H-pyrrol-1-yl}-3,5-dihydroxyheptanoic acid'
3 water water
#
_entity_poly.entity_id   1
_entity_poly.type   'polypeptide(L)'
_entity_poly.pdbx_seq_one_letter_code
;HHHHHHEPRPNEECLQILGNAEKGAKFLSDAEIIQLVNAKHIPAYKLETLIETHERGVSIRRQLLSKKLSEPSSLQYLPY
RDYNYSLVMGACCENVIGYMPIPVGVAGPLCLDEKEFQVPMATTEGCLVASTNRGCRAIGLGGGASSRVLADGMTRGPVV
RLPRACDSAEVKAWLETSEGFAVIKEAFDSTSRFARLQKLHTSIAGRNLYIRFQSRSGDAMGMNMISKGTEKALSKLHEY
FPEMQILAVSGNYCTDKKPAAINWIEGRGKSVVCEAVIPAKVVREVLKTTTEAMIEVNINKNLVGSAMAGSIGGYNAHAA
NIVTAIYIACGQDAAQNVGSSNCITLMEASGPTNEDLYISCTMPSIEIGTVGGGTNLLPQQACLQMLGVQGACKDNPGEN
ARQLARIVCGTVMAGELSLMAALAAGHLVKSHMIHNRSKIN
;
_entity_poly.pdbx_strand_id   A,B,C,D
#
# COMPACT_ATOMS: atom_id res chain seq x y z
N GLU A 7 -7.45 -20.61 -60.48
CA GLU A 7 -7.87 -22.00 -60.14
C GLU A 7 -9.10 -22.08 -59.20
N PRO A 8 -9.18 -21.21 -58.20
CA PRO A 8 -10.27 -21.29 -57.20
C PRO A 8 -11.68 -21.02 -57.75
N ARG A 9 -12.54 -22.03 -57.70
CA ARG A 9 -13.92 -21.89 -58.20
C ARG A 9 -14.72 -20.88 -57.36
N PRO A 10 -15.84 -20.36 -57.91
CA PRO A 10 -16.65 -19.33 -57.22
C PRO A 10 -17.16 -19.70 -55.83
N ASN A 11 -17.68 -18.70 -55.13
CA ASN A 11 -18.17 -18.86 -53.75
C ASN A 11 -19.36 -19.81 -53.61
N GLU A 12 -20.19 -19.89 -54.65
CA GLU A 12 -21.42 -20.68 -54.62
C GLU A 12 -21.14 -22.17 -54.48
N GLU A 13 -20.28 -22.69 -55.37
CA GLU A 13 -19.90 -24.10 -55.34
C GLU A 13 -19.14 -24.45 -54.05
N CYS A 14 -18.37 -23.49 -53.53
CA CYS A 14 -17.61 -23.67 -52.30
C CYS A 14 -18.50 -23.82 -51.06
N LEU A 15 -19.66 -23.16 -51.07
CA LEU A 15 -20.61 -23.22 -49.96
C LEU A 15 -21.41 -24.52 -49.93
N GLN A 16 -21.75 -25.05 -51.11
CA GLN A 16 -22.55 -26.27 -51.22
C GLN A 16 -21.74 -27.50 -50.76
N ILE A 17 -20.43 -27.48 -51.02
CA ILE A 17 -19.53 -28.57 -50.65
C ILE A 17 -19.27 -28.58 -49.15
N LEU A 18 -19.23 -27.38 -48.56
CA LEU A 18 -19.06 -27.23 -47.11
C LEU A 18 -20.31 -27.66 -46.35
N GLY A 19 -21.48 -27.42 -46.93
CA GLY A 19 -22.75 -27.79 -46.33
C GLY A 19 -23.06 -29.28 -46.43
N ASN A 20 -22.39 -29.97 -47.36
CA ASN A 20 -22.57 -31.42 -47.52
C ASN A 20 -21.80 -32.19 -46.46
N ALA A 21 -22.48 -33.09 -45.76
CA ALA A 21 -21.89 -33.83 -44.64
C ALA A 21 -20.86 -34.88 -45.10
N GLU A 22 -21.11 -35.52 -46.24
CA GLU A 22 -20.18 -36.51 -46.80
C GLU A 22 -18.87 -35.88 -47.26
N LYS A 23 -18.89 -34.57 -47.54
CA LYS A 23 -17.72 -33.84 -48.03
C LYS A 23 -17.07 -32.97 -46.94
N GLY A 24 -17.60 -31.77 -46.73
CA GLY A 24 -17.11 -30.86 -45.70
C GLY A 24 -16.04 -29.89 -46.19
N ALA A 25 -15.24 -29.38 -45.25
CA ALA A 25 -14.13 -28.49 -45.57
C ALA A 25 -12.96 -29.22 -46.21
N LYS A 26 -12.91 -30.54 -46.03
CA LYS A 26 -11.88 -31.39 -46.65
C LYS A 26 -11.84 -31.24 -48.19
N PHE A 27 -13.00 -30.97 -48.79
CA PHE A 27 -13.14 -30.87 -50.25
C PHE A 27 -12.95 -29.43 -50.77
N LEU A 28 -12.17 -28.63 -50.05
CA LEU A 28 -11.82 -27.27 -50.48
C LEU A 28 -10.32 -27.03 -50.35
N SER A 29 -9.80 -26.13 -51.18
CA SER A 29 -8.38 -25.76 -51.14
C SER A 29 -8.16 -24.70 -50.06
N ASP A 30 -6.90 -24.50 -49.65
CA ASP A 30 -6.57 -23.42 -48.72
C ASP A 30 -7.10 -22.09 -49.26
N ALA A 31 -6.82 -21.84 -50.53
CA ALA A 31 -7.19 -20.57 -51.19
C ALA A 31 -8.70 -20.30 -51.21
N GLU A 32 -9.50 -21.36 -51.32
CA GLU A 32 -10.96 -21.25 -51.37
C GLU A 32 -11.57 -20.93 -50.00
N ILE A 33 -10.93 -21.41 -48.94
CA ILE A 33 -11.35 -21.08 -47.57
C ILE A 33 -11.05 -19.60 -47.28
N ILE A 34 -9.92 -19.12 -47.80
CA ILE A 34 -9.50 -17.73 -47.65
C ILE A 34 -10.37 -16.79 -48.49
N GLN A 35 -11.06 -17.34 -49.49
CA GLN A 35 -12.01 -16.57 -50.31
C GLN A 35 -13.31 -16.35 -49.54
N LEU A 36 -13.82 -17.42 -48.93
CA LEU A 36 -15.07 -17.36 -48.17
C LEU A 36 -14.95 -16.54 -46.87
N VAL A 37 -13.72 -16.32 -46.40
CA VAL A 37 -13.48 -15.45 -45.25
C VAL A 37 -13.42 -14.00 -45.72
N ASN A 38 -12.63 -13.75 -46.77
CA ASN A 38 -12.54 -12.44 -47.39
C ASN A 38 -13.83 -12.15 -48.18
N ALA A 39 -14.76 -11.46 -47.53
CA ALA A 39 -16.12 -11.17 -48.05
C ALA A 39 -17.21 -12.05 -47.40
N LYS A 40 -17.11 -12.24 -46.08
CA LYS A 40 -18.17 -12.83 -45.25
C LYS A 40 -18.61 -14.25 -45.66
N HIS A 41 -19.58 -14.80 -44.93
CA HIS A 41 -20.07 -16.19 -45.06
C HIS A 41 -19.46 -17.03 -43.94
N ILE A 42 -18.14 -16.92 -43.80
CA ILE A 42 -17.42 -17.47 -42.65
C ILE A 42 -16.73 -16.31 -41.95
N PRO A 43 -16.96 -16.14 -40.64
CA PRO A 43 -16.36 -15.03 -39.89
C PRO A 43 -14.84 -15.16 -39.66
N ALA A 44 -14.41 -16.19 -38.93
CA ALA A 44 -13.00 -16.39 -38.56
C ALA A 44 -12.92 -17.41 -37.41
N TYR A 45 -13.73 -17.17 -36.38
CA TYR A 45 -13.83 -18.07 -35.23
C TYR A 45 -14.54 -19.39 -35.55
N LYS A 46 -15.30 -19.42 -36.64
CA LYS A 46 -15.98 -20.65 -37.08
C LYS A 46 -15.01 -21.69 -37.66
N LEU A 47 -13.80 -21.24 -38.03
CA LEU A 47 -12.75 -22.14 -38.51
C LEU A 47 -12.46 -23.29 -37.54
N GLU A 48 -12.68 -23.05 -36.24
CA GLU A 48 -12.52 -24.07 -35.19
C GLU A 48 -13.29 -25.34 -35.53
N THR A 49 -14.61 -25.20 -35.63
CA THR A 49 -15.51 -26.34 -35.75
C THR A 49 -15.62 -26.90 -37.18
N LEU A 50 -15.37 -26.04 -38.17
CA LEU A 50 -15.63 -26.38 -39.57
C LEU A 50 -14.51 -27.17 -40.25
N ILE A 51 -13.26 -26.70 -40.11
CA ILE A 51 -12.13 -27.30 -40.82
C ILE A 51 -11.83 -28.72 -40.36
N GLU A 52 -11.36 -29.55 -41.29
CA GLU A 52 -11.05 -30.97 -41.06
C GLU A 52 -10.21 -31.24 -39.80
N THR A 53 -9.07 -30.56 -39.67
CA THR A 53 -8.15 -30.75 -38.54
C THR A 53 -7.81 -29.43 -37.85
N HIS A 54 -7.36 -29.50 -36.60
CA HIS A 54 -6.98 -28.31 -35.83
C HIS A 54 -5.79 -27.59 -36.46
N GLU A 55 -4.80 -28.36 -36.92
CA GLU A 55 -3.57 -27.78 -37.46
C GLU A 55 -3.79 -27.01 -38.76
N ARG A 56 -4.74 -27.48 -39.58
CA ARG A 56 -5.09 -26.77 -40.80
C ARG A 56 -5.81 -25.47 -40.48
N GLY A 57 -6.63 -25.47 -39.43
CA GLY A 57 -7.29 -24.26 -38.97
C GLY A 57 -6.30 -23.20 -38.53
N VAL A 58 -5.22 -23.64 -37.89
CA VAL A 58 -4.15 -22.75 -37.46
C VAL A 58 -3.42 -22.20 -38.69
N SER A 59 -3.09 -23.09 -39.62
CA SER A 59 -2.39 -22.71 -40.86
C SER A 59 -3.17 -21.68 -41.65
N ILE A 60 -4.50 -21.83 -41.74
CA ILE A 60 -5.33 -20.91 -42.49
C ILE A 60 -5.35 -19.55 -41.80
N ARG A 61 -5.48 -19.56 -40.48
CA ARG A 61 -5.46 -18.33 -39.69
C ARG A 61 -4.13 -17.59 -39.86
N ARG A 62 -3.03 -18.32 -39.92
CA ARG A 62 -1.71 -17.73 -40.14
C ARG A 62 -1.60 -17.08 -41.52
N GLN A 63 -2.14 -17.73 -42.56
CA GLN A 63 -2.11 -17.19 -43.93
C GLN A 63 -2.94 -15.90 -44.04
N LEU A 64 -4.14 -15.91 -43.46
CA LEU A 64 -4.99 -14.72 -43.34
C LEU A 64 -4.24 -13.56 -42.68
N LEU A 65 -3.61 -13.88 -41.55
CA LEU A 65 -2.94 -12.89 -40.71
C LEU A 65 -1.73 -12.27 -41.41
N SER A 66 -1.04 -13.08 -42.20
CA SER A 66 0.22 -12.66 -42.84
C SER A 66 0.01 -11.58 -43.91
N LYS A 67 -1.15 -11.57 -44.56
CA LYS A 67 -1.47 -10.55 -45.57
C LYS A 67 -1.82 -9.20 -44.93
N LYS A 68 -2.34 -9.23 -43.70
CA LYS A 68 -2.63 -8.02 -42.95
C LYS A 68 -1.37 -7.33 -42.42
N LEU A 69 -0.28 -8.09 -42.29
CA LEU A 69 0.96 -7.57 -41.70
C LEU A 69 1.81 -6.77 -42.68
N SER A 70 2.65 -5.90 -42.15
CA SER A 70 3.49 -5.03 -42.97
C SER A 70 4.77 -5.77 -43.40
N GLU A 71 5.14 -6.81 -42.67
CA GLU A 71 6.17 -7.75 -43.10
C GLU A 71 5.49 -9.12 -43.23
N PRO A 72 5.24 -9.58 -44.46
CA PRO A 72 4.52 -10.85 -44.66
C PRO A 72 5.23 -12.11 -44.16
N SER A 73 6.55 -12.03 -43.93
CA SER A 73 7.33 -13.16 -43.44
C SER A 73 7.52 -13.16 -41.91
N SER A 74 6.70 -12.38 -41.19
CA SER A 74 6.84 -12.22 -39.75
C SER A 74 6.75 -13.55 -39.00
N LEU A 75 5.79 -14.39 -39.40
CA LEU A 75 5.48 -15.66 -38.71
C LEU A 75 6.41 -16.83 -39.06
N GLN A 76 7.38 -16.62 -39.95
CA GLN A 76 8.27 -17.68 -40.42
C GLN A 76 8.86 -18.56 -39.32
N TYR A 77 9.27 -17.94 -38.21
CA TYR A 77 9.95 -18.64 -37.12
C TYR A 77 9.07 -18.86 -35.88
N LEU A 78 7.81 -18.48 -35.98
CA LEU A 78 6.80 -18.84 -34.98
C LEU A 78 6.31 -20.25 -35.32
N PRO A 79 6.69 -21.25 -34.53
CA PRO A 79 6.32 -22.63 -34.85
C PRO A 79 4.84 -22.92 -34.62
N TYR A 80 4.31 -23.93 -35.30
CA TYR A 80 2.91 -24.35 -35.14
C TYR A 80 2.65 -25.83 -35.46
N ARG A 81 3.49 -26.44 -36.30
CA ARG A 81 3.29 -27.82 -36.74
C ARG A 81 3.46 -28.82 -35.59
N ASP A 82 2.70 -29.89 -35.66
CA ASP A 82 2.87 -31.07 -34.80
C ASP A 82 2.62 -30.84 -33.31
N TYR A 83 2.03 -29.71 -32.96
CA TYR A 83 1.60 -29.45 -31.58
C TYR A 83 0.20 -30.00 -31.38
N ASN A 84 -0.05 -30.53 -30.19
CA ASN A 84 -1.34 -31.15 -29.85
C ASN A 84 -2.38 -30.09 -29.51
N TYR A 85 -3.06 -29.58 -30.53
CA TYR A 85 -4.07 -28.53 -30.37
C TYR A 85 -5.42 -29.05 -29.86
N SER A 86 -5.60 -30.37 -29.79
CA SER A 86 -6.90 -30.93 -29.37
C SER A 86 -7.26 -30.45 -27.97
N LEU A 87 -6.27 -30.47 -27.07
CA LEU A 87 -6.46 -30.09 -25.66
C LEU A 87 -6.54 -28.57 -25.43
N VAL A 88 -6.21 -27.78 -26.45
CA VAL A 88 -6.15 -26.33 -26.35
C VAL A 88 -7.40 -25.62 -26.90
N MET A 89 -8.04 -26.18 -27.93
CA MET A 89 -9.16 -25.49 -28.58
C MET A 89 -10.40 -25.59 -27.69
N GLY A 90 -11.05 -24.45 -27.45
CA GLY A 90 -12.26 -24.41 -26.64
C GLY A 90 -12.02 -24.52 -25.13
N ALA A 91 -10.76 -24.66 -24.72
CA ALA A 91 -10.40 -24.80 -23.30
C ALA A 91 -9.39 -23.75 -22.82
N CYS A 92 -8.28 -23.58 -23.56
CA CYS A 92 -7.14 -22.77 -23.11
C CYS A 92 -6.82 -21.52 -23.94
N CYS A 93 -7.22 -21.48 -25.22
CA CYS A 93 -6.83 -20.40 -26.13
C CYS A 93 -7.69 -20.33 -27.40
N GLU A 94 -7.90 -19.11 -27.90
CA GLU A 94 -8.65 -18.87 -29.14
C GLU A 94 -7.81 -18.08 -30.16
N ASN A 95 -8.27 -18.06 -31.42
CA ASN A 95 -7.53 -17.48 -32.55
C ASN A 95 -6.06 -17.94 -32.60
N VAL A 96 -5.85 -19.24 -32.41
CA VAL A 96 -4.51 -19.77 -32.20
C VAL A 96 -3.71 -19.80 -33.50
N ILE A 97 -2.49 -19.30 -33.45
CA ILE A 97 -1.62 -19.17 -34.63
C ILE A 97 -0.28 -19.88 -34.44
N GLY A 98 -0.17 -20.73 -33.42
CA GLY A 98 1.08 -21.39 -33.10
C GLY A 98 1.32 -21.53 -31.61
N TYR A 99 2.59 -21.53 -31.23
CA TYR A 99 2.98 -21.61 -29.83
C TYR A 99 4.33 -20.95 -29.60
N MET A 100 4.60 -20.60 -28.34
CA MET A 100 5.83 -19.94 -27.96
C MET A 100 6.65 -20.87 -27.06
N PRO A 101 7.75 -21.41 -27.58
CA PRO A 101 8.65 -22.22 -26.75
C PRO A 101 9.40 -21.42 -25.69
N ILE A 102 9.25 -21.79 -24.42
CA ILE A 102 9.99 -21.18 -23.33
C ILE A 102 10.97 -22.22 -22.77
N PRO A 103 12.26 -21.92 -22.76
CA PRO A 103 13.25 -22.92 -22.30
C PRO A 103 12.99 -23.35 -20.86
N VAL A 104 13.18 -24.63 -20.57
CA VAL A 104 12.95 -25.19 -19.25
C VAL A 104 14.24 -25.80 -18.70
N GLY A 105 14.82 -25.14 -17.70
CA GLY A 105 15.95 -25.68 -16.96
C GLY A 105 15.48 -26.37 -15.71
N VAL A 106 16.39 -27.05 -15.01
CA VAL A 106 16.05 -27.75 -13.78
C VAL A 106 16.94 -27.28 -12.63
N ALA A 107 16.31 -27.02 -11.48
CA ALA A 107 17.01 -26.63 -10.26
C ALA A 107 16.76 -27.74 -9.25
N GLY A 108 17.81 -28.46 -8.90
CA GLY A 108 17.73 -29.48 -7.88
C GLY A 108 19.04 -30.19 -7.60
N PRO A 109 19.04 -31.17 -6.69
CA PRO A 109 17.86 -31.53 -5.89
C PRO A 109 17.55 -30.51 -4.79
N LEU A 110 16.28 -30.22 -4.61
CA LEU A 110 15.79 -29.35 -3.55
C LEU A 110 15.37 -30.25 -2.40
N CYS A 111 16.12 -30.17 -1.31
CA CYS A 111 15.84 -30.95 -0.12
C CYS A 111 14.77 -30.24 0.68
N LEU A 112 13.56 -30.81 0.67
CA LEU A 112 12.41 -30.22 1.36
C LEU A 112 11.59 -31.29 2.07
N ASP A 113 11.50 -31.19 3.39
CA ASP A 113 10.72 -32.12 4.22
C ASP A 113 11.15 -33.58 4.00
N GLU A 114 12.45 -33.82 4.12
CA GLU A 114 13.03 -35.16 3.97
C GLU A 114 12.69 -35.84 2.64
N LYS A 115 12.44 -35.03 1.61
CA LYS A 115 12.30 -35.49 0.24
C LYS A 115 13.22 -34.65 -0.64
N GLU A 116 13.41 -35.09 -1.88
CA GLU A 116 14.15 -34.33 -2.88
C GLU A 116 13.25 -34.03 -4.07
N PHE A 117 13.48 -32.88 -4.70
CA PHE A 117 12.65 -32.42 -5.80
C PHE A 117 13.51 -31.81 -6.90
N GLN A 118 13.27 -32.25 -8.13
CA GLN A 118 13.89 -31.65 -9.30
C GLN A 118 12.86 -30.68 -9.88
N VAL A 119 13.14 -29.39 -9.73
CA VAL A 119 12.16 -28.33 -9.92
C VAL A 119 12.28 -27.73 -11.31
N PRO A 120 11.23 -27.87 -12.14
CA PRO A 120 11.25 -27.29 -13.49
C PRO A 120 11.01 -25.79 -13.46
N MET A 121 11.74 -25.06 -14.30
CA MET A 121 11.70 -23.61 -14.35
C MET A 121 11.75 -23.12 -15.79
N ALA A 122 10.66 -22.53 -16.27
CA ALA A 122 10.57 -21.98 -17.62
C ALA A 122 10.92 -20.50 -17.63
N THR A 123 12.07 -20.16 -18.20
CA THR A 123 12.54 -18.78 -18.18
C THR A 123 13.44 -18.45 -19.37
N THR A 124 13.60 -17.16 -19.65
CA THR A 124 14.57 -16.67 -20.65
C THR A 124 15.59 -15.69 -20.06
N GLU A 125 15.61 -15.53 -18.73
CA GLU A 125 16.62 -14.72 -18.06
C GLU A 125 17.85 -15.56 -17.76
N GLY A 126 18.99 -15.11 -18.25
CA GLY A 126 20.24 -15.83 -18.08
C GLY A 126 20.69 -15.87 -16.64
N CYS A 127 21.14 -17.05 -16.22
CA CYS A 127 21.72 -17.32 -14.89
C CYS A 127 20.70 -17.59 -13.79
N LEU A 128 19.42 -17.38 -14.07
CA LEU A 128 18.39 -17.55 -13.04
C LEU A 128 18.34 -18.99 -12.52
N VAL A 129 18.42 -19.96 -13.43
CA VAL A 129 18.32 -21.37 -13.06
C VAL A 129 19.59 -21.86 -12.35
N ALA A 130 20.75 -21.40 -12.80
CA ALA A 130 22.02 -21.75 -12.15
C ALA A 130 22.10 -21.13 -10.77
N SER A 131 21.60 -19.90 -10.65
CA SER A 131 21.57 -19.19 -9.37
C SER A 131 20.69 -19.93 -8.36
N THR A 132 19.50 -20.34 -8.81
CA THR A 132 18.57 -21.06 -7.94
C THR A 132 19.11 -22.43 -7.57
N ASN A 133 19.85 -23.02 -8.51
CA ASN A 133 20.48 -24.32 -8.31
C ASN A 133 21.59 -24.23 -7.26
N ARG A 134 22.29 -23.11 -7.22
CA ARG A 134 23.32 -22.90 -6.20
C ARG A 134 22.71 -22.80 -4.82
N GLY A 135 21.58 -22.09 -4.71
CA GLY A 135 20.85 -22.00 -3.46
C GLY A 135 20.30 -23.34 -2.99
N CYS A 136 19.98 -24.23 -3.93
CA CYS A 136 19.52 -25.57 -3.61
C CYS A 136 20.64 -26.40 -2.98
N ARG A 137 21.85 -26.24 -3.52
CA ARG A 137 23.02 -26.97 -3.05
C ARG A 137 23.36 -26.56 -1.61
N ALA A 138 23.28 -25.26 -1.34
CA ALA A 138 23.51 -24.73 0.01
C ALA A 138 22.50 -25.29 1.02
N ILE A 139 21.23 -25.37 0.63
CA ILE A 139 20.20 -25.93 1.50
C ILE A 139 20.45 -27.42 1.75
N GLY A 140 20.88 -28.14 0.73
CA GLY A 140 21.15 -29.57 0.82
C GLY A 140 22.30 -29.87 1.78
N LEU A 141 23.36 -29.07 1.70
CA LEU A 141 24.51 -29.22 2.60
C LEU A 141 24.23 -28.67 3.99
N GLY A 142 23.09 -28.01 4.18
CA GLY A 142 22.64 -27.56 5.49
C GLY A 142 21.63 -28.47 6.16
N GLY A 143 21.47 -29.70 5.66
CA GLY A 143 20.56 -30.67 6.26
C GLY A 143 19.10 -30.61 5.78
N GLY A 144 18.79 -29.70 4.86
CA GLY A 144 17.48 -29.64 4.24
C GLY A 144 16.58 -28.52 4.77
N ALA A 145 15.49 -28.29 4.05
CA ALA A 145 14.52 -27.25 4.37
C ALA A 145 13.22 -27.88 4.86
N SER A 146 12.49 -27.15 5.70
CA SER A 146 11.21 -27.60 6.24
C SER A 146 10.13 -26.56 5.96
N SER A 147 8.96 -27.00 5.54
CA SER A 147 7.85 -26.11 5.24
C SER A 147 6.51 -26.59 5.82
N ARG A 148 5.59 -25.65 5.99
CA ARG A 148 4.24 -25.96 6.44
C ARG A 148 3.23 -25.09 5.68
N VAL A 149 2.11 -25.69 5.29
CA VAL A 149 0.97 -24.94 4.79
C VAL A 149 0.19 -24.43 6.00
N LEU A 150 0.04 -23.12 6.08
CA LEU A 150 -0.57 -22.44 7.21
C LEU A 150 -2.08 -22.23 7.03
N ALA A 151 -2.49 -22.00 5.79
CA ALA A 151 -3.89 -21.81 5.42
C ALA A 151 -4.11 -22.30 3.99
N ASP A 152 -5.38 -22.50 3.63
CA ASP A 152 -5.73 -23.08 2.34
C ASP A 152 -7.17 -22.70 1.98
N GLY A 153 -7.33 -21.89 0.94
CA GLY A 153 -8.64 -21.44 0.52
C GLY A 153 -8.56 -20.35 -0.54
N MET A 154 -8.97 -20.70 -1.76
CA MET A 154 -9.13 -19.73 -2.85
C MET A 154 -10.33 -18.84 -2.52
N THR A 155 -10.28 -17.57 -2.92
CA THR A 155 -11.38 -16.65 -2.63
C THR A 155 -12.03 -16.05 -3.86
N ARG A 156 -13.21 -15.48 -3.65
CA ARG A 156 -13.86 -14.63 -4.65
C ARG A 156 -14.62 -13.53 -3.90
N GLY A 157 -14.51 -12.31 -4.40
CA GLY A 157 -14.91 -11.13 -3.64
C GLY A 157 -15.89 -10.23 -4.36
N PRO A 158 -17.13 -10.71 -4.58
CA PRO A 158 -18.17 -9.91 -5.24
C PRO A 158 -18.58 -8.66 -4.48
N VAL A 159 -19.08 -7.66 -5.21
CA VAL A 159 -19.71 -6.49 -4.60
C VAL A 159 -21.21 -6.49 -4.90
N VAL A 160 -22.01 -6.35 -3.84
CA VAL A 160 -23.46 -6.17 -3.97
C VAL A 160 -23.81 -4.76 -3.50
N ARG A 161 -25.05 -4.36 -3.71
CA ARG A 161 -25.53 -3.05 -3.25
C ARG A 161 -26.94 -3.15 -2.68
N LEU A 162 -27.15 -2.52 -1.53
CA LEU A 162 -28.48 -2.35 -0.97
C LEU A 162 -28.87 -0.88 -1.20
N PRO A 163 -30.15 -0.54 -1.11
CA PRO A 163 -30.60 0.84 -1.34
C PRO A 163 -29.97 1.85 -0.39
N ARG A 164 -29.70 1.43 0.85
CA ARG A 164 -29.04 2.28 1.84
C ARG A 164 -27.89 1.54 2.51
N ALA A 165 -26.99 2.29 3.12
CA ALA A 165 -25.89 1.74 3.92
C ALA A 165 -26.40 1.03 5.17
N CYS A 166 -27.56 1.47 5.67
CA CYS A 166 -28.19 0.82 6.83
C CYS A 166 -28.69 -0.57 6.43
N ASP A 167 -29.13 -0.71 5.19
CA ASP A 167 -29.58 -2.00 4.67
C ASP A 167 -28.39 -2.93 4.43
N SER A 168 -27.32 -2.40 3.85
CA SER A 168 -26.10 -3.16 3.67
C SER A 168 -25.52 -3.56 5.03
N ALA A 169 -25.71 -2.71 6.04
CA ALA A 169 -25.32 -3.02 7.41
C ALA A 169 -26.19 -4.12 8.02
N GLU A 170 -27.46 -4.18 7.62
CA GLU A 170 -28.34 -5.25 8.06
C GLU A 170 -27.91 -6.59 7.47
N VAL A 171 -27.44 -6.59 6.22
CA VAL A 171 -27.02 -7.81 5.55
C VAL A 171 -25.70 -8.34 6.13
N LYS A 172 -24.80 -7.43 6.50
CA LYS A 172 -23.54 -7.80 7.14
C LYS A 172 -23.78 -8.49 8.49
N ALA A 173 -24.68 -7.94 9.29
CA ALA A 173 -25.01 -8.48 10.61
C ALA A 173 -25.72 -9.84 10.52
N TRP A 174 -26.62 -9.99 9.55
CA TRP A 174 -27.32 -11.26 9.30
C TRP A 174 -26.33 -12.34 8.86
N LEU A 175 -25.37 -11.97 8.02
CA LEU A 175 -24.33 -12.89 7.55
C LEU A 175 -23.40 -13.34 8.69
N GLU A 176 -23.32 -12.53 9.74
CA GLU A 176 -22.48 -12.82 10.91
C GLU A 176 -23.17 -13.67 11.98
N THR A 177 -24.49 -13.81 11.92
CA THR A 177 -25.19 -14.74 12.80
C THR A 177 -24.87 -16.17 12.36
N SER A 178 -24.93 -17.11 13.29
CA SER A 178 -24.58 -18.50 12.99
C SER A 178 -25.60 -19.15 12.05
N GLU A 179 -26.87 -18.81 12.26
CA GLU A 179 -27.96 -19.30 11.41
C GLU A 179 -27.92 -18.72 10.01
N GLY A 180 -27.53 -17.45 9.90
CA GLY A 180 -27.42 -16.78 8.60
C GLY A 180 -26.27 -17.34 7.79
N PHE A 181 -25.11 -17.51 8.41
CA PHE A 181 -23.95 -18.12 7.78
C PHE A 181 -24.24 -19.56 7.37
N ALA A 182 -25.05 -20.26 8.16
CA ALA A 182 -25.36 -21.67 7.88
C ALA A 182 -26.19 -21.83 6.60
N VAL A 183 -27.15 -20.93 6.41
CA VAL A 183 -27.98 -20.91 5.22
C VAL A 183 -27.13 -20.66 3.97
N ILE A 184 -26.23 -19.70 4.07
CA ILE A 184 -25.37 -19.32 2.96
C ILE A 184 -24.32 -20.40 2.68
N LYS A 185 -23.85 -21.05 3.74
CA LYS A 185 -22.88 -22.14 3.64
C LYS A 185 -23.51 -23.36 2.96
N GLU A 186 -24.78 -23.63 3.25
CA GLU A 186 -25.48 -24.75 2.63
C GLU A 186 -25.62 -24.53 1.12
N ALA A 187 -25.98 -23.32 0.72
CA ALA A 187 -26.14 -23.00 -0.70
C ALA A 187 -24.81 -23.09 -1.44
N PHE A 188 -23.75 -22.57 -0.82
CA PHE A 188 -22.41 -22.59 -1.41
C PHE A 188 -21.94 -24.02 -1.62
N ASP A 189 -22.10 -24.83 -0.58
CA ASP A 189 -21.52 -26.17 -0.52
C ASP A 189 -22.25 -27.20 -1.38
N SER A 190 -23.47 -26.89 -1.80
CA SER A 190 -24.26 -27.79 -2.63
C SER A 190 -23.82 -27.81 -4.11
N THR A 191 -23.03 -26.81 -4.52
CA THR A 191 -22.66 -26.64 -5.94
C THR A 191 -21.52 -27.57 -6.38
N SER A 192 -20.80 -28.12 -5.41
CA SER A 192 -19.64 -28.96 -5.69
C SER A 192 -19.23 -29.75 -4.45
N ARG A 193 -18.59 -30.90 -4.69
CA ARG A 193 -18.17 -31.78 -3.60
C ARG A 193 -17.00 -31.22 -2.79
N PHE A 194 -16.21 -30.34 -3.40
CA PHE A 194 -15.10 -29.68 -2.72
C PHE A 194 -15.48 -28.31 -2.13
N ALA A 195 -16.65 -27.80 -2.49
CA ALA A 195 -17.11 -26.51 -1.98
C ALA A 195 -17.44 -26.60 -0.50
N ARG A 196 -16.53 -26.11 0.35
CA ARG A 196 -16.73 -26.08 1.80
C ARG A 196 -16.39 -24.68 2.36
N LEU A 197 -17.44 -23.86 2.51
CA LEU A 197 -17.29 -22.44 2.82
C LEU A 197 -16.74 -22.26 4.23
N GLN A 198 -15.66 -21.48 4.32
CA GLN A 198 -15.03 -21.13 5.59
C GLN A 198 -15.61 -19.81 6.09
N LYS A 199 -15.03 -19.28 7.15
CA LYS A 199 -15.43 -17.99 7.73
C LYS A 199 -15.53 -16.93 6.64
N LEU A 200 -16.60 -16.15 6.69
CA LEU A 200 -16.87 -15.10 5.72
C LEU A 200 -16.23 -13.80 6.21
N HIS A 201 -15.59 -13.05 5.32
CA HIS A 201 -15.14 -11.70 5.65
C HIS A 201 -15.85 -10.68 4.77
N THR A 202 -16.41 -9.65 5.40
CA THR A 202 -17.16 -8.63 4.69
C THR A 202 -16.65 -7.24 5.02
N SER A 203 -16.91 -6.31 4.11
CA SER A 203 -16.55 -4.91 4.30
C SER A 203 -17.60 -4.02 3.64
N ILE A 204 -17.95 -2.93 4.31
CA ILE A 204 -18.93 -2.00 3.78
C ILE A 204 -18.24 -0.73 3.30
N ALA A 205 -18.67 -0.23 2.15
CA ALA A 205 -18.35 1.11 1.68
C ALA A 205 -19.67 1.77 1.29
N GLY A 206 -20.33 2.40 2.26
CA GLY A 206 -21.61 3.03 2.02
C GLY A 206 -22.67 1.98 1.80
N ARG A 207 -23.40 2.08 0.69
CA ARG A 207 -24.35 1.03 0.35
C ARG A 207 -23.74 -0.12 -0.46
N ASN A 208 -22.42 -0.12 -0.65
CA ASN A 208 -21.72 -1.28 -1.17
C ASN A 208 -21.39 -2.27 -0.04
N LEU A 209 -21.44 -3.56 -0.37
CA LEU A 209 -21.03 -4.61 0.54
C LEU A 209 -20.18 -5.60 -0.23
N TYR A 210 -18.93 -5.74 0.18
CA TYR A 210 -17.99 -6.68 -0.41
C TYR A 210 -17.97 -7.93 0.47
N ILE A 211 -18.14 -9.08 -0.15
CA ILE A 211 -18.23 -10.35 0.56
C ILE A 211 -17.15 -11.28 0.01
N ARG A 212 -16.21 -11.67 0.88
CA ARG A 212 -15.10 -12.55 0.53
C ARG A 212 -15.46 -14.00 0.86
N PHE A 213 -15.88 -14.75 -0.16
CA PHE A 213 -16.16 -16.17 -0.02
C PHE A 213 -14.85 -16.93 -0.13
N GLN A 214 -14.60 -17.83 0.81
CA GLN A 214 -13.35 -18.57 0.83
C GLN A 214 -13.59 -20.06 1.01
N SER A 215 -12.91 -20.88 0.21
CA SER A 215 -13.03 -22.33 0.36
C SER A 215 -11.90 -23.08 -0.33
N ARG A 216 -11.58 -24.26 0.22
CA ARG A 216 -10.71 -25.20 -0.47
C ARG A 216 -11.39 -25.69 -1.74
N SER A 217 -10.65 -26.37 -2.59
CA SER A 217 -11.11 -26.65 -3.94
C SER A 217 -10.42 -27.86 -4.56
N GLY A 218 -10.18 -28.88 -3.75
CA GLY A 218 -9.40 -30.03 -4.18
C GLY A 218 -8.03 -29.56 -4.64
N ASP A 219 -7.52 -30.19 -5.71
CA ASP A 219 -6.21 -29.83 -6.26
C ASP A 219 -6.32 -28.78 -7.34
N ALA A 220 -7.53 -28.32 -7.64
CA ALA A 220 -7.73 -27.23 -8.57
C ALA A 220 -7.43 -25.90 -7.87
N MET A 221 -6.90 -24.95 -8.63
CA MET A 221 -6.70 -23.58 -8.15
C MET A 221 -8.03 -23.03 -7.62
N GLY A 222 -9.11 -23.32 -8.33
CA GLY A 222 -10.45 -23.26 -7.79
C GLY A 222 -11.28 -22.02 -8.05
N MET A 223 -10.94 -21.21 -9.06
CA MET A 223 -11.71 -19.98 -9.30
C MET A 223 -13.07 -20.26 -9.91
N ASN A 224 -13.13 -21.13 -10.92
CA ASN A 224 -14.41 -21.50 -11.53
C ASN A 224 -15.39 -22.08 -10.51
N MET A 225 -14.89 -22.94 -9.63
CA MET A 225 -15.72 -23.59 -8.62
C MET A 225 -16.21 -22.59 -7.56
N ILE A 226 -15.35 -21.70 -7.11
CA ILE A 226 -15.70 -20.71 -6.08
C ILE A 226 -16.73 -19.71 -6.64
N SER A 227 -16.63 -19.39 -7.92
CA SER A 227 -17.55 -18.44 -8.55
C SER A 227 -18.93 -19.05 -8.65
N LYS A 228 -18.99 -20.35 -8.95
CA LYS A 228 -20.25 -21.06 -9.07
C LYS A 228 -20.92 -21.20 -7.71
N GLY A 229 -20.12 -21.47 -6.68
CA GLY A 229 -20.60 -21.48 -5.30
C GLY A 229 -21.04 -20.11 -4.83
N THR A 230 -20.33 -19.08 -5.28
CA THR A 230 -20.62 -17.69 -4.90
C THR A 230 -21.95 -17.23 -5.47
N GLU A 231 -22.24 -17.64 -6.70
CA GLU A 231 -23.45 -17.22 -7.39
C GLU A 231 -24.72 -17.84 -6.78
N LYS A 232 -24.62 -19.08 -6.33
CA LYS A 232 -25.72 -19.74 -5.63
C LYS A 232 -25.93 -19.17 -4.23
N ALA A 233 -24.83 -18.79 -3.57
CA ALA A 233 -24.87 -18.19 -2.23
C ALA A 233 -25.55 -16.84 -2.25
N LEU A 234 -25.32 -16.07 -3.32
CA LEU A 234 -25.86 -14.73 -3.43
C LEU A 234 -27.32 -14.77 -3.87
N SER A 235 -27.66 -15.77 -4.68
CA SER A 235 -29.05 -16.04 -5.04
C SER A 235 -29.88 -16.32 -3.80
N LYS A 236 -29.34 -17.13 -2.89
CA LYS A 236 -29.98 -17.46 -1.62
C LYS A 236 -30.08 -16.25 -0.69
N LEU A 237 -29.05 -15.43 -0.66
CA LEU A 237 -29.04 -14.21 0.16
C LEU A 237 -30.11 -13.23 -0.32
N HIS A 238 -30.39 -13.25 -1.62
CA HIS A 238 -31.42 -12.43 -2.23
C HIS A 238 -32.84 -12.84 -1.81
N GLU A 239 -33.04 -14.13 -1.52
CA GLU A 239 -34.31 -14.61 -0.96
C GLU A 239 -34.64 -13.90 0.35
N TYR A 240 -33.63 -13.72 1.20
CA TYR A 240 -33.80 -13.04 2.50
C TYR A 240 -33.73 -11.52 2.36
N PHE A 241 -33.09 -11.03 1.29
CA PHE A 241 -32.93 -9.61 1.04
C PHE A 241 -33.21 -9.30 -0.42
N PRO A 242 -34.50 -9.22 -0.78
CA PRO A 242 -34.90 -9.04 -2.20
C PRO A 242 -34.41 -7.75 -2.88
N GLU A 243 -34.15 -6.71 -2.10
CA GLU A 243 -33.69 -5.43 -2.65
C GLU A 243 -32.21 -5.40 -3.04
N MET A 244 -31.47 -6.46 -2.68
CA MET A 244 -30.03 -6.54 -2.99
C MET A 244 -29.78 -6.73 -4.48
N GLN A 245 -28.90 -5.90 -5.03
CA GLN A 245 -28.45 -6.01 -6.42
C GLN A 245 -27.03 -6.56 -6.43
N ILE A 246 -26.79 -7.60 -7.22
CA ILE A 246 -25.43 -8.08 -7.46
C ILE A 246 -24.82 -7.17 -8.52
N LEU A 247 -23.85 -6.36 -8.13
CA LEU A 247 -23.20 -5.43 -9.05
C LEU A 247 -22.12 -6.12 -9.88
N ALA A 248 -21.34 -6.99 -9.24
CA ALA A 248 -20.30 -7.73 -9.95
C ALA A 248 -19.89 -8.96 -9.16
N VAL A 249 -19.67 -10.07 -9.86
CA VAL A 249 -19.31 -11.33 -9.22
C VAL A 249 -17.89 -11.23 -8.65
N SER A 250 -17.08 -10.34 -9.24
CA SER A 250 -15.84 -9.87 -8.60
C SER A 250 -15.89 -8.36 -8.44
N GLY A 251 -15.79 -7.90 -7.19
CA GLY A 251 -15.65 -6.48 -6.86
C GLY A 251 -14.25 -6.11 -6.41
N ASN A 252 -13.25 -6.83 -6.90
CA ASN A 252 -11.84 -6.63 -6.57
C ASN A 252 -11.49 -6.83 -5.08
N TYR A 253 -12.35 -7.55 -4.36
CA TYR A 253 -12.13 -7.82 -2.94
C TYR A 253 -11.54 -9.20 -2.72
N CYS A 254 -11.27 -9.93 -3.81
CA CYS A 254 -10.82 -11.31 -3.69
C CYS A 254 -9.43 -11.46 -3.05
N THR A 255 -8.37 -10.81 -3.54
CA THR A 255 -8.30 -10.03 -4.77
C THR A 255 -7.48 -10.80 -5.80
N ASP A 256 -7.93 -10.78 -7.06
CA ASP A 256 -7.32 -11.59 -8.11
C ASP A 256 -6.51 -10.77 -9.10
N LYS A 257 -5.22 -11.11 -9.22
CA LYS A 257 -4.29 -10.54 -10.20
C LYS A 257 -4.03 -9.04 -10.08
N LYS A 258 -4.27 -8.47 -8.90
CA LYS A 258 -3.88 -7.11 -8.57
C LYS A 258 -3.24 -7.10 -7.19
N PRO A 259 -2.27 -6.21 -6.95
CA PRO A 259 -1.69 -6.09 -5.61
C PRO A 259 -2.73 -5.62 -4.60
N ALA A 260 -2.75 -6.25 -3.44
CA ALA A 260 -3.79 -5.99 -2.44
C ALA A 260 -3.37 -6.46 -1.06
N ALA A 261 -3.46 -5.56 -0.08
CA ALA A 261 -3.13 -5.85 1.30
C ALA A 261 -3.96 -6.98 1.89
N ILE A 262 -5.20 -7.15 1.42
CA ILE A 262 -6.07 -8.18 1.97
C ILE A 262 -5.49 -9.59 1.74
N ASN A 263 -4.89 -9.83 0.58
CA ASN A 263 -4.21 -11.10 0.32
C ASN A 263 -3.00 -11.31 1.24
N TRP A 264 -2.29 -10.23 1.52
CA TRP A 264 -1.12 -10.27 2.39
C TRP A 264 -1.52 -10.60 3.83
N ILE A 265 -2.67 -10.09 4.27
CA ILE A 265 -3.06 -10.16 5.68
C ILE A 265 -3.97 -11.37 5.96
N GLU A 266 -4.90 -11.66 5.05
CA GLU A 266 -5.84 -12.78 5.23
C GLU A 266 -5.37 -14.07 4.57
N GLY A 267 -4.53 -13.94 3.54
CA GLY A 267 -4.14 -15.05 2.70
C GLY A 267 -5.07 -15.26 1.51
N ARG A 268 -4.55 -15.88 0.45
CA ARG A 268 -5.37 -16.32 -0.68
C ARG A 268 -4.73 -17.55 -1.32
N GLY A 269 -5.53 -18.61 -1.48
CA GLY A 269 -4.98 -19.91 -1.87
C GLY A 269 -4.20 -20.51 -0.72
N LYS A 270 -2.94 -20.87 -0.95
CA LYS A 270 -2.11 -21.47 0.08
C LYS A 270 -1.16 -20.45 0.72
N SER A 271 -1.24 -20.31 2.04
CA SER A 271 -0.27 -19.58 2.83
C SER A 271 0.79 -20.59 3.28
N VAL A 272 2.05 -20.25 3.09
CA VAL A 272 3.15 -21.21 3.31
C VAL A 272 4.36 -20.54 3.95
N VAL A 273 4.98 -21.24 4.89
CA VAL A 273 6.28 -20.84 5.42
C VAL A 273 7.30 -21.94 5.18
N CYS A 274 8.52 -21.55 4.84
CA CYS A 274 9.62 -22.49 4.63
C CYS A 274 10.85 -21.95 5.38
N GLU A 275 11.79 -22.83 5.71
CA GLU A 275 12.98 -22.44 6.47
C GLU A 275 14.16 -23.40 6.31
N ALA A 276 15.29 -23.02 6.89
CA ALA A 276 16.51 -23.83 6.84
C ALA A 276 17.63 -23.12 7.57
N VAL A 277 18.53 -23.90 8.16
CA VAL A 277 19.77 -23.37 8.73
C VAL A 277 20.92 -23.80 7.84
N ILE A 278 21.72 -22.83 7.41
CA ILE A 278 22.87 -23.06 6.55
C ILE A 278 24.12 -22.90 7.41
N PRO A 279 24.88 -23.97 7.61
CA PRO A 279 26.13 -23.89 8.38
C PRO A 279 27.06 -22.79 7.88
N ALA A 280 27.81 -22.17 8.79
CA ALA A 280 28.70 -21.06 8.45
C ALA A 280 29.73 -21.48 7.39
N LYS A 281 30.18 -22.73 7.49
CA LYS A 281 31.09 -23.33 6.50
C LYS A 281 30.48 -23.28 5.11
N VAL A 282 29.24 -23.77 4.97
CA VAL A 282 28.56 -23.79 3.68
C VAL A 282 28.35 -22.37 3.11
N VAL A 283 28.02 -21.41 3.96
CA VAL A 283 27.79 -20.04 3.52
C VAL A 283 29.05 -19.45 2.90
N ARG A 284 30.21 -19.79 3.48
CA ARG A 284 31.52 -19.33 2.99
C ARG A 284 31.90 -19.99 1.67
N GLU A 285 31.80 -21.32 1.64
CA GLU A 285 32.32 -22.11 0.52
C GLU A 285 31.43 -22.02 -0.71
N VAL A 286 30.15 -22.37 -0.52
CA VAL A 286 29.15 -22.39 -1.60
C VAL A 286 28.69 -20.99 -2.00
N LEU A 287 28.38 -20.15 -1.02
CA LEU A 287 27.73 -18.85 -1.28
C LEU A 287 28.66 -17.64 -1.29
N LYS A 288 29.94 -17.87 -0.99
CA LYS A 288 30.99 -16.85 -1.15
C LYS A 288 30.75 -15.58 -0.33
N THR A 289 30.25 -15.78 0.89
CA THR A 289 29.90 -14.68 1.79
C THR A 289 29.89 -15.15 3.26
N THR A 290 29.42 -14.31 4.17
CA THR A 290 29.28 -14.69 5.59
C THR A 290 27.86 -14.49 6.09
N THR A 291 27.53 -15.17 7.19
CA THR A 291 26.24 -15.02 7.85
C THR A 291 25.98 -13.59 8.30
N GLU A 292 26.99 -12.97 8.90
CA GLU A 292 26.91 -11.59 9.37
C GLU A 292 26.53 -10.65 8.21
N ALA A 293 27.13 -10.89 7.05
CA ALA A 293 26.92 -10.04 5.87
C ALA A 293 25.55 -10.25 5.24
N MET A 294 25.04 -11.48 5.26
CA MET A 294 23.74 -11.81 4.67
C MET A 294 22.62 -11.18 5.46
N ILE A 295 22.72 -11.24 6.78
CA ILE A 295 21.76 -10.64 7.68
C ILE A 295 21.67 -9.13 7.43
N GLU A 296 22.81 -8.48 7.32
CA GLU A 296 22.87 -7.03 7.12
C GLU A 296 22.27 -6.60 5.79
N VAL A 297 22.56 -7.36 4.73
CA VAL A 297 21.99 -7.06 3.42
C VAL A 297 20.48 -7.32 3.43
N ASN A 298 20.03 -8.35 4.15
CA ASN A 298 18.61 -8.72 4.16
C ASN A 298 17.76 -7.71 4.93
N ILE A 299 18.24 -7.28 6.08
CA ILE A 299 17.54 -6.26 6.84
C ILE A 299 17.43 -5.00 5.99
N ASN A 300 18.55 -4.52 5.47
CA ASN A 300 18.57 -3.21 4.85
C ASN A 300 18.08 -3.14 3.40
N LYS A 301 17.99 -4.30 2.74
CA LYS A 301 17.41 -4.39 1.40
C LYS A 301 15.95 -4.81 1.49
N ASN A 302 15.73 -6.04 1.94
CA ASN A 302 14.41 -6.65 1.91
C ASN A 302 13.41 -6.16 2.95
N LEU A 303 13.90 -5.58 4.05
CA LEU A 303 13.01 -4.96 5.03
C LEU A 303 12.99 -3.44 4.91
N VAL A 304 14.14 -2.80 5.14
CA VAL A 304 14.22 -1.33 5.16
C VAL A 304 14.04 -0.77 3.77
N GLY A 305 14.71 -1.37 2.78
CA GLY A 305 14.62 -0.91 1.41
C GLY A 305 13.20 -0.99 0.85
N SER A 306 12.55 -2.13 1.03
CA SER A 306 11.18 -2.33 0.56
C SER A 306 10.24 -1.37 1.28
N ALA A 307 10.51 -1.12 2.56
CA ALA A 307 9.75 -0.15 3.35
C ALA A 307 9.87 1.27 2.78
N MET A 308 11.09 1.70 2.44
CA MET A 308 11.30 3.03 1.88
C MET A 308 10.65 3.15 0.51
N ALA A 309 10.51 2.02 -0.18
CA ALA A 309 9.87 1.96 -1.49
C ALA A 309 8.34 1.95 -1.42
N GLY A 310 7.79 1.85 -0.21
CA GLY A 310 6.35 1.83 -0.02
C GLY A 310 5.73 0.53 -0.47
N SER A 311 6.37 -0.58 -0.11
CA SER A 311 5.92 -1.90 -0.53
C SER A 311 4.91 -2.51 0.43
N ILE A 312 3.91 -3.19 -0.14
CA ILE A 312 3.02 -4.07 0.59
C ILE A 312 3.29 -5.49 0.10
N GLY A 313 3.88 -6.32 0.95
CA GLY A 313 4.10 -7.72 0.64
C GLY A 313 5.30 -8.03 -0.23
N GLY A 314 6.13 -7.03 -0.50
CA GLY A 314 7.29 -7.21 -1.37
C GLY A 314 8.60 -7.14 -0.60
N TYR A 315 8.65 -7.86 0.52
CA TYR A 315 9.81 -7.85 1.40
C TYR A 315 10.76 -9.01 1.09
N ASN A 316 11.15 -9.09 -0.17
CA ASN A 316 11.97 -10.18 -0.69
C ASN A 316 12.87 -9.66 -1.80
N ALA A 317 13.71 -10.54 -2.34
CA ALA A 317 14.69 -10.14 -3.35
C ALA A 317 14.15 -10.34 -4.77
N HIS A 318 13.77 -11.56 -5.10
CA HIS A 318 13.26 -11.86 -6.44
C HIS A 318 12.37 -13.10 -6.49
N ALA A 319 11.50 -13.25 -5.50
CA ALA A 319 10.58 -14.38 -5.45
C ALA A 319 9.75 -14.50 -6.72
N ALA A 320 9.46 -13.38 -7.37
CA ALA A 320 8.69 -13.36 -8.61
C ALA A 320 9.38 -14.09 -9.78
N ASN A 321 10.71 -14.03 -9.84
CA ASN A 321 11.47 -14.82 -10.81
C ASN A 321 11.19 -16.32 -10.71
N ILE A 322 11.21 -16.85 -9.48
CA ILE A 322 11.04 -18.28 -9.26
C ILE A 322 9.59 -18.71 -9.45
N VAL A 323 8.67 -17.91 -8.91
CA VAL A 323 7.24 -18.21 -9.01
C VAL A 323 6.81 -18.23 -10.47
N THR A 324 7.23 -17.23 -11.23
CA THR A 324 6.86 -17.09 -12.64
C THR A 324 7.42 -18.23 -13.49
N ALA A 325 8.65 -18.65 -13.19
CA ALA A 325 9.31 -19.69 -13.95
C ALA A 325 8.67 -21.05 -13.71
N ILE A 326 8.39 -21.36 -12.44
CA ILE A 326 7.71 -22.61 -12.09
C ILE A 326 6.29 -22.61 -12.63
N TYR A 327 5.64 -21.45 -12.61
CA TYR A 327 4.24 -21.35 -13.02
C TYR A 327 4.10 -21.63 -14.51
N ILE A 328 4.97 -21.01 -15.32
CA ILE A 328 4.93 -21.21 -16.77
C ILE A 328 5.20 -22.66 -17.11
N ALA A 329 6.17 -23.27 -16.41
CA ALA A 329 6.56 -24.65 -16.66
C ALA A 329 5.48 -25.64 -16.25
N CYS A 330 4.76 -25.36 -15.17
CA CYS A 330 3.79 -26.30 -14.60
C CYS A 330 2.33 -25.96 -14.95
N GLY A 331 2.12 -25.13 -15.97
CA GLY A 331 0.80 -24.87 -16.50
C GLY A 331 -0.12 -24.07 -15.60
N GLN A 332 0.46 -23.30 -14.69
CA GLN A 332 -0.29 -22.41 -13.82
C GLN A 332 -0.69 -21.16 -14.59
N ASP A 333 -1.55 -20.36 -13.98
CA ASP A 333 -1.91 -19.05 -14.52
C ASP A 333 -0.81 -18.04 -14.14
N ALA A 334 0.07 -17.73 -15.09
CA ALA A 334 1.25 -16.89 -14.88
C ALA A 334 0.92 -15.45 -14.45
N ALA A 335 -0.27 -14.97 -14.80
CA ALA A 335 -0.74 -13.66 -14.39
C ALA A 335 -0.96 -13.57 -12.87
N GLN A 336 -1.20 -14.71 -12.22
CA GLN A 336 -1.34 -14.75 -10.77
C GLN A 336 -0.01 -14.64 -10.02
N ASN A 337 1.08 -14.46 -10.76
CA ASN A 337 2.36 -14.10 -10.17
C ASN A 337 2.26 -12.81 -9.35
N VAL A 338 1.35 -11.93 -9.77
CA VAL A 338 1.17 -10.63 -9.11
C VAL A 338 1.03 -10.78 -7.58
N GLY A 339 0.12 -11.64 -7.13
CA GLY A 339 -0.09 -11.88 -5.72
C GLY A 339 0.62 -13.11 -5.15
N SER A 340 0.91 -14.07 -6.01
CA SER A 340 1.57 -15.31 -5.60
C SER A 340 3.03 -15.10 -5.23
N SER A 341 3.62 -14.03 -5.75
CA SER A 341 4.99 -13.64 -5.41
C SER A 341 5.13 -12.94 -4.07
N ASN A 342 4.02 -12.59 -3.44
CA ASN A 342 4.05 -12.00 -2.11
C ASN A 342 4.93 -12.86 -1.20
N CYS A 343 5.91 -12.22 -0.55
CA CYS A 343 6.92 -12.94 0.23
C CYS A 343 7.67 -12.01 1.17
N ILE A 344 7.92 -12.49 2.38
CA ILE A 344 8.87 -11.83 3.29
C ILE A 344 10.01 -12.80 3.62
N THR A 345 11.23 -12.37 3.32
CA THR A 345 12.43 -13.16 3.52
C THR A 345 13.12 -12.63 4.78
N LEU A 346 13.34 -13.50 5.76
CA LEU A 346 14.00 -13.14 7.00
C LEU A 346 15.25 -13.99 7.21
N MET A 347 16.31 -13.34 7.66
CA MET A 347 17.61 -13.97 7.88
C MET A 347 18.14 -13.53 9.24
N GLU A 348 18.58 -14.49 10.05
CA GLU A 348 19.16 -14.20 11.35
C GLU A 348 20.26 -15.17 11.76
N ALA A 349 20.94 -14.85 12.86
CA ALA A 349 22.00 -15.70 13.42
C ALA A 349 21.40 -16.94 14.08
N SER A 350 22.15 -18.04 14.05
CA SER A 350 21.67 -19.32 14.56
C SER A 350 22.82 -20.20 15.11
N GLY A 351 22.47 -21.20 15.92
CA GLY A 351 23.44 -22.16 16.44
C GLY A 351 24.25 -21.70 17.64
N PRO A 352 25.11 -22.59 18.17
CA PRO A 352 25.97 -22.27 19.32
C PRO A 352 26.90 -21.07 19.12
N THR A 353 27.67 -21.07 18.03
CA THR A 353 28.57 -19.95 17.69
C THR A 353 27.80 -18.65 17.42
N ASN A 354 26.53 -18.78 17.03
CA ASN A 354 25.72 -17.66 16.57
C ASN A 354 26.17 -17.20 15.17
N GLU A 355 26.69 -18.16 14.40
CA GLU A 355 27.37 -17.88 13.13
C GLU A 355 26.74 -18.59 11.93
N ASP A 356 25.77 -19.46 12.18
CA ASP A 356 25.04 -20.17 11.12
C ASP A 356 23.83 -19.34 10.68
N LEU A 357 23.54 -19.34 9.39
CA LEU A 357 22.47 -18.52 8.81
C LEU A 357 21.11 -19.20 8.85
N TYR A 358 20.25 -18.73 9.74
CA TYR A 358 18.83 -19.08 9.67
C TYR A 358 18.17 -18.27 8.55
N ILE A 359 17.25 -18.88 7.85
CA ILE A 359 16.56 -18.21 6.74
C ILE A 359 15.14 -18.76 6.61
N SER A 360 14.20 -17.86 6.37
CA SER A 360 12.80 -18.23 6.15
C SER A 360 12.15 -17.35 5.09
N CYS A 361 11.27 -17.97 4.31
CA CYS A 361 10.39 -17.25 3.40
C CYS A 361 8.95 -17.59 3.79
N THR A 362 8.14 -16.55 3.93
CA THR A 362 6.72 -16.71 4.21
C THR A 362 5.94 -16.08 3.06
N MET A 363 5.06 -16.87 2.44
CA MET A 363 4.34 -16.49 1.23
C MET A 363 2.84 -16.75 1.44
N PRO A 364 2.11 -15.75 1.92
CA PRO A 364 0.72 -15.95 2.37
C PRO A 364 -0.33 -16.26 1.28
N SER A 365 0.01 -16.09 0.00
CA SER A 365 -1.00 -16.09 -1.06
C SER A 365 -0.55 -16.75 -2.38
N ILE A 366 -0.07 -17.99 -2.26
CA ILE A 366 0.30 -18.80 -3.42
C ILE A 366 -0.96 -19.38 -4.09
N GLU A 367 -1.24 -18.90 -5.29
CA GLU A 367 -2.43 -19.30 -6.04
C GLU A 367 -2.02 -20.36 -7.06
N ILE A 368 -2.47 -21.59 -6.82
CA ILE A 368 -1.88 -22.75 -7.48
C ILE A 368 -2.83 -23.95 -7.54
N GLY A 369 -2.64 -24.77 -8.56
CA GLY A 369 -3.48 -25.94 -8.80
C GLY A 369 -2.80 -26.94 -9.73
N THR A 370 -3.12 -28.22 -9.56
CA THR A 370 -2.56 -29.27 -10.40
C THR A 370 -3.61 -29.94 -11.27
N VAL A 371 -4.83 -29.40 -11.23
CA VAL A 371 -5.90 -29.77 -12.14
C VAL A 371 -6.50 -28.50 -12.75
N GLY A 372 -6.97 -28.61 -14.00
CA GLY A 372 -7.62 -27.51 -14.69
C GLY A 372 -6.64 -26.56 -15.35
N GLY A 373 -7.16 -25.70 -16.22
CA GLY A 373 -6.35 -24.68 -16.88
C GLY A 373 -5.26 -25.28 -17.72
N GLY A 374 -4.08 -24.67 -17.68
CA GLY A 374 -2.91 -25.12 -18.43
C GLY A 374 -2.35 -26.46 -17.99
N THR A 375 -2.72 -26.93 -16.81
CA THR A 375 -2.28 -28.24 -16.32
C THR A 375 -2.97 -29.41 -17.01
N ASN A 376 -3.94 -29.13 -17.89
CA ASN A 376 -4.56 -30.15 -18.73
C ASN A 376 -3.69 -30.50 -19.93
N LEU A 377 -2.75 -29.62 -20.26
CA LEU A 377 -1.87 -29.81 -21.41
C LEU A 377 -0.71 -30.73 -21.04
N LEU A 378 -0.37 -31.64 -21.94
CA LEU A 378 0.59 -32.72 -21.65
C LEU A 378 2.02 -32.27 -21.35
N PRO A 379 2.57 -31.32 -22.11
CA PRO A 379 3.92 -30.80 -21.80
C PRO A 379 4.03 -30.24 -20.38
N GLN A 380 3.06 -29.45 -19.94
CA GLN A 380 3.14 -28.89 -18.59
C GLN A 380 2.75 -29.93 -17.53
N GLN A 381 2.02 -30.97 -17.93
CA GLN A 381 1.78 -32.15 -17.09
C GLN A 381 3.08 -32.93 -16.83
N ALA A 382 4.00 -32.92 -17.81
CA ALA A 382 5.30 -33.56 -17.67
C ALA A 382 6.10 -32.92 -16.54
N CYS A 383 6.10 -31.59 -16.48
CA CYS A 383 6.76 -30.85 -15.41
C CYS A 383 6.09 -31.08 -14.05
N LEU A 384 4.76 -31.21 -14.04
CA LEU A 384 4.05 -31.58 -12.82
C LEU A 384 4.42 -32.99 -12.36
N GLN A 385 4.65 -33.90 -13.30
CA GLN A 385 4.96 -35.29 -12.96
C GLN A 385 6.36 -35.41 -12.35
N MET A 386 7.27 -34.52 -12.75
CA MET A 386 8.60 -34.44 -12.16
C MET A 386 8.53 -34.36 -10.63
N LEU A 387 7.63 -33.51 -10.15
CA LEU A 387 7.49 -33.22 -8.73
C LEU A 387 6.54 -34.19 -8.00
N GLY A 388 5.86 -35.02 -8.78
CA GLY A 388 4.94 -36.02 -8.22
C GLY A 388 3.60 -35.43 -7.83
N VAL A 389 3.26 -34.28 -8.41
CA VAL A 389 2.02 -33.55 -8.07
C VAL A 389 1.06 -33.39 -9.26
N GLN A 390 1.27 -34.13 -10.34
CA GLN A 390 0.39 -34.06 -11.50
C GLN A 390 -1.01 -34.56 -11.13
N GLY A 391 -2.01 -33.76 -11.50
CA GLY A 391 -3.40 -34.14 -11.33
C GLY A 391 -3.88 -34.22 -9.89
N ALA A 392 -5.06 -34.81 -9.74
CA ALA A 392 -5.72 -34.94 -8.45
C ALA A 392 -5.17 -36.11 -7.64
N CYS A 393 -5.15 -35.93 -6.32
CA CYS A 393 -4.77 -36.94 -5.36
C CYS A 393 -6.04 -37.51 -4.74
N LYS A 394 -6.35 -38.77 -5.06
CA LYS A 394 -7.64 -39.37 -4.75
C LYS A 394 -7.83 -39.64 -3.27
N ASP A 395 -6.83 -40.25 -2.64
CA ASP A 395 -6.91 -40.61 -1.22
C ASP A 395 -6.86 -39.38 -0.29
N ASN A 396 -6.33 -38.28 -0.79
CA ASN A 396 -6.18 -37.06 0.00
C ASN A 396 -6.30 -35.83 -0.90
N PRO A 397 -7.53 -35.47 -1.29
CA PRO A 397 -7.76 -34.33 -2.19
C PRO A 397 -7.15 -33.03 -1.69
N GLY A 398 -6.43 -32.35 -2.56
CA GLY A 398 -5.75 -31.11 -2.23
C GLY A 398 -4.26 -31.27 -1.95
N GLU A 399 -3.79 -32.51 -1.82
CA GLU A 399 -2.41 -32.75 -1.36
C GLU A 399 -1.36 -32.43 -2.43
N ASN A 400 -1.69 -32.65 -3.70
CA ASN A 400 -0.78 -32.29 -4.78
C ASN A 400 -0.60 -30.78 -4.92
N ALA A 401 -1.70 -30.03 -4.81
CA ALA A 401 -1.64 -28.57 -4.83
C ALA A 401 -0.90 -28.01 -3.62
N ARG A 402 -1.08 -28.66 -2.47
CA ARG A 402 -0.40 -28.25 -1.23
C ARG A 402 1.09 -28.51 -1.35
N GLN A 403 1.44 -29.66 -1.93
CA GLN A 403 2.82 -30.05 -2.12
C GLN A 403 3.50 -29.09 -3.09
N LEU A 404 2.79 -28.70 -4.15
CA LEU A 404 3.35 -27.80 -5.15
C LEU A 404 3.58 -26.40 -4.57
N ALA A 405 2.71 -25.98 -3.66
CA ALA A 405 2.88 -24.71 -2.96
C ALA A 405 4.10 -24.74 -2.04
N ARG A 406 4.33 -25.88 -1.40
CA ARG A 406 5.52 -26.08 -0.57
C ARG A 406 6.81 -25.99 -1.41
N ILE A 407 6.77 -26.58 -2.60
CA ILE A 407 7.94 -26.65 -3.47
C ILE A 407 8.25 -25.26 -4.05
N VAL A 408 7.21 -24.48 -4.32
CA VAL A 408 7.36 -23.11 -4.80
C VAL A 408 8.02 -22.25 -3.73
N CYS A 409 7.53 -22.34 -2.50
CA CYS A 409 8.06 -21.56 -1.39
C CYS A 409 9.48 -21.99 -1.01
N GLY A 410 9.79 -23.26 -1.24
CA GLY A 410 11.12 -23.80 -0.99
C GLY A 410 12.11 -23.38 -2.05
N THR A 411 11.67 -23.35 -3.30
CA THR A 411 12.53 -22.92 -4.41
C THR A 411 12.76 -21.41 -4.38
N VAL A 412 11.78 -20.68 -3.88
CA VAL A 412 11.91 -19.24 -3.66
C VAL A 412 13.00 -19.00 -2.63
N MET A 413 12.97 -19.76 -1.53
CA MET A 413 13.96 -19.60 -0.48
C MET A 413 15.37 -19.89 -1.00
N ALA A 414 15.50 -20.92 -1.84
CA ALA A 414 16.77 -21.22 -2.51
C ALA A 414 17.24 -20.04 -3.36
N GLY A 415 16.31 -19.47 -4.14
CA GLY A 415 16.61 -18.32 -4.98
C GLY A 415 16.97 -17.08 -4.17
N GLU A 416 16.33 -16.92 -3.01
CA GLU A 416 16.64 -15.80 -2.12
C GLU A 416 18.05 -15.97 -1.58
N LEU A 417 18.36 -17.18 -1.11
CA LEU A 417 19.69 -17.51 -0.58
C LEU A 417 20.78 -17.10 -1.55
N SER A 418 20.64 -17.51 -2.81
CA SER A 418 21.68 -17.37 -3.82
C SER A 418 21.85 -15.94 -4.32
N LEU A 419 20.76 -15.27 -4.67
CA LEU A 419 20.85 -13.88 -5.14
C LEU A 419 21.33 -12.94 -4.03
N MET A 420 20.86 -13.16 -2.80
CA MET A 420 21.25 -12.32 -1.68
C MET A 420 22.74 -12.46 -1.38
N ALA A 421 23.27 -13.66 -1.54
CA ALA A 421 24.70 -13.90 -1.35
C ALA A 421 25.53 -13.18 -2.40
N ALA A 422 25.04 -13.15 -3.63
CA ALA A 422 25.75 -12.51 -4.73
C ALA A 422 25.81 -10.99 -4.57
N LEU A 423 24.69 -10.39 -4.15
CA LEU A 423 24.64 -8.95 -3.89
C LEU A 423 25.51 -8.57 -2.69
N ALA A 424 25.61 -9.49 -1.73
CA ALA A 424 26.39 -9.27 -0.52
C ALA A 424 27.89 -9.26 -0.83
N ALA A 425 28.30 -10.06 -1.81
CA ALA A 425 29.71 -10.24 -2.12
C ALA A 425 30.24 -9.17 -3.09
N GLY A 426 29.36 -8.44 -3.77
CA GLY A 426 29.76 -7.35 -4.63
C GLY A 426 30.18 -7.80 -6.03
N HIS A 427 29.18 -7.99 -6.89
CA HIS A 427 29.36 -8.58 -8.24
C HIS A 427 30.20 -9.86 -8.23
N GLU B 7 29.94 -53.91 -25.97
CA GLU B 7 30.25 -52.64 -26.71
C GLU B 7 30.48 -51.45 -25.77
N PRO B 8 29.70 -51.30 -24.70
CA PRO B 8 30.02 -50.32 -23.65
C PRO B 8 31.38 -50.63 -23.01
N ARG B 9 32.31 -49.69 -23.12
CA ARG B 9 33.70 -49.93 -22.75
C ARG B 9 33.90 -49.61 -21.27
N PRO B 10 34.98 -50.10 -20.67
CA PRO B 10 35.31 -49.78 -19.27
C PRO B 10 35.51 -48.28 -19.05
N ASN B 11 35.45 -47.84 -17.79
CA ASN B 11 35.57 -46.42 -17.46
C ASN B 11 36.91 -45.80 -17.92
N GLU B 12 38.01 -46.51 -17.68
CA GLU B 12 39.34 -45.99 -18.00
C GLU B 12 39.59 -45.81 -19.51
N GLU B 13 38.97 -46.67 -20.31
CA GLU B 13 39.03 -46.54 -21.78
C GLU B 13 38.14 -45.40 -22.29
N CYS B 14 36.98 -45.21 -21.67
CA CYS B 14 36.06 -44.15 -22.08
C CYS B 14 36.65 -42.77 -21.79
N LEU B 15 37.46 -42.68 -20.76
CA LEU B 15 38.09 -41.42 -20.35
C LEU B 15 39.28 -41.03 -21.22
N GLN B 16 40.03 -42.00 -21.73
CA GLN B 16 41.13 -41.69 -22.65
C GLN B 16 40.58 -41.17 -23.98
N ILE B 17 39.40 -41.63 -24.37
CA ILE B 17 38.72 -41.12 -25.56
C ILE B 17 38.15 -39.72 -25.31
N LEU B 18 37.66 -39.48 -24.09
CA LEU B 18 37.15 -38.17 -23.70
C LEU B 18 38.25 -37.10 -23.74
N GLY B 19 39.42 -37.47 -23.20
CA GLY B 19 40.57 -36.58 -23.13
C GLY B 19 41.36 -36.50 -24.41
N ASN B 20 41.10 -37.43 -25.34
CA ASN B 20 41.67 -37.38 -26.68
C ASN B 20 41.04 -36.21 -27.42
N ALA B 21 41.86 -35.24 -27.81
CA ALA B 21 41.36 -34.00 -28.37
C ALA B 21 40.72 -34.15 -29.75
N GLU B 22 41.13 -35.13 -30.54
CA GLU B 22 40.49 -35.37 -31.85
C GLU B 22 39.45 -36.51 -31.82
N LYS B 23 38.97 -36.84 -30.63
CA LYS B 23 37.77 -37.66 -30.46
C LYS B 23 36.77 -36.90 -29.58
N GLY B 24 36.79 -37.16 -28.28
CA GLY B 24 35.90 -36.52 -27.34
C GLY B 24 34.66 -37.35 -27.06
N ALA B 25 33.59 -36.67 -26.67
CA ALA B 25 32.31 -37.31 -26.33
C ALA B 25 31.62 -37.85 -27.59
N LYS B 26 31.92 -37.27 -28.74
CA LYS B 26 31.37 -37.69 -30.04
C LYS B 26 31.63 -39.17 -30.33
N PHE B 27 32.77 -39.68 -29.86
CA PHE B 27 33.14 -41.09 -30.07
C PHE B 27 32.71 -42.00 -28.92
N LEU B 28 31.91 -41.48 -28.00
CA LEU B 28 31.29 -42.30 -26.95
C LEU B 28 29.78 -42.38 -27.19
N SER B 29 29.15 -43.41 -26.65
CA SER B 29 27.70 -43.55 -26.68
C SER B 29 27.09 -42.87 -25.46
N ASP B 30 25.78 -42.57 -25.53
CA ASP B 30 25.04 -41.98 -24.42
C ASP B 30 25.25 -42.78 -23.14
N ALA B 31 25.13 -44.10 -23.24
CA ALA B 31 25.24 -44.97 -22.07
C ALA B 31 26.63 -44.93 -21.43
N GLU B 32 27.66 -44.73 -22.26
CA GLU B 32 29.04 -44.60 -21.76
C GLU B 32 29.27 -43.29 -21.01
N ILE B 33 28.75 -42.18 -21.53
CA ILE B 33 28.82 -40.90 -20.84
C ILE B 33 28.07 -40.97 -19.51
N ILE B 34 26.89 -41.59 -19.53
CA ILE B 34 26.07 -41.79 -18.34
C ILE B 34 26.76 -42.71 -17.33
N GLN B 35 27.44 -43.73 -17.83
CA GLN B 35 28.23 -44.64 -17.00
C GLN B 35 29.35 -43.88 -16.28
N LEU B 36 29.94 -42.91 -16.98
CA LEU B 36 31.00 -42.06 -16.46
C LEU B 36 30.48 -41.08 -15.42
N VAL B 37 29.24 -40.63 -15.58
CA VAL B 37 28.64 -39.65 -14.67
C VAL B 37 28.29 -40.33 -13.36
N ASN B 38 27.72 -41.53 -13.43
CA ASN B 38 27.28 -42.28 -12.25
C ASN B 38 28.45 -42.85 -11.46
N ALA B 39 29.60 -43.03 -12.10
CA ALA B 39 30.82 -43.50 -11.44
C ALA B 39 31.72 -42.34 -11.00
N LYS B 40 31.20 -41.11 -11.07
CA LYS B 40 31.84 -39.91 -10.50
C LYS B 40 33.16 -39.50 -11.15
N HIS B 41 33.27 -39.72 -12.48
CA HIS B 41 34.45 -39.31 -13.25
C HIS B 41 34.24 -37.95 -13.93
N ILE B 42 33.01 -37.65 -14.32
CA ILE B 42 32.65 -36.33 -14.84
C ILE B 42 31.53 -35.75 -13.99
N PRO B 43 31.74 -34.56 -13.42
CA PRO B 43 30.64 -33.81 -12.80
C PRO B 43 29.49 -33.57 -13.78
N ALA B 44 28.26 -33.55 -13.27
CA ALA B 44 27.08 -33.38 -14.11
C ALA B 44 27.05 -32.04 -14.85
N TYR B 45 27.65 -31.00 -14.26
CA TYR B 45 27.67 -29.66 -14.85
C TYR B 45 28.65 -29.53 -16.02
N LYS B 46 29.72 -30.32 -16.01
CA LYS B 46 30.71 -30.31 -17.09
C LYS B 46 30.16 -30.82 -18.43
N LEU B 47 29.00 -31.48 -18.40
CA LEU B 47 28.35 -32.00 -19.61
C LEU B 47 28.19 -30.95 -20.71
N GLU B 48 27.81 -29.74 -20.32
CA GLU B 48 27.54 -28.66 -21.27
C GLU B 48 28.69 -28.39 -22.23
N THR B 49 29.91 -28.31 -21.70
CA THR B 49 31.10 -28.00 -22.48
C THR B 49 31.71 -29.23 -23.18
N LEU B 50 31.57 -30.40 -22.59
CA LEU B 50 32.17 -31.63 -23.09
C LEU B 50 31.44 -32.18 -24.31
N ILE B 51 30.10 -32.08 -24.29
CA ILE B 51 29.28 -32.62 -25.38
C ILE B 51 29.22 -31.62 -26.53
N GLU B 52 29.39 -32.15 -27.74
CA GLU B 52 29.57 -31.35 -28.96
C GLU B 52 28.29 -30.61 -29.35
N THR B 53 27.19 -31.34 -29.38
CA THR B 53 25.89 -30.81 -29.81
C THR B 53 25.08 -30.39 -28.59
N HIS B 54 24.36 -29.28 -28.69
CA HIS B 54 23.52 -28.79 -27.60
C HIS B 54 22.37 -29.73 -27.33
N GLU B 55 21.70 -30.20 -28.39
CA GLU B 55 20.59 -31.14 -28.27
C GLU B 55 20.99 -32.45 -27.60
N ARG B 56 22.23 -32.90 -27.84
CA ARG B 56 22.71 -34.12 -27.21
C ARG B 56 22.96 -33.94 -25.72
N GLY B 57 23.47 -32.78 -25.32
CA GLY B 57 23.58 -32.43 -23.92
C GLY B 57 22.23 -32.47 -23.25
N VAL B 58 21.24 -31.84 -23.87
CA VAL B 58 19.86 -31.87 -23.37
C VAL B 58 19.38 -33.32 -23.26
N SER B 59 19.62 -34.09 -24.31
CA SER B 59 19.22 -35.49 -24.36
C SER B 59 19.77 -36.29 -23.18
N ILE B 60 21.06 -36.09 -22.89
CA ILE B 60 21.72 -36.89 -21.85
C ILE B 60 21.33 -36.39 -20.47
N ARG B 61 21.19 -35.07 -20.31
CA ARG B 61 20.70 -34.50 -19.07
C ARG B 61 19.30 -35.02 -18.74
N ARG B 62 18.46 -35.19 -19.76
CA ARG B 62 17.11 -35.73 -19.57
C ARG B 62 17.17 -37.18 -19.09
N GLN B 63 18.06 -37.98 -19.69
CA GLN B 63 18.21 -39.38 -19.32
C GLN B 63 18.68 -39.57 -17.88
N LEU B 64 19.65 -38.76 -17.48
CA LEU B 64 20.14 -38.76 -16.10
C LEU B 64 19.03 -38.38 -15.13
N LEU B 65 18.35 -37.27 -15.43
CA LEU B 65 17.25 -36.77 -14.63
C LEU B 65 16.16 -37.81 -14.42
N SER B 66 15.83 -38.53 -15.50
CA SER B 66 14.72 -39.49 -15.49
C SER B 66 14.91 -40.63 -14.49
N LYS B 67 16.15 -41.09 -14.32
CA LYS B 67 16.46 -42.20 -13.40
C LYS B 67 16.25 -41.77 -11.95
N LYS B 68 16.43 -40.47 -11.67
CA LYS B 68 16.22 -39.93 -10.32
C LYS B 68 14.74 -39.76 -9.95
N LEU B 69 13.87 -39.67 -10.94
CA LEU B 69 12.44 -39.40 -10.70
C LEU B 69 11.68 -40.65 -10.28
N SER B 70 10.63 -40.45 -9.47
CA SER B 70 9.83 -41.56 -8.95
C SER B 70 8.98 -42.23 -10.05
N GLU B 71 8.75 -41.49 -11.13
CA GLU B 71 8.18 -42.03 -12.36
C GLU B 71 9.16 -41.72 -13.51
N PRO B 72 9.89 -42.73 -13.99
CA PRO B 72 10.92 -42.51 -15.02
C PRO B 72 10.43 -41.98 -16.37
N SER B 73 9.15 -42.15 -16.70
CA SER B 73 8.62 -41.71 -17.99
C SER B 73 7.97 -40.31 -17.97
N SER B 74 8.16 -39.56 -16.87
CA SER B 74 7.46 -38.28 -16.73
C SER B 74 7.86 -37.22 -17.76
N LEU B 75 9.06 -37.30 -18.32
CA LEU B 75 9.52 -36.34 -19.33
C LEU B 75 9.10 -36.67 -20.76
N GLN B 76 8.36 -37.77 -20.96
CA GLN B 76 8.00 -38.23 -22.31
C GLN B 76 7.36 -37.15 -23.19
N TYR B 77 6.51 -36.30 -22.58
CA TYR B 77 5.74 -35.31 -23.32
C TYR B 77 6.27 -33.88 -23.18
N LEU B 78 7.43 -33.72 -22.55
CA LEU B 78 8.17 -32.47 -22.58
C LEU B 78 9.06 -32.47 -23.82
N PRO B 79 8.75 -31.64 -24.81
CA PRO B 79 9.52 -31.63 -26.06
C PRO B 79 10.91 -31.00 -25.89
N TYR B 80 11.88 -31.46 -26.70
CA TYR B 80 13.21 -30.87 -26.72
C TYR B 80 13.88 -30.80 -28.10
N ARG B 81 13.47 -31.66 -29.02
CA ARG B 81 14.16 -31.82 -30.30
C ARG B 81 13.89 -30.69 -31.28
N ASP B 82 14.90 -30.39 -32.09
CA ASP B 82 14.81 -29.43 -33.19
C ASP B 82 14.46 -28.01 -32.74
N TYR B 83 14.93 -27.63 -31.56
CA TYR B 83 14.80 -26.27 -31.06
C TYR B 83 16.19 -25.62 -31.06
N ASN B 84 16.23 -24.32 -31.37
CA ASN B 84 17.48 -23.61 -31.48
C ASN B 84 18.06 -23.24 -30.11
N TYR B 85 18.80 -24.19 -29.52
CA TYR B 85 19.45 -23.99 -28.24
C TYR B 85 20.70 -23.11 -28.33
N SER B 86 21.12 -22.75 -29.54
CA SER B 86 22.30 -21.92 -29.73
C SER B 86 22.11 -20.55 -29.10
N LEU B 87 20.90 -20.02 -29.17
CA LEU B 87 20.58 -18.69 -28.64
C LEU B 87 20.11 -18.73 -27.18
N VAL B 88 20.02 -19.94 -26.61
CA VAL B 88 19.56 -20.15 -25.23
C VAL B 88 20.70 -20.53 -24.27
N MET B 89 21.60 -21.40 -24.69
CA MET B 89 22.72 -21.81 -23.83
C MET B 89 23.69 -20.64 -23.65
N GLY B 90 24.03 -20.34 -22.40
CA GLY B 90 24.93 -19.23 -22.08
C GLY B 90 24.34 -17.86 -22.34
N ALA B 91 23.01 -17.74 -22.25
CA ALA B 91 22.34 -16.45 -22.45
C ALA B 91 20.95 -16.35 -21.78
N CYS B 92 20.13 -17.38 -21.91
CA CYS B 92 18.73 -17.36 -21.44
C CYS B 92 18.32 -18.44 -20.43
N CYS B 93 19.04 -19.55 -20.35
CA CYS B 93 18.65 -20.67 -19.49
C CYS B 93 19.77 -21.71 -19.32
N GLU B 94 19.86 -22.31 -18.13
CA GLU B 94 20.84 -23.35 -17.83
C GLU B 94 20.16 -24.64 -17.37
N ASN B 95 20.95 -25.71 -17.25
CA ASN B 95 20.46 -27.07 -16.96
C ASN B 95 19.22 -27.44 -17.78
N VAL B 96 19.28 -27.16 -19.09
CA VAL B 96 18.10 -27.20 -19.96
C VAL B 96 17.67 -28.62 -20.34
N ILE B 97 16.42 -28.95 -20.03
CA ILE B 97 15.85 -30.27 -20.33
C ILE B 97 14.77 -30.23 -21.42
N GLY B 98 14.61 -29.10 -22.11
CA GLY B 98 13.59 -28.96 -23.13
C GLY B 98 12.97 -27.58 -23.22
N TYR B 99 11.69 -27.55 -23.58
CA TYR B 99 10.95 -26.28 -23.71
C TYR B 99 9.45 -26.49 -23.53
N MET B 100 8.81 -25.43 -23.03
CA MET B 100 7.39 -25.44 -22.68
C MET B 100 6.61 -24.60 -23.68
N PRO B 101 5.81 -25.24 -24.53
CA PRO B 101 5.03 -24.49 -25.52
C PRO B 101 3.81 -23.86 -24.87
N ILE B 102 3.63 -22.56 -25.07
CA ILE B 102 2.45 -21.83 -24.62
C ILE B 102 1.64 -21.45 -25.86
N PRO B 103 0.37 -21.85 -25.94
CA PRO B 103 -0.47 -21.47 -27.07
C PRO B 103 -0.46 -19.96 -27.31
N VAL B 104 -0.31 -19.55 -28.57
CA VAL B 104 -0.31 -18.14 -28.93
C VAL B 104 -1.57 -17.85 -29.72
N GLY B 105 -2.30 -16.83 -29.31
CA GLY B 105 -3.52 -16.40 -29.99
C GLY B 105 -3.37 -14.95 -30.41
N VAL B 106 -4.27 -14.49 -31.27
CA VAL B 106 -4.18 -13.14 -31.81
C VAL B 106 -5.48 -12.37 -31.59
N ALA B 107 -5.34 -11.21 -30.96
CA ALA B 107 -6.43 -10.27 -30.74
C ALA B 107 -6.14 -9.03 -31.56
N GLY B 108 -7.09 -8.67 -32.43
CA GLY B 108 -6.95 -7.51 -33.29
C GLY B 108 -8.01 -7.47 -34.39
N PRO B 109 -7.99 -6.45 -35.23
CA PRO B 109 -7.00 -5.35 -35.15
C PRO B 109 -7.25 -4.41 -33.96
N LEU B 110 -6.18 -3.98 -33.30
CA LEU B 110 -6.23 -2.96 -32.26
C LEU B 110 -5.93 -1.63 -32.93
N CYS B 111 -6.93 -0.76 -32.97
CA CYS B 111 -6.81 0.52 -33.66
C CYS B 111 -6.25 1.54 -32.70
N LEU B 112 -4.98 1.88 -32.89
CA LEU B 112 -4.22 2.67 -31.93
C LEU B 112 -3.39 3.71 -32.68
N ASP B 113 -3.67 4.98 -32.42
CA ASP B 113 -2.95 6.11 -33.01
C ASP B 113 -2.96 6.04 -34.54
N GLU B 114 -4.16 5.82 -35.09
CA GLU B 114 -4.40 5.75 -36.52
C GLU B 114 -3.63 4.64 -37.23
N LYS B 115 -3.27 3.60 -36.47
CA LYS B 115 -2.65 2.40 -37.03
C LYS B 115 -3.44 1.18 -36.59
N GLU B 116 -3.07 0.02 -37.11
CA GLU B 116 -3.73 -1.24 -36.74
C GLU B 116 -2.68 -2.28 -36.34
N PHE B 117 -2.99 -3.03 -35.28
CA PHE B 117 -2.05 -3.96 -34.68
C PHE B 117 -2.70 -5.31 -34.48
N GLN B 118 -1.98 -6.36 -34.85
CA GLN B 118 -2.37 -7.72 -34.54
C GLN B 118 -1.49 -8.16 -33.38
N VAL B 119 -2.11 -8.31 -32.21
CA VAL B 119 -1.41 -8.48 -30.94
C VAL B 119 -1.33 -9.94 -30.50
N PRO B 120 -0.12 -10.48 -30.39
CA PRO B 120 0.07 -11.87 -29.95
C PRO B 120 -0.04 -12.03 -28.44
N MET B 121 -0.68 -13.12 -28.03
CA MET B 121 -1.04 -13.35 -26.62
C MET B 121 -0.83 -14.83 -26.29
N ALA B 122 0.23 -15.12 -25.56
CA ALA B 122 0.53 -16.48 -25.12
C ALA B 122 -0.11 -16.73 -23.77
N THR B 123 -1.11 -17.59 -23.75
CA THR B 123 -1.81 -17.92 -22.52
C THR B 123 -2.45 -19.30 -22.59
N THR B 124 -2.85 -19.82 -21.43
CA THR B 124 -3.60 -21.07 -21.32
C THR B 124 -4.95 -20.87 -20.62
N GLU B 125 -5.38 -19.62 -20.50
CA GLU B 125 -6.66 -19.31 -19.86
C GLU B 125 -7.73 -19.14 -20.93
N GLY B 126 -8.75 -19.99 -20.87
CA GLY B 126 -9.84 -19.99 -21.83
C GLY B 126 -10.59 -18.68 -21.85
N CYS B 127 -10.87 -18.21 -23.06
CA CYS B 127 -11.67 -17.01 -23.34
C CYS B 127 -10.98 -15.67 -23.17
N LEU B 128 -9.70 -15.66 -22.76
CA LEU B 128 -8.97 -14.40 -22.58
C LEU B 128 -8.72 -13.72 -23.92
N VAL B 129 -8.36 -14.51 -24.93
CA VAL B 129 -8.05 -13.96 -26.25
C VAL B 129 -9.33 -13.52 -26.93
N ALA B 130 -10.38 -14.33 -26.83
CA ALA B 130 -11.69 -13.97 -27.40
C ALA B 130 -12.26 -12.73 -26.73
N SER B 131 -12.14 -12.66 -25.40
CA SER B 131 -12.60 -11.50 -24.63
C SER B 131 -11.85 -10.25 -25.06
N THR B 132 -10.52 -10.35 -25.13
CA THR B 132 -9.67 -9.22 -25.49
C THR B 132 -9.92 -8.76 -26.92
N ASN B 133 -10.23 -9.72 -27.78
CA ASN B 133 -10.51 -9.46 -29.19
C ASN B 133 -11.84 -8.74 -29.36
N ARG B 134 -12.79 -9.03 -28.47
CA ARG B 134 -14.07 -8.31 -28.46
C ARG B 134 -13.87 -6.85 -28.04
N GLY B 135 -12.96 -6.62 -27.11
CA GLY B 135 -12.63 -5.27 -26.69
C GLY B 135 -12.00 -4.46 -27.81
N CYS B 136 -11.16 -5.13 -28.60
CA CYS B 136 -10.55 -4.51 -29.78
C CYS B 136 -11.60 -4.08 -30.80
N ARG B 137 -12.62 -4.90 -30.98
CA ARG B 137 -13.70 -4.64 -31.93
C ARG B 137 -14.49 -3.39 -31.53
N ALA B 138 -14.74 -3.26 -30.23
CA ALA B 138 -15.44 -2.08 -29.69
C ALA B 138 -14.63 -0.80 -29.85
N ILE B 139 -13.31 -0.92 -29.75
CA ILE B 139 -12.42 0.22 -29.95
C ILE B 139 -12.34 0.62 -31.43
N GLY B 140 -12.30 -0.38 -32.31
CA GLY B 140 -12.19 -0.16 -33.74
C GLY B 140 -13.43 0.50 -34.33
N LEU B 141 -14.60 0.00 -33.95
CA LEU B 141 -15.87 0.58 -34.38
C LEU B 141 -16.15 1.90 -33.66
N GLY B 142 -15.49 2.11 -32.53
CA GLY B 142 -15.63 3.33 -31.75
C GLY B 142 -14.74 4.48 -32.18
N GLY B 143 -14.02 4.33 -33.28
CA GLY B 143 -13.20 5.41 -33.83
C GLY B 143 -11.72 5.35 -33.49
N GLY B 144 -11.32 4.34 -32.71
CA GLY B 144 -9.92 4.13 -32.37
C GLY B 144 -9.49 4.67 -31.02
N ALA B 145 -8.31 4.25 -30.58
CA ALA B 145 -7.73 4.67 -29.31
C ALA B 145 -6.53 5.57 -29.55
N SER B 146 -6.28 6.50 -28.63
CA SER B 146 -5.11 7.35 -28.68
C SER B 146 -4.30 7.17 -27.41
N SER B 147 -2.99 6.96 -27.55
CA SER B 147 -2.10 6.79 -26.41
C SER B 147 -0.89 7.73 -26.46
N ARG B 148 -0.29 7.95 -25.29
CA ARG B 148 0.91 8.78 -25.14
C ARG B 148 1.86 8.19 -24.13
N VAL B 149 3.16 8.22 -24.44
CA VAL B 149 4.21 7.89 -23.49
C VAL B 149 4.53 9.16 -22.71
N LEU B 150 4.31 9.11 -21.40
CA LEU B 150 4.43 10.27 -20.52
C LEU B 150 5.83 10.38 -19.90
N ALA B 151 6.48 9.23 -19.72
CA ALA B 151 7.87 9.18 -19.27
C ALA B 151 8.56 7.91 -19.77
N ASP B 152 9.88 7.86 -19.64
CA ASP B 152 10.68 6.71 -20.10
C ASP B 152 12.04 6.66 -19.39
N GLY B 153 12.25 5.60 -18.60
CA GLY B 153 13.52 5.44 -17.90
C GLY B 153 13.55 4.28 -16.91
N MET B 154 14.28 3.23 -17.23
CA MET B 154 14.49 2.11 -16.31
C MET B 154 15.28 2.61 -15.10
N THR B 155 15.10 1.96 -13.96
CA THR B 155 15.81 2.39 -12.76
C THR B 155 16.55 1.26 -12.08
N ARG B 156 17.51 1.67 -11.25
CA ARG B 156 18.14 0.82 -10.28
C ARG B 156 18.33 1.61 -9.00
N GLY B 157 18.09 0.96 -7.87
CA GLY B 157 18.06 1.62 -6.58
C GLY B 157 18.97 0.95 -5.57
N PRO B 158 20.28 1.10 -5.72
CA PRO B 158 21.25 0.55 -4.77
C PRO B 158 21.14 1.15 -3.36
N VAL B 159 21.55 0.38 -2.36
CA VAL B 159 21.69 0.90 -1.01
C VAL B 159 23.16 0.97 -0.62
N VAL B 160 23.59 2.14 -0.14
CA VAL B 160 24.92 2.35 0.42
C VAL B 160 24.80 2.75 1.89
N ARG B 161 25.89 2.58 2.63
CA ARG B 161 25.93 2.83 4.06
C ARG B 161 27.10 3.75 4.40
N LEU B 162 26.82 4.83 5.13
CA LEU B 162 27.86 5.71 5.63
C LEU B 162 28.05 5.42 7.12
N PRO B 163 29.17 5.85 7.71
CA PRO B 163 29.41 5.60 9.14
C PRO B 163 28.32 6.16 10.07
N ARG B 164 27.81 7.35 9.75
CA ARG B 164 26.72 7.96 10.52
C ARG B 164 25.65 8.54 9.59
N ALA B 165 24.44 8.70 10.12
CA ALA B 165 23.34 9.35 9.42
C ALA B 165 23.69 10.75 8.92
N CYS B 166 24.49 11.48 9.70
CA CYS B 166 24.97 12.81 9.31
C CYS B 166 25.80 12.76 8.02
N ASP B 167 26.59 11.70 7.88
CA ASP B 167 27.41 11.49 6.67
C ASP B 167 26.55 11.15 5.46
N SER B 168 25.51 10.34 5.66
CA SER B 168 24.58 10.01 4.59
C SER B 168 23.78 11.25 4.16
N ALA B 169 23.47 12.14 5.10
CA ALA B 169 22.86 13.43 4.78
C ALA B 169 23.80 14.31 3.97
N GLU B 170 25.09 14.19 4.24
CA GLU B 170 26.14 14.95 3.53
C GLU B 170 26.24 14.48 2.08
N VAL B 171 26.21 13.17 1.87
CA VAL B 171 26.24 12.58 0.54
C VAL B 171 24.95 12.89 -0.24
N LYS B 172 23.83 12.98 0.47
CA LYS B 172 22.55 13.29 -0.15
C LYS B 172 22.55 14.70 -0.69
N ALA B 173 23.01 15.64 0.13
CA ALA B 173 23.06 17.06 -0.25
C ALA B 173 24.11 17.32 -1.34
N TRP B 174 25.17 16.51 -1.34
CA TRP B 174 26.22 16.56 -2.36
C TRP B 174 25.68 16.11 -3.72
N LEU B 175 24.85 15.07 -3.71
CA LEU B 175 24.25 14.54 -4.94
C LEU B 175 23.21 15.50 -5.51
N GLU B 176 22.67 16.39 -4.68
CA GLU B 176 21.67 17.37 -5.10
C GLU B 176 22.25 18.68 -5.63
N THR B 177 23.53 18.97 -5.36
CA THR B 177 24.20 20.11 -5.99
C THR B 177 24.41 19.80 -7.45
N SER B 178 24.40 20.83 -8.30
CA SER B 178 24.50 20.60 -9.74
C SER B 178 25.87 20.07 -10.15
N GLU B 179 26.90 20.42 -9.38
CA GLU B 179 28.27 20.02 -9.70
C GLU B 179 28.57 18.59 -9.23
N GLY B 180 27.99 18.21 -8.10
CA GLY B 180 28.10 16.84 -7.62
C GLY B 180 27.34 15.88 -8.50
N PHE B 181 26.11 16.25 -8.87
CA PHE B 181 25.29 15.46 -9.78
C PHE B 181 25.96 15.31 -11.14
N ALA B 182 26.58 16.39 -11.62
CA ALA B 182 27.22 16.42 -12.93
C ALA B 182 28.41 15.45 -13.03
N VAL B 183 29.11 15.28 -11.91
CA VAL B 183 30.26 14.36 -11.84
C VAL B 183 29.80 12.91 -11.87
N ILE B 184 28.67 12.62 -11.22
CA ILE B 184 28.09 11.28 -11.20
C ILE B 184 27.44 10.97 -12.55
N LYS B 185 26.87 11.98 -13.19
CA LYS B 185 26.20 11.82 -14.48
C LYS B 185 27.19 11.51 -15.60
N GLU B 186 28.36 12.14 -15.58
CA GLU B 186 29.41 11.84 -16.57
C GLU B 186 29.92 10.42 -16.41
N ALA B 187 30.08 9.96 -15.16
CA ALA B 187 30.49 8.59 -14.89
C ALA B 187 29.46 7.57 -15.43
N PHE B 188 28.19 7.83 -15.15
CA PHE B 188 27.09 6.94 -15.54
C PHE B 188 26.97 6.87 -17.06
N ASP B 189 26.98 8.04 -17.70
CA ASP B 189 26.75 8.14 -19.16
C ASP B 189 27.90 7.58 -19.99
N SER B 190 29.09 7.52 -19.40
CA SER B 190 30.27 7.00 -20.10
C SER B 190 30.21 5.49 -20.38
N THR B 191 29.33 4.77 -19.71
CA THR B 191 29.24 3.30 -19.81
C THR B 191 28.47 2.79 -21.03
N SER B 192 27.64 3.64 -21.65
CA SER B 192 26.86 3.24 -22.82
C SER B 192 26.37 4.44 -23.61
N ARG B 193 26.10 4.24 -24.91
CA ARG B 193 25.66 5.34 -25.77
C ARG B 193 24.24 5.81 -25.49
N PHE B 194 23.43 4.97 -24.84
CA PHE B 194 22.05 5.35 -24.50
C PHE B 194 21.92 5.95 -23.09
N ALA B 195 22.93 5.75 -22.25
CA ALA B 195 22.90 6.21 -20.86
C ALA B 195 22.79 7.73 -20.74
N ARG B 196 21.66 8.20 -20.24
CA ARG B 196 21.35 9.62 -20.06
C ARG B 196 20.68 9.77 -18.68
N LEU B 197 21.50 9.99 -17.66
CA LEU B 197 21.03 9.99 -16.28
C LEU B 197 20.13 11.18 -16.00
N GLN B 198 18.90 10.89 -15.57
CA GLN B 198 17.94 11.92 -15.19
C GLN B 198 18.16 12.32 -13.74
N LYS B 199 17.43 13.33 -13.28
CA LYS B 199 17.54 13.82 -11.91
C LYS B 199 17.47 12.67 -10.91
N LEU B 200 18.42 12.66 -9.98
CA LEU B 200 18.55 11.60 -8.97
C LEU B 200 17.44 11.74 -7.92
N HIS B 201 16.86 10.61 -7.52
CA HIS B 201 15.94 10.56 -6.39
C HIS B 201 16.57 9.72 -5.28
N THR B 202 16.67 10.28 -4.08
CA THR B 202 17.32 9.59 -2.97
C THR B 202 16.45 9.61 -1.72
N SER B 203 16.76 8.69 -0.81
CA SER B 203 16.03 8.56 0.44
C SER B 203 16.93 8.00 1.54
N ILE B 204 16.81 8.58 2.73
CA ILE B 204 17.64 8.18 3.86
C ILE B 204 16.80 7.38 4.86
N ALA B 205 17.41 6.32 5.38
CA ALA B 205 16.89 5.61 6.54
C ALA B 205 18.08 5.35 7.45
N GLY B 206 18.32 6.28 8.37
CA GLY B 206 19.43 6.17 9.30
C GLY B 206 20.72 6.41 8.54
N ARG B 207 21.70 5.52 8.70
CA ARG B 207 22.93 5.65 7.94
C ARG B 207 22.88 4.97 6.56
N ASN B 208 21.74 4.36 6.23
CA ASN B 208 21.46 3.92 4.85
C ASN B 208 21.12 5.10 3.94
N LEU B 209 21.44 4.94 2.66
CA LEU B 209 21.07 5.89 1.63
C LEU B 209 20.70 5.13 0.39
N TYR B 210 19.45 5.29 -0.04
CA TYR B 210 18.94 4.64 -1.22
C TYR B 210 19.00 5.66 -2.34
N ILE B 211 19.64 5.28 -3.44
CA ILE B 211 19.84 6.17 -4.58
C ILE B 211 19.17 5.54 -5.80
N ARG B 212 18.27 6.28 -6.43
CA ARG B 212 17.46 5.78 -7.54
C ARG B 212 17.95 6.39 -8.86
N PHE B 213 18.86 5.67 -9.52
CA PHE B 213 19.36 6.03 -10.83
C PHE B 213 18.32 5.72 -11.89
N GLN B 214 18.01 6.69 -12.74
CA GLN B 214 17.05 6.50 -13.83
C GLN B 214 17.65 6.97 -15.15
N SER B 215 17.34 6.26 -16.22
CA SER B 215 17.85 6.60 -17.54
C SER B 215 17.17 5.79 -18.63
N ARG B 216 17.03 6.40 -19.81
CA ARG B 216 16.60 5.67 -20.99
C ARG B 216 17.65 4.61 -21.32
N SER B 217 17.28 3.66 -22.17
CA SER B 217 18.13 2.50 -22.45
C SER B 217 18.00 2.01 -23.89
N GLY B 218 17.77 2.93 -24.82
CA GLY B 218 17.48 2.55 -26.19
C GLY B 218 16.21 1.72 -26.22
N ASP B 219 16.24 0.61 -26.97
CA ASP B 219 15.10 -0.29 -27.06
C ASP B 219 15.23 -1.48 -26.13
N ALA B 220 16.35 -1.58 -25.41
CA ALA B 220 16.51 -2.60 -24.38
C ALA B 220 15.64 -2.26 -23.17
N MET B 221 15.21 -3.29 -22.44
CA MET B 221 14.53 -3.10 -21.16
C MET B 221 15.47 -2.31 -20.24
N GLY B 222 16.70 -2.81 -20.13
CA GLY B 222 17.82 -2.01 -19.64
C GLY B 222 18.33 -2.25 -18.24
N MET B 223 18.21 -3.46 -17.67
CA MET B 223 18.78 -3.69 -16.33
C MET B 223 20.28 -3.91 -16.41
N ASN B 224 20.77 -4.60 -17.44
CA ASN B 224 22.22 -4.75 -17.61
C ASN B 224 22.91 -3.40 -17.77
N MET B 225 22.35 -2.56 -18.64
CA MET B 225 22.91 -1.26 -18.95
C MET B 225 22.88 -0.32 -17.74
N ILE B 226 21.75 -0.29 -17.05
CA ILE B 226 21.55 0.63 -15.91
C ILE B 226 22.40 0.21 -14.71
N SER B 227 22.56 -1.09 -14.50
CA SER B 227 23.40 -1.57 -13.42
C SER B 227 24.88 -1.34 -13.69
N LYS B 228 25.27 -1.36 -14.98
CA LYS B 228 26.65 -1.10 -15.38
C LYS B 228 26.98 0.38 -15.18
N GLY B 229 26.06 1.25 -15.56
CA GLY B 229 26.20 2.69 -15.34
C GLY B 229 26.16 3.05 -13.87
N THR B 230 25.41 2.26 -13.09
CA THR B 230 25.23 2.51 -11.67
C THR B 230 26.50 2.16 -10.90
N GLU B 231 27.19 1.10 -11.32
CA GLU B 231 28.41 0.67 -10.66
C GLU B 231 29.54 1.66 -10.86
N LYS B 232 29.66 2.22 -12.05
CA LYS B 232 30.67 3.25 -12.34
C LYS B 232 30.31 4.56 -11.63
N ALA B 233 29.02 4.81 -11.44
CA ALA B 233 28.55 6.02 -10.77
C ALA B 233 28.93 6.01 -9.29
N LEU B 234 28.73 4.86 -8.65
CA LEU B 234 29.04 4.69 -7.23
C LEU B 234 30.55 4.58 -6.99
N SER B 235 31.30 4.23 -8.04
CA SER B 235 32.75 4.20 -7.97
C SER B 235 33.30 5.62 -7.89
N LYS B 236 32.66 6.52 -8.64
CA LYS B 236 33.02 7.93 -8.65
C LYS B 236 32.62 8.59 -7.33
N LEU B 237 31.45 8.21 -6.82
CA LEU B 237 30.97 8.72 -5.54
C LEU B 237 31.88 8.30 -4.38
N HIS B 238 32.48 7.11 -4.50
CA HIS B 238 33.38 6.56 -3.48
C HIS B 238 34.72 7.30 -3.41
N GLU B 239 35.14 7.88 -4.54
CA GLU B 239 36.33 8.73 -4.54
C GLU B 239 36.12 9.95 -3.64
N TYR B 240 34.92 10.53 -3.70
CA TYR B 240 34.56 11.70 -2.90
C TYR B 240 34.16 11.37 -1.46
N PHE B 241 33.86 10.09 -1.19
CA PHE B 241 33.38 9.64 0.11
C PHE B 241 33.89 8.23 0.39
N PRO B 242 35.19 8.12 0.70
CA PRO B 242 35.85 6.81 0.82
C PRO B 242 35.33 5.90 1.95
N GLU B 243 34.67 6.48 2.95
CA GLU B 243 34.06 5.69 4.03
C GLU B 243 32.73 5.01 3.61
N MET B 244 32.17 5.43 2.47
CA MET B 244 30.93 4.83 1.96
C MET B 244 31.12 3.36 1.60
N GLN B 245 30.13 2.56 1.97
CA GLN B 245 30.11 1.13 1.75
C GLN B 245 28.97 0.81 0.80
N ILE B 246 29.26 0.16 -0.32
CA ILE B 246 28.19 -0.28 -1.22
C ILE B 246 27.67 -1.61 -0.71
N LEU B 247 26.49 -1.60 -0.09
CA LEU B 247 25.91 -2.77 0.55
C LEU B 247 25.29 -3.75 -0.45
N ALA B 248 24.55 -3.20 -1.41
CA ALA B 248 23.98 -4.01 -2.50
C ALA B 248 23.67 -3.10 -3.68
N VAL B 249 23.94 -3.60 -4.88
CA VAL B 249 23.69 -2.83 -6.10
C VAL B 249 22.18 -2.66 -6.30
N SER B 250 21.38 -3.57 -5.71
CA SER B 250 19.95 -3.36 -5.51
C SER B 250 19.57 -3.39 -4.02
N GLY B 251 19.07 -2.26 -3.51
CA GLY B 251 18.51 -2.17 -2.18
C GLY B 251 16.99 -2.14 -2.19
N ASN B 252 16.37 -2.71 -3.23
CA ASN B 252 14.91 -2.73 -3.41
C ASN B 252 14.23 -1.36 -3.55
N TYR B 253 15.00 -0.35 -3.93
CA TYR B 253 14.45 0.99 -4.11
C TYR B 253 14.24 1.28 -5.61
N CYS B 254 14.38 0.25 -6.43
CA CYS B 254 14.29 0.41 -7.89
C CYS B 254 12.86 0.73 -8.38
N THR B 255 11.84 -0.09 -8.11
CA THR B 255 11.90 -1.38 -7.46
C THR B 255 11.59 -2.45 -8.50
N ASP B 256 12.41 -3.49 -8.54
CA ASP B 256 12.30 -4.52 -9.56
C ASP B 256 11.59 -5.77 -9.05
N LYS B 257 10.48 -6.14 -9.71
CA LYS B 257 9.78 -7.40 -9.48
C LYS B 257 9.19 -7.62 -8.07
N LYS B 258 8.95 -6.53 -7.35
CA LYS B 258 8.14 -6.54 -6.11
C LYS B 258 7.17 -5.35 -6.16
N PRO B 259 6.00 -5.48 -5.53
CA PRO B 259 5.07 -4.36 -5.44
C PRO B 259 5.69 -3.20 -4.65
N ALA B 260 5.52 -1.98 -5.16
CA ALA B 260 6.11 -0.81 -4.52
C ALA B 260 5.46 0.48 -4.99
N ALA B 261 5.12 1.32 -4.01
CA ALA B 261 4.46 2.60 -4.29
C ALA B 261 5.34 3.54 -5.12
N ILE B 262 6.66 3.37 -5.03
CA ILE B 262 7.60 4.24 -5.75
C ILE B 262 7.51 4.09 -7.27
N ASN B 263 7.26 2.88 -7.75
CA ASN B 263 7.05 2.67 -9.18
C ASN B 263 5.77 3.32 -9.65
N TRP B 264 4.74 3.22 -8.81
CA TRP B 264 3.42 3.82 -9.07
C TRP B 264 3.46 5.35 -9.15
N ILE B 265 4.32 5.97 -8.34
CA ILE B 265 4.32 7.42 -8.15
C ILE B 265 5.37 8.13 -9.01
N GLU B 266 6.55 7.52 -9.13
CA GLU B 266 7.65 8.08 -9.89
C GLU B 266 7.66 7.52 -11.31
N GLY B 267 7.14 6.31 -11.46
CA GLY B 267 7.20 5.60 -12.72
C GLY B 267 8.43 4.73 -12.77
N ARG B 268 8.38 3.70 -13.61
CA ARG B 268 9.56 2.88 -13.91
C ARG B 268 9.36 2.26 -15.27
N GLY B 269 10.36 2.37 -16.14
CA GLY B 269 10.20 2.01 -17.54
C GLY B 269 9.36 3.06 -18.25
N LYS B 270 8.38 2.61 -19.01
CA LYS B 270 7.50 3.50 -19.78
C LYS B 270 6.24 3.81 -18.97
N SER B 271 5.97 5.10 -18.75
CA SER B 271 4.69 5.55 -18.24
C SER B 271 3.80 5.88 -19.43
N VAL B 272 2.58 5.37 -19.43
CA VAL B 272 1.73 5.37 -20.62
C VAL B 272 0.27 5.60 -20.25
N VAL B 273 -0.43 6.41 -21.03
CA VAL B 273 -1.87 6.59 -20.91
C VAL B 273 -2.52 6.29 -22.25
N CYS B 274 -3.66 5.62 -22.21
CA CYS B 274 -4.41 5.26 -23.41
C CYS B 274 -5.87 5.65 -23.22
N GLU B 275 -6.58 5.98 -24.29
CA GLU B 275 -7.97 6.41 -24.18
C GLU B 275 -8.80 6.11 -25.42
N ALA B 276 -10.11 6.28 -25.28
CA ALA B 276 -11.07 6.08 -26.37
C ALA B 276 -12.46 6.50 -25.92
N VAL B 277 -13.27 6.92 -26.88
CA VAL B 277 -14.69 7.17 -26.64
C VAL B 277 -15.47 6.13 -27.43
N ILE B 278 -16.29 5.35 -26.72
CA ILE B 278 -17.09 4.29 -27.33
C ILE B 278 -18.51 4.79 -27.48
N PRO B 279 -18.95 5.06 -28.72
CA PRO B 279 -20.33 5.48 -28.97
C PRO B 279 -21.34 4.51 -28.34
N ALA B 280 -22.52 5.00 -27.98
CA ALA B 280 -23.54 4.20 -27.28
C ALA B 280 -23.95 2.99 -28.09
N LYS B 281 -24.09 3.19 -29.40
CA LYS B 281 -24.42 2.12 -30.33
C LYS B 281 -23.44 0.94 -30.19
N VAL B 282 -22.14 1.27 -30.16
CA VAL B 282 -21.09 0.25 -30.07
C VAL B 282 -21.08 -0.45 -28.70
N VAL B 283 -21.31 0.31 -27.63
CA VAL B 283 -21.45 -0.28 -26.30
C VAL B 283 -22.62 -1.27 -26.26
N ARG B 284 -23.66 -0.98 -27.04
CA ARG B 284 -24.87 -1.81 -27.12
C ARG B 284 -24.67 -3.11 -27.88
N GLU B 285 -24.08 -3.02 -29.07
CA GLU B 285 -24.08 -4.11 -30.04
C GLU B 285 -22.88 -5.06 -29.86
N VAL B 286 -21.73 -4.51 -29.53
CA VAL B 286 -20.51 -5.30 -29.31
C VAL B 286 -20.47 -5.78 -27.86
N LEU B 287 -20.60 -4.84 -26.92
CA LEU B 287 -20.40 -5.11 -25.49
C LEU B 287 -21.67 -5.49 -24.73
N LYS B 288 -22.83 -5.43 -25.40
CA LYS B 288 -24.10 -5.98 -24.88
C LYS B 288 -24.58 -5.33 -23.57
N THR B 289 -24.28 -4.06 -23.39
CA THR B 289 -24.64 -3.35 -22.15
C THR B 289 -24.73 -1.84 -22.38
N THR B 290 -24.93 -1.06 -21.31
CA THR B 290 -24.95 0.40 -21.40
C THR B 290 -23.74 1.04 -20.71
N THR B 291 -23.49 2.29 -21.07
CA THR B 291 -22.43 3.09 -20.47
C THR B 291 -22.63 3.26 -18.95
N GLU B 292 -23.88 3.48 -18.54
CA GLU B 292 -24.24 3.69 -17.14
C GLU B 292 -23.90 2.47 -16.29
N ALA B 293 -24.18 1.28 -16.78
CA ALA B 293 -23.92 0.06 -16.04
C ALA B 293 -22.41 -0.17 -15.90
N MET B 294 -21.66 0.22 -16.93
CA MET B 294 -20.23 0.03 -16.94
C MET B 294 -19.51 0.96 -15.99
N ILE B 295 -19.95 2.22 -15.93
CA ILE B 295 -19.38 3.21 -15.04
C ILE B 295 -19.63 2.81 -13.58
N GLU B 296 -20.81 2.27 -13.32
CA GLU B 296 -21.17 1.87 -11.98
C GLU B 296 -20.34 0.66 -11.51
N VAL B 297 -20.10 -0.28 -12.41
CA VAL B 297 -19.23 -1.41 -12.09
C VAL B 297 -17.79 -0.95 -11.94
N ASN B 298 -17.35 -0.02 -12.80
CA ASN B 298 -15.94 0.40 -12.80
C ASN B 298 -15.59 1.15 -11.53
N ILE B 299 -16.47 2.06 -11.11
CA ILE B 299 -16.21 2.85 -9.91
C ILE B 299 -16.16 1.94 -8.71
N ASN B 300 -17.16 1.06 -8.58
CA ASN B 300 -17.34 0.32 -7.35
C ASN B 300 -16.49 -0.97 -7.26
N LYS B 301 -15.96 -1.42 -8.40
CA LYS B 301 -15.01 -2.53 -8.46
C LYS B 301 -13.57 -2.00 -8.47
N ASN B 302 -13.21 -1.28 -9.53
CA ASN B 302 -11.84 -0.90 -9.79
C ASN B 302 -11.30 0.25 -8.96
N LEU B 303 -12.18 1.15 -8.49
CA LEU B 303 -11.77 2.20 -7.55
C LEU B 303 -12.09 1.81 -6.11
N VAL B 304 -13.37 1.69 -5.78
CA VAL B 304 -13.80 1.49 -4.39
C VAL B 304 -13.41 0.10 -3.85
N GLY B 305 -13.58 -0.93 -4.67
CA GLY B 305 -13.26 -2.30 -4.28
C GLY B 305 -11.77 -2.48 -4.03
N SER B 306 -10.96 -2.02 -4.98
CA SER B 306 -9.52 -2.04 -4.84
C SER B 306 -9.07 -1.25 -3.61
N ALA B 307 -9.80 -0.17 -3.31
CA ALA B 307 -9.49 0.66 -2.14
C ALA B 307 -9.75 -0.10 -0.84
N MET B 308 -10.87 -0.83 -0.77
CA MET B 308 -11.21 -1.60 0.43
C MET B 308 -10.26 -2.78 0.65
N ALA B 309 -9.66 -3.28 -0.44
CA ALA B 309 -8.71 -4.38 -0.37
C ALA B 309 -7.32 -3.90 0.03
N GLY B 310 -7.12 -2.58 -0.01
CA GLY B 310 -5.85 -1.99 0.36
C GLY B 310 -4.82 -2.17 -0.74
N SER B 311 -5.19 -1.77 -1.95
CA SER B 311 -4.33 -1.93 -3.12
C SER B 311 -3.51 -0.69 -3.41
N ILE B 312 -2.25 -0.91 -3.79
CA ILE B 312 -1.39 0.12 -4.33
C ILE B 312 -1.20 -0.16 -5.81
N GLY B 313 -1.87 0.62 -6.66
CA GLY B 313 -1.70 0.54 -8.10
C GLY B 313 -2.48 -0.55 -8.79
N GLY B 314 -3.40 -1.19 -8.07
CA GLY B 314 -4.21 -2.29 -8.62
C GLY B 314 -5.66 -1.90 -8.86
N TYR B 315 -5.84 -0.73 -9.46
CA TYR B 315 -7.15 -0.16 -9.72
C TYR B 315 -7.64 -0.53 -11.14
N ASN B 316 -7.71 -1.83 -11.38
CA ASN B 316 -8.07 -2.37 -12.68
C ASN B 316 -8.70 -3.75 -12.52
N ALA B 317 -9.28 -4.27 -13.60
CA ALA B 317 -9.96 -5.58 -13.55
C ALA B 317 -8.97 -6.72 -13.73
N HIS B 318 -8.28 -6.76 -14.87
CA HIS B 318 -7.29 -7.82 -15.13
C HIS B 318 -6.19 -7.42 -16.08
N ALA B 319 -5.66 -6.21 -15.93
CA ALA B 319 -4.52 -5.77 -16.73
C ALA B 319 -3.41 -6.82 -16.80
N ALA B 320 -3.17 -7.50 -15.67
CA ALA B 320 -2.11 -8.50 -15.58
C ALA B 320 -2.29 -9.67 -16.55
N ASN B 321 -3.54 -10.01 -16.86
CA ASN B 321 -3.83 -11.02 -17.87
C ASN B 321 -3.25 -10.67 -19.23
N ILE B 322 -3.53 -9.45 -19.70
CA ILE B 322 -3.08 -8.99 -21.00
C ILE B 322 -1.57 -8.78 -21.01
N VAL B 323 -1.05 -8.13 -19.98
CA VAL B 323 0.38 -7.86 -19.86
C VAL B 323 1.17 -9.17 -19.90
N THR B 324 0.69 -10.18 -19.18
CA THR B 324 1.38 -11.46 -19.07
C THR B 324 1.38 -12.20 -20.40
N ALA B 325 0.24 -12.15 -21.09
CA ALA B 325 0.10 -12.86 -22.37
C ALA B 325 1.02 -12.25 -23.43
N ILE B 326 1.03 -10.93 -23.54
CA ILE B 326 1.92 -10.24 -24.48
C ILE B 326 3.39 -10.46 -24.12
N TYR B 327 3.70 -10.47 -22.83
CA TYR B 327 5.10 -10.55 -22.39
C TYR B 327 5.73 -11.89 -22.74
N ILE B 328 5.02 -12.97 -22.48
CA ILE B 328 5.48 -14.31 -22.81
C ILE B 328 5.66 -14.47 -24.33
N ALA B 329 4.70 -13.97 -25.09
CA ALA B 329 4.72 -14.06 -26.54
C ALA B 329 5.86 -13.26 -27.16
N CYS B 330 6.21 -12.14 -26.55
CA CYS B 330 7.15 -11.18 -27.14
C CYS B 330 8.53 -11.19 -26.49
N GLY B 331 8.82 -12.22 -25.69
CA GLY B 331 10.14 -12.43 -25.15
C GLY B 331 10.54 -11.48 -24.04
N GLN B 332 9.56 -10.98 -23.30
CA GLN B 332 9.82 -10.13 -22.15
C GLN B 332 10.09 -10.97 -20.90
N ASP B 333 10.55 -10.30 -19.84
CA ASP B 333 10.69 -10.90 -18.52
C ASP B 333 9.28 -10.91 -17.93
N ALA B 334 8.67 -12.08 -17.84
CA ALA B 334 7.27 -12.21 -17.39
C ALA B 334 7.11 -11.98 -15.88
N ALA B 335 8.22 -12.06 -15.15
CA ALA B 335 8.19 -11.79 -13.71
C ALA B 335 8.00 -10.29 -13.45
N GLN B 336 8.34 -9.47 -14.45
CA GLN B 336 8.15 -8.03 -14.35
C GLN B 336 6.69 -7.59 -14.57
N ASN B 337 5.79 -8.55 -14.75
CA ASN B 337 4.37 -8.24 -14.80
C ASN B 337 3.83 -7.79 -13.42
N VAL B 338 4.56 -8.13 -12.35
CA VAL B 338 4.22 -7.69 -11.00
C VAL B 338 3.96 -6.17 -10.97
N GLY B 339 4.93 -5.41 -11.50
CA GLY B 339 4.84 -3.97 -11.56
C GLY B 339 4.34 -3.39 -12.87
N SER B 340 4.63 -4.07 -13.98
CA SER B 340 4.18 -3.64 -15.31
C SER B 340 2.65 -3.64 -15.45
N SER B 341 1.99 -4.51 -14.69
CA SER B 341 0.53 -4.60 -14.67
C SER B 341 -0.15 -3.48 -13.89
N ASN B 342 0.63 -2.67 -13.17
CA ASN B 342 0.10 -1.50 -12.47
C ASN B 342 -0.79 -0.68 -13.40
N CYS B 343 -2.04 -0.51 -13.03
CA CYS B 343 -3.01 0.16 -13.90
C CYS B 343 -4.17 0.74 -13.11
N ILE B 344 -4.58 1.95 -13.48
CA ILE B 344 -5.84 2.52 -13.03
C ILE B 344 -6.76 2.70 -14.25
N THR B 345 -7.92 2.05 -14.21
CA THR B 345 -8.90 2.09 -15.29
C THR B 345 -10.01 3.04 -14.89
N LEU B 346 -10.22 4.08 -15.68
CA LEU B 346 -11.28 5.07 -15.43
C LEU B 346 -12.32 5.02 -16.53
N MET B 347 -13.57 5.17 -16.14
CA MET B 347 -14.71 5.11 -17.05
C MET B 347 -15.69 6.24 -16.76
N GLU B 348 -15.99 7.02 -17.79
CA GLU B 348 -16.82 8.20 -17.64
C GLU B 348 -17.97 8.23 -18.62
N ALA B 349 -18.97 9.03 -18.30
CA ALA B 349 -20.03 9.33 -19.25
C ALA B 349 -19.54 10.42 -20.19
N SER B 350 -19.93 10.32 -21.45
CA SER B 350 -19.60 11.31 -22.46
C SER B 350 -20.79 11.51 -23.38
N GLY B 351 -20.76 12.59 -24.16
CA GLY B 351 -21.84 12.89 -25.08
C GLY B 351 -23.00 13.58 -24.39
N PRO B 352 -24.04 13.90 -25.15
CA PRO B 352 -25.15 14.75 -24.69
C PRO B 352 -26.05 14.14 -23.63
N THR B 353 -26.28 12.83 -23.69
CA THR B 353 -27.15 12.15 -22.75
C THR B 353 -26.41 11.20 -21.80
N ASN B 354 -25.07 11.33 -21.76
CA ASN B 354 -24.22 10.47 -20.93
C ASN B 354 -24.28 8.98 -21.29
N GLU B 355 -24.45 8.69 -22.59
CA GLU B 355 -24.60 7.32 -23.07
C GLU B 355 -23.39 6.80 -23.87
N ASP B 356 -22.46 7.68 -24.19
CA ASP B 356 -21.14 7.30 -24.71
C ASP B 356 -20.19 7.05 -23.54
N LEU B 357 -19.22 6.16 -23.74
CA LEU B 357 -18.30 5.74 -22.68
C LEU B 357 -16.90 6.25 -22.95
N TYR B 358 -16.47 7.28 -22.23
CA TYR B 358 -15.06 7.60 -22.16
C TYR B 358 -14.37 6.53 -21.32
N ILE B 359 -13.31 5.92 -21.85
CA ILE B 359 -12.48 4.99 -21.09
C ILE B 359 -11.02 5.37 -21.23
N SER B 360 -10.25 5.17 -20.16
CA SER B 360 -8.80 5.33 -20.20
C SER B 360 -8.12 4.36 -19.24
N CYS B 361 -6.93 3.90 -19.61
CA CYS B 361 -6.07 3.17 -18.70
C CYS B 361 -4.76 3.91 -18.56
N THR B 362 -4.31 4.09 -17.32
CA THR B 362 -3.03 4.71 -17.06
C THR B 362 -2.12 3.71 -16.37
N MET B 363 -0.98 3.45 -16.98
CA MET B 363 -0.03 2.44 -16.54
C MET B 363 1.34 3.10 -16.41
N PRO B 364 1.71 3.47 -15.18
CA PRO B 364 2.92 4.25 -14.96
C PRO B 364 4.24 3.51 -15.01
N SER B 365 4.24 2.18 -15.13
CA SER B 365 5.47 1.42 -14.94
C SER B 365 5.58 0.14 -15.79
N ILE B 366 5.35 0.27 -17.09
CA ILE B 366 5.51 -0.83 -18.05
C ILE B 366 7.01 -1.07 -18.30
N GLU B 367 7.50 -2.22 -17.84
CA GLU B 367 8.91 -2.59 -17.98
C GLU B 367 9.08 -3.49 -19.19
N ILE B 368 9.66 -2.94 -20.25
CA ILE B 368 9.60 -3.55 -21.58
C ILE B 368 10.81 -3.24 -22.45
N GLY B 369 11.02 -4.06 -23.48
CA GLY B 369 12.14 -3.90 -24.40
C GLY B 369 12.02 -4.79 -25.64
N THR B 370 12.58 -4.34 -26.76
CA THR B 370 12.60 -5.12 -27.99
C THR B 370 13.99 -5.64 -28.40
N VAL B 371 15.03 -5.27 -27.64
CA VAL B 371 16.35 -5.90 -27.76
C VAL B 371 16.76 -6.54 -26.43
N GLY B 372 17.54 -7.62 -26.51
CA GLY B 372 18.09 -8.27 -25.33
C GLY B 372 17.13 -9.27 -24.70
N GLY B 373 17.68 -10.11 -23.82
CA GLY B 373 16.88 -11.09 -23.10
C GLY B 373 16.21 -12.07 -24.04
N GLY B 374 14.97 -12.41 -23.74
CA GLY B 374 14.19 -13.35 -24.55
C GLY B 374 13.83 -12.86 -25.94
N THR B 375 14.02 -11.56 -26.21
CA THR B 375 13.79 -11.02 -27.55
C THR B 375 14.92 -11.35 -28.53
N ASN B 376 15.96 -12.05 -28.07
CA ASN B 376 16.99 -12.59 -28.96
C ASN B 376 16.56 -13.89 -29.63
N LEU B 377 15.57 -14.57 -29.05
CA LEU B 377 15.08 -15.82 -29.59
C LEU B 377 14.13 -15.57 -30.76
N LEU B 378 14.17 -16.45 -31.77
CA LEU B 378 13.52 -16.23 -33.05
C LEU B 378 12.00 -16.34 -33.07
N PRO B 379 11.41 -17.29 -32.35
CA PRO B 379 9.95 -17.35 -32.22
C PRO B 379 9.41 -16.09 -31.52
N GLN B 380 10.12 -15.65 -30.48
CA GLN B 380 9.78 -14.43 -29.77
C GLN B 380 9.89 -13.22 -30.71
N GLN B 381 10.90 -13.25 -31.58
CA GLN B 381 11.11 -12.20 -32.56
C GLN B 381 10.01 -12.17 -33.64
N ALA B 382 9.36 -13.31 -33.88
CA ALA B 382 8.27 -13.38 -34.85
C ALA B 382 7.07 -12.57 -34.34
N CYS B 383 6.77 -12.73 -33.06
CA CYS B 383 5.68 -12.01 -32.43
C CYS B 383 5.97 -10.52 -32.34
N LEU B 384 7.24 -10.17 -32.17
CA LEU B 384 7.64 -8.76 -32.17
C LEU B 384 7.52 -8.20 -33.59
N GLN B 385 7.87 -9.02 -34.58
CA GLN B 385 7.75 -8.64 -35.99
C GLN B 385 6.30 -8.39 -36.41
N MET B 386 5.36 -9.13 -35.83
CA MET B 386 3.92 -8.92 -36.06
C MET B 386 3.54 -7.47 -35.81
N LEU B 387 4.12 -6.88 -34.77
CA LEU B 387 3.78 -5.54 -34.34
C LEU B 387 4.67 -4.46 -34.98
N GLY B 388 5.68 -4.89 -35.71
CA GLY B 388 6.62 -3.97 -36.34
C GLY B 388 7.56 -3.32 -35.35
N VAL B 389 7.84 -4.01 -34.24
CA VAL B 389 8.64 -3.48 -33.14
C VAL B 389 9.91 -4.28 -32.84
N GLN B 390 10.22 -5.30 -33.63
CA GLN B 390 11.37 -6.16 -33.33
C GLN B 390 12.71 -5.43 -33.45
N GLY B 391 13.62 -5.70 -32.54
CA GLY B 391 14.96 -5.15 -32.58
C GLY B 391 15.04 -3.65 -32.35
N ALA B 392 16.23 -3.10 -32.59
CA ALA B 392 16.50 -1.69 -32.38
C ALA B 392 15.98 -0.85 -33.54
N CYS B 393 15.57 0.37 -33.22
CA CYS B 393 15.22 1.38 -34.22
C CYS B 393 16.48 2.21 -34.47
N LYS B 394 16.95 2.23 -35.72
CA LYS B 394 18.22 2.87 -36.05
C LYS B 394 18.17 4.40 -35.88
N ASP B 395 17.21 5.02 -36.54
CA ASP B 395 17.15 6.48 -36.66
C ASP B 395 16.56 7.19 -35.43
N ASN B 396 15.83 6.45 -34.61
CA ASN B 396 15.17 6.97 -33.42
C ASN B 396 15.23 5.94 -32.29
N PRO B 397 16.35 5.87 -31.57
CA PRO B 397 16.54 4.89 -30.50
C PRO B 397 15.44 4.94 -29.44
N GLY B 398 14.83 3.78 -29.18
CA GLY B 398 13.80 3.66 -28.17
C GLY B 398 12.37 3.68 -28.70
N GLU B 399 12.19 3.93 -29.99
CA GLU B 399 10.85 4.04 -30.57
C GLU B 399 10.14 2.68 -30.60
N ASN B 400 10.89 1.60 -30.79
CA ASN B 400 10.32 0.26 -30.85
C ASN B 400 9.81 -0.21 -29.49
N ALA B 401 10.59 0.02 -28.45
CA ALA B 401 10.18 -0.28 -27.08
C ALA B 401 9.00 0.61 -26.66
N ARG B 402 9.06 1.88 -27.04
CA ARG B 402 7.97 2.83 -26.76
C ARG B 402 6.68 2.41 -27.45
N GLN B 403 6.80 1.93 -28.68
CA GLN B 403 5.65 1.50 -29.46
C GLN B 403 5.04 0.23 -28.86
N LEU B 404 5.89 -0.68 -28.38
CA LEU B 404 5.40 -1.89 -27.73
C LEU B 404 4.66 -1.57 -26.44
N ALA B 405 5.11 -0.56 -25.69
CA ALA B 405 4.46 -0.17 -24.44
C ALA B 405 3.10 0.48 -24.68
N ARG B 406 2.96 1.23 -25.77
CA ARG B 406 1.66 1.82 -26.15
C ARG B 406 0.66 0.74 -26.57
N ILE B 407 1.17 -0.29 -27.23
CA ILE B 407 0.35 -1.42 -27.65
C ILE B 407 -0.12 -2.22 -26.43
N VAL B 408 0.75 -2.36 -25.44
CA VAL B 408 0.41 -3.10 -24.22
C VAL B 408 -0.70 -2.38 -23.45
N CYS B 409 -0.61 -1.05 -23.40
CA CYS B 409 -1.60 -0.25 -22.67
C CYS B 409 -2.95 -0.24 -23.39
N GLY B 410 -2.91 -0.29 -24.71
CA GLY B 410 -4.11 -0.34 -25.52
C GLY B 410 -4.80 -1.68 -25.50
N THR B 411 -4.01 -2.76 -25.43
CA THR B 411 -4.58 -4.10 -25.35
C THR B 411 -5.17 -4.32 -23.97
N VAL B 412 -4.53 -3.75 -22.94
CA VAL B 412 -5.08 -3.77 -21.59
C VAL B 412 -6.44 -3.07 -21.57
N MET B 413 -6.55 -1.93 -22.25
CA MET B 413 -7.79 -1.16 -22.28
C MET B 413 -8.88 -1.93 -22.99
N ALA B 414 -8.51 -2.67 -24.03
CA ALA B 414 -9.44 -3.54 -24.73
C ALA B 414 -9.90 -4.65 -23.80
N GLY B 415 -8.96 -5.20 -23.05
CA GLY B 415 -9.27 -6.22 -22.06
C GLY B 415 -10.19 -5.67 -20.98
N GLU B 416 -9.93 -4.44 -20.55
CA GLU B 416 -10.76 -3.82 -19.52
C GLU B 416 -12.17 -3.58 -20.03
N LEU B 417 -12.28 -3.14 -21.28
CA LEU B 417 -13.58 -2.88 -21.89
C LEU B 417 -14.45 -4.14 -21.88
N SER B 418 -13.85 -5.25 -22.32
CA SER B 418 -14.57 -6.49 -22.53
C SER B 418 -14.99 -7.09 -21.20
N LEU B 419 -14.03 -7.32 -20.31
CA LEU B 419 -14.33 -7.94 -19.01
C LEU B 419 -15.34 -7.16 -18.19
N MET B 420 -15.22 -5.83 -18.21
CA MET B 420 -16.12 -4.97 -17.46
C MET B 420 -17.55 -5.03 -18.02
N ALA B 421 -17.66 -5.16 -19.34
CA ALA B 421 -18.97 -5.31 -19.98
C ALA B 421 -19.62 -6.62 -19.54
N ALA B 422 -18.83 -7.69 -19.48
CA ALA B 422 -19.32 -9.01 -19.10
C ALA B 422 -19.77 -9.08 -17.64
N LEU B 423 -19.06 -8.36 -16.77
CA LEU B 423 -19.39 -8.30 -15.35
C LEU B 423 -20.63 -7.44 -15.11
N ALA B 424 -20.87 -6.49 -16.01
CA ALA B 424 -22.04 -5.61 -15.93
C ALA B 424 -23.32 -6.29 -16.40
N ALA B 425 -23.17 -7.40 -17.12
CA ALA B 425 -24.31 -8.11 -17.69
C ALA B 425 -25.06 -8.92 -16.64
N GLY B 426 -24.30 -9.75 -15.92
CA GLY B 426 -24.84 -10.79 -15.06
C GLY B 426 -24.23 -12.13 -15.44
N HIS B 427 -24.99 -13.21 -15.26
CA HIS B 427 -24.53 -14.57 -15.60
C HIS B 427 -23.37 -15.02 -14.69
N PRO C 10 -38.93 44.95 29.66
CA PRO C 10 -39.67 45.44 28.45
C PRO C 10 -38.87 45.23 27.17
N ASN C 11 -39.52 44.68 26.13
CA ASN C 11 -38.82 44.20 24.95
C ASN C 11 -38.43 45.31 23.99
N GLU C 12 -39.39 46.19 23.68
CA GLU C 12 -39.15 47.29 22.74
C GLU C 12 -38.37 48.44 23.38
N GLU C 13 -38.24 48.43 24.70
CA GLU C 13 -37.34 49.33 25.41
C GLU C 13 -35.88 48.92 25.16
N CYS C 14 -35.63 47.61 25.14
CA CYS C 14 -34.29 47.06 24.93
C CYS C 14 -33.76 47.28 23.51
N LEU C 15 -34.65 47.23 22.52
CA LEU C 15 -34.28 47.45 21.13
C LEU C 15 -33.85 48.91 20.86
N GLN C 16 -34.48 49.84 21.57
CA GLN C 16 -34.15 51.27 21.45
C GLN C 16 -32.77 51.55 22.03
N ILE C 17 -32.38 50.78 23.05
CA ILE C 17 -31.06 50.90 23.68
C ILE C 17 -29.98 50.29 22.77
N LEU C 18 -30.36 49.32 21.94
CA LEU C 18 -29.44 48.73 20.96
C LEU C 18 -29.13 49.68 19.79
N GLY C 19 -30.00 50.66 19.57
CA GLY C 19 -29.80 51.67 18.53
C GLY C 19 -28.68 52.67 18.82
N ASN C 20 -28.42 52.94 20.10
CA ASN C 20 -27.38 53.90 20.49
C ASN C 20 -25.97 53.39 20.19
N GLY C 24 -26.30 51.08 23.83
CA GLY C 24 -25.91 49.92 23.04
C GLY C 24 -26.21 48.60 23.74
N ALA C 25 -25.61 47.53 23.23
CA ALA C 25 -25.73 46.20 23.83
C ALA C 25 -25.07 46.15 25.22
N LYS C 26 -23.96 46.89 25.37
CA LYS C 26 -23.21 46.94 26.63
C LYS C 26 -24.07 47.39 27.81
N PHE C 27 -25.06 48.24 27.53
CA PHE C 27 -25.95 48.78 28.58
C PHE C 27 -27.00 47.76 29.03
N LEU C 28 -27.39 46.84 28.15
CA LEU C 28 -28.36 45.78 28.48
C LEU C 28 -27.79 44.71 29.41
N SER C 29 -28.68 43.82 29.87
CA SER C 29 -28.31 42.69 30.74
C SER C 29 -28.43 41.35 30.01
N ASP C 30 -27.83 40.32 30.59
CA ASP C 30 -27.81 38.98 29.98
C ASP C 30 -29.22 38.45 29.68
N ALA C 31 -30.10 38.52 30.67
CA ALA C 31 -31.46 37.99 30.54
C ALA C 31 -32.28 38.74 29.49
N GLU C 32 -31.99 40.02 29.31
CA GLU C 32 -32.72 40.86 28.36
C GLU C 32 -32.36 40.53 26.91
N ILE C 33 -31.08 40.25 26.65
CA ILE C 33 -30.64 39.85 25.30
C ILE C 33 -31.16 38.45 24.94
N ILE C 34 -31.20 37.56 25.93
CA ILE C 34 -31.70 36.20 25.75
C ILE C 34 -33.23 36.20 25.61
N GLN C 35 -33.89 37.19 26.21
CA GLN C 35 -35.33 37.38 26.07
C GLN C 35 -35.63 37.89 24.65
N LEU C 36 -34.72 38.68 24.10
CA LEU C 36 -34.87 39.27 22.77
C LEU C 36 -34.70 38.23 21.65
N VAL C 37 -34.00 37.13 21.93
CA VAL C 37 -33.79 36.06 20.96
C VAL C 37 -34.91 35.03 21.02
N ASN C 38 -35.27 34.62 22.24
CA ASN C 38 -36.27 33.57 22.45
C ASN C 38 -37.64 33.95 21.88
N ALA C 39 -38.11 35.14 22.24
CA ALA C 39 -39.12 35.84 21.44
C ALA C 39 -38.34 36.44 20.28
N LYS C 40 -38.88 36.40 19.08
CA LYS C 40 -38.06 36.56 17.88
C LYS C 40 -37.92 38.02 17.39
N HIS C 41 -37.62 38.93 18.31
CA HIS C 41 -37.35 40.34 17.97
C HIS C 41 -36.05 40.46 17.17
N ILE C 42 -35.06 39.64 17.52
CA ILE C 42 -33.76 39.65 16.87
C ILE C 42 -33.24 38.21 16.65
N PRO C 43 -32.76 37.92 15.44
CA PRO C 43 -32.16 36.61 15.17
C PRO C 43 -30.80 36.42 15.85
N ALA C 44 -30.46 35.17 16.11
CA ALA C 44 -29.27 34.82 16.90
C ALA C 44 -27.94 35.15 16.21
N TYR C 45 -27.91 35.12 14.89
CA TYR C 45 -26.66 35.39 14.15
C TYR C 45 -26.24 36.86 14.17
N LYS C 46 -27.16 37.76 14.49
CA LYS C 46 -26.86 39.19 14.59
C LYS C 46 -26.15 39.57 15.90
N LEU C 47 -26.11 38.66 16.86
CA LEU C 47 -25.46 38.91 18.16
C LEU C 47 -23.93 39.00 18.08
N GLU C 48 -23.34 38.46 17.01
CA GLU C 48 -21.89 38.51 16.83
C GLU C 48 -21.37 39.96 16.84
N THR C 49 -21.97 40.80 16.02
CA THR C 49 -21.51 42.19 15.84
C THR C 49 -22.08 43.15 16.89
N LEU C 50 -23.27 42.84 17.40
CA LEU C 50 -23.97 43.74 18.32
C LEU C 50 -23.29 43.83 19.69
N ILE C 51 -23.01 42.68 20.30
CA ILE C 51 -22.29 42.63 21.56
C ILE C 51 -20.86 43.11 21.32
N GLU C 52 -20.34 43.90 22.24
CA GLU C 52 -19.07 44.61 22.04
C GLU C 52 -17.86 43.76 22.39
N THR C 53 -17.82 43.24 23.62
CA THR C 53 -16.69 42.44 24.10
C THR C 53 -16.81 40.97 23.69
N HIS C 54 -15.66 40.30 23.55
CA HIS C 54 -15.63 38.91 23.07
C HIS C 54 -16.03 37.91 24.16
N GLU C 55 -15.59 38.15 25.40
CA GLU C 55 -15.88 37.24 26.51
C GLU C 55 -17.38 37.16 26.83
N ARG C 56 -18.09 38.26 26.68
CA ARG C 56 -19.53 38.27 26.93
C ARG C 56 -20.29 37.61 25.78
N GLY C 57 -19.73 37.70 24.56
CA GLY C 57 -20.27 36.99 23.42
C GLY C 57 -20.23 35.48 23.62
N VAL C 58 -19.14 35.00 24.21
CA VAL C 58 -18.97 33.58 24.54
C VAL C 58 -19.95 33.17 25.64
N SER C 59 -20.20 34.06 26.59
CA SER C 59 -21.06 33.78 27.73
C SER C 59 -22.52 33.62 27.31
N ILE C 60 -22.99 34.53 26.45
CA ILE C 60 -24.36 34.49 25.93
C ILE C 60 -24.55 33.25 25.06
N ARG C 61 -23.59 32.96 24.19
CA ARG C 61 -23.65 31.78 23.32
C ARG C 61 -23.72 30.49 24.13
N ARG C 62 -23.07 30.47 25.29
CA ARG C 62 -23.10 29.32 26.19
C ARG C 62 -24.47 29.17 26.84
N GLN C 63 -25.04 30.28 27.29
CA GLN C 63 -26.34 30.28 27.94
C GLN C 63 -27.44 29.87 26.97
N LEU C 64 -27.38 30.40 25.75
CA LEU C 64 -28.33 30.06 24.69
C LEU C 64 -28.24 28.58 24.31
N LEU C 65 -27.01 28.07 24.24
CA LEU C 65 -26.76 26.68 23.86
C LEU C 65 -27.18 25.70 24.96
N SER C 66 -27.04 26.13 26.20
CA SER C 66 -27.27 25.27 27.37
C SER C 66 -28.73 24.85 27.51
N LYS C 67 -29.65 25.76 27.18
CA LYS C 67 -31.08 25.47 27.28
C LYS C 67 -31.51 24.39 26.27
N LYS C 68 -30.78 24.30 25.15
CA LYS C 68 -31.02 23.29 24.12
C LYS C 68 -30.46 21.90 24.46
N LEU C 69 -29.54 21.83 25.41
CA LEU C 69 -28.97 20.55 25.83
C LEU C 69 -29.97 19.77 26.67
N SER C 70 -29.85 18.45 26.67
CA SER C 70 -30.71 17.60 27.48
C SER C 70 -30.31 17.65 28.96
N GLU C 71 -29.04 17.94 29.22
CA GLU C 71 -28.55 18.26 30.57
C GLU C 71 -28.03 19.71 30.53
N PRO C 72 -28.86 20.68 30.92
CA PRO C 72 -28.51 22.10 30.78
C PRO C 72 -27.29 22.58 31.58
N SER C 73 -26.84 21.78 32.54
CA SER C 73 -25.65 22.11 33.33
C SER C 73 -24.36 21.48 32.78
N SER C 74 -24.35 21.08 31.52
CA SER C 74 -23.22 20.35 30.94
C SER C 74 -21.92 21.17 30.91
N LEU C 75 -22.06 22.46 30.60
CA LEU C 75 -20.90 23.33 30.40
C LEU C 75 -20.30 23.92 31.68
N GLN C 76 -20.86 23.58 32.84
CA GLN C 76 -20.39 24.13 34.13
C GLN C 76 -18.86 24.15 34.26
N TYR C 77 -18.21 23.02 33.97
CA TYR C 77 -16.77 22.85 34.20
C TYR C 77 -15.91 23.06 32.95
N LEU C 78 -16.54 23.41 31.83
CA LEU C 78 -15.81 23.91 30.67
C LEU C 78 -15.46 25.39 30.92
N PRO C 79 -14.18 25.71 31.12
CA PRO C 79 -13.81 27.10 31.40
C PRO C 79 -13.92 27.99 30.16
N TYR C 80 -14.19 29.27 30.37
CA TYR C 80 -14.19 30.28 29.30
C TYR C 80 -13.66 31.65 29.73
N ARG C 81 -13.67 31.93 31.04
CA ARG C 81 -13.28 33.24 31.56
C ARG C 81 -11.78 33.48 31.49
N ASP C 82 -11.43 34.75 31.30
CA ASP C 82 -10.04 35.22 31.35
C ASP C 82 -9.11 34.48 30.39
N TYR C 83 -9.54 34.44 29.13
CA TYR C 83 -8.76 33.91 28.03
C TYR C 83 -8.80 34.90 26.88
N ASN C 84 -7.70 34.99 26.14
CA ASN C 84 -7.57 35.95 25.05
C ASN C 84 -8.31 35.48 23.79
N TYR C 85 -9.56 35.91 23.64
CA TYR C 85 -10.36 35.52 22.49
C TYR C 85 -10.11 36.39 21.26
N SER C 86 -9.45 37.54 21.45
CA SER C 86 -9.22 38.47 20.35
C SER C 86 -8.31 37.88 19.27
N LEU C 87 -7.31 37.12 19.69
CA LEU C 87 -6.43 36.44 18.74
C LEU C 87 -7.09 35.23 18.06
N VAL C 88 -8.07 34.63 18.74
CA VAL C 88 -8.80 33.47 18.21
C VAL C 88 -9.94 33.84 17.26
N MET C 89 -10.58 34.99 17.50
CA MET C 89 -11.80 35.37 16.76
C MET C 89 -11.45 35.83 15.34
N GLY C 90 -12.01 35.15 14.34
CA GLY C 90 -11.77 35.48 12.95
C GLY C 90 -10.46 34.98 12.39
N ALA C 91 -9.80 34.06 13.11
CA ALA C 91 -8.49 33.53 12.70
C ALA C 91 -8.18 32.08 13.11
N CYS C 92 -8.81 31.57 14.17
CA CYS C 92 -8.55 30.22 14.70
C CYS C 92 -9.78 29.36 15.05
N CYS C 93 -10.91 29.99 15.37
CA CYS C 93 -12.10 29.25 15.82
C CYS C 93 -13.40 30.08 15.78
N GLU C 94 -14.53 29.41 15.49
CA GLU C 94 -15.85 30.04 15.46
C GLU C 94 -16.86 29.33 16.38
N ASN C 95 -17.98 30.01 16.65
CA ASN C 95 -19.01 29.51 17.57
C ASN C 95 -18.41 29.11 18.92
N VAL C 96 -17.55 29.98 19.44
CA VAL C 96 -16.71 29.64 20.58
C VAL C 96 -17.46 29.64 21.91
N ILE C 97 -17.31 28.55 22.66
CA ILE C 97 -18.01 28.36 23.92
C ILE C 97 -17.05 28.19 25.09
N GLY C 98 -15.76 28.46 24.87
CA GLY C 98 -14.75 28.27 25.90
C GLY C 98 -13.44 27.71 25.35
N TYR C 99 -12.65 27.12 26.24
CA TYR C 99 -11.41 26.46 25.86
C TYR C 99 -11.21 25.14 26.63
N MET C 100 -10.35 24.28 26.09
CA MET C 100 -10.09 22.97 26.65
C MET C 100 -8.65 22.90 27.16
N PRO C 101 -8.46 22.88 28.48
CA PRO C 101 -7.12 22.74 29.05
C PRO C 101 -6.54 21.35 28.85
N ILE C 102 -5.37 21.26 28.21
CA ILE C 102 -4.62 20.02 28.06
C ILE C 102 -3.35 20.15 28.89
N PRO C 103 -3.15 19.28 29.88
CA PRO C 103 -1.95 19.37 30.73
C PRO C 103 -0.67 19.38 29.90
N VAL C 104 0.32 20.14 30.36
CA VAL C 104 1.62 20.23 29.70
C VAL C 104 2.69 19.74 30.68
N GLY C 105 3.40 18.69 30.29
CA GLY C 105 4.56 18.21 31.04
C GLY C 105 5.81 18.47 30.24
N VAL C 106 6.98 18.27 30.85
CA VAL C 106 8.26 18.57 30.20
C VAL C 106 9.19 17.37 30.27
N ALA C 107 9.78 17.04 29.13
CA ALA C 107 10.77 15.98 29.03
C ALA C 107 12.09 16.63 28.62
N GLY C 108 13.09 16.51 29.49
CA GLY C 108 14.41 17.02 29.18
C GLY C 108 15.42 16.89 30.33
N PRO C 109 16.65 17.33 30.11
CA PRO C 109 17.08 17.96 28.84
C PRO C 109 17.28 16.96 27.70
N LEU C 110 16.89 17.37 26.49
CA LEU C 110 17.20 16.64 25.26
C LEU C 110 18.45 17.26 24.67
N CYS C 111 19.53 16.49 24.65
CA CYS C 111 20.81 16.98 24.19
C CYS C 111 20.90 16.71 22.69
N LEU C 112 20.77 17.77 21.91
CA LEU C 112 20.61 17.66 20.46
C LEU C 112 21.44 18.72 19.75
N ASP C 113 22.42 18.27 18.97
CA ASP C 113 23.33 19.15 18.23
C ASP C 113 24.00 20.20 19.12
N GLU C 114 24.61 19.74 20.22
CA GLU C 114 25.33 20.62 21.18
C GLU C 114 24.45 21.61 21.94
N LYS C 115 23.12 21.50 21.79
CA LYS C 115 22.19 22.33 22.54
C LYS C 115 21.40 21.45 23.49
N GLU C 116 20.70 22.05 24.44
CA GLU C 116 19.85 21.32 25.37
C GLU C 116 18.46 21.92 25.33
N PHE C 117 17.46 21.07 25.16
CA PHE C 117 16.08 21.51 25.03
C PHE C 117 15.20 20.92 26.12
N GLN C 118 14.33 21.76 26.67
CA GLN C 118 13.26 21.31 27.54
C GLN C 118 12.01 21.29 26.68
N VAL C 119 11.48 20.08 26.45
CA VAL C 119 10.45 19.85 25.44
C VAL C 119 9.06 19.81 26.07
N PRO C 120 8.21 20.78 25.74
CA PRO C 120 6.82 20.78 26.24
C PRO C 120 5.97 19.72 25.52
N MET C 121 5.09 19.05 26.27
CA MET C 121 4.29 17.94 25.75
C MET C 121 2.86 17.99 26.29
N ALA C 122 1.92 18.40 25.45
CA ALA C 122 0.51 18.47 25.84
C ALA C 122 -0.19 17.11 25.63
N THR C 123 -0.45 16.41 26.73
CA THR C 123 -1.01 15.06 26.67
C THR C 123 -1.86 14.72 27.90
N THR C 124 -2.71 13.69 27.76
CA THR C 124 -3.48 13.14 28.88
C THR C 124 -3.26 11.63 29.07
N GLU C 125 -2.23 11.10 28.42
CA GLU C 125 -1.84 9.70 28.58
C GLU C 125 -0.77 9.60 29.64
N GLY C 126 -1.08 8.91 30.74
CA GLY C 126 -0.17 8.78 31.86
C GLY C 126 1.13 8.08 31.47
N CYS C 127 2.21 8.55 32.08
CA CYS C 127 3.56 8.03 31.90
C CYS C 127 4.21 8.32 30.53
N LEU C 128 3.55 9.10 29.67
CA LEU C 128 4.14 9.42 28.37
C LEU C 128 5.29 10.41 28.53
N VAL C 129 5.10 11.43 29.36
CA VAL C 129 6.12 12.44 29.58
C VAL C 129 7.30 11.83 30.35
N ALA C 130 7.00 10.96 31.31
CA ALA C 130 8.02 10.31 32.12
C ALA C 130 8.84 9.32 31.30
N SER C 131 8.17 8.56 30.44
CA SER C 131 8.83 7.60 29.58
C SER C 131 9.76 8.31 28.62
N THR C 132 9.25 9.38 28.02
CA THR C 132 10.01 10.19 27.06
C THR C 132 11.23 10.81 27.74
N ASN C 133 11.03 11.22 28.98
CA ASN C 133 12.07 11.86 29.79
C ASN C 133 13.21 10.89 30.11
N ARG C 134 12.88 9.62 30.31
CA ARG C 134 13.89 8.60 30.55
C ARG C 134 14.73 8.35 29.30
N GLY C 135 14.10 8.41 28.13
CA GLY C 135 14.82 8.30 26.87
C GLY C 135 15.78 9.45 26.62
N CYS C 136 15.41 10.64 27.08
CA CYS C 136 16.28 11.81 27.01
C CYS C 136 17.51 11.62 27.88
N ARG C 137 17.30 11.05 29.06
CA ARG C 137 18.36 10.80 30.02
C ARG C 137 19.37 9.80 29.48
N ALA C 138 18.88 8.81 28.73
CA ALA C 138 19.74 7.80 28.13
C ALA C 138 20.53 8.40 26.97
N ILE C 139 19.92 9.33 26.24
CA ILE C 139 20.60 10.01 25.15
C ILE C 139 21.72 10.90 25.68
N GLY C 140 21.46 11.60 26.77
CA GLY C 140 22.43 12.53 27.37
C GLY C 140 23.63 11.82 27.94
N LEU C 141 23.39 10.67 28.55
CA LEU C 141 24.47 9.84 29.10
C LEU C 141 25.22 9.06 28.03
N GLY C 142 24.71 9.09 26.80
CA GLY C 142 25.40 8.50 25.66
C GLY C 142 26.03 9.51 24.73
N GLY C 143 26.17 10.76 25.17
CA GLY C 143 26.91 11.77 24.41
C GLY C 143 26.10 12.63 23.47
N GLY C 144 24.78 12.66 23.66
CA GLY C 144 23.89 13.48 22.84
C GLY C 144 23.48 12.83 21.53
N ALA C 145 22.48 13.43 20.89
CA ALA C 145 22.01 13.05 19.57
C ALA C 145 22.43 14.09 18.54
N SER C 146 22.43 13.69 17.27
CA SER C 146 22.70 14.60 16.17
C SER C 146 21.58 14.47 15.15
N SER C 147 21.24 15.56 14.48
CA SER C 147 20.16 15.56 13.51
C SER C 147 20.45 16.49 12.33
N ARG C 148 19.84 16.18 11.18
CA ARG C 148 19.98 16.97 9.97
C ARG C 148 18.65 17.10 9.24
N VAL C 149 18.36 18.29 8.73
CA VAL C 149 17.23 18.50 7.85
C VAL C 149 17.68 18.14 6.44
N LEU C 150 16.97 17.20 5.82
CA LEU C 150 17.33 16.66 4.50
C LEU C 150 16.56 17.32 3.35
N ALA C 151 15.37 17.81 3.65
CA ALA C 151 14.53 18.48 2.65
C ALA C 151 13.55 19.41 3.34
N ASP C 152 13.06 20.40 2.60
CA ASP C 152 12.15 21.39 3.16
C ASP C 152 11.26 21.97 2.06
N GLY C 153 9.96 21.77 2.17
CA GLY C 153 9.03 22.28 1.19
C GLY C 153 7.64 21.75 1.38
N MET C 154 6.72 22.61 1.79
CA MET C 154 5.31 22.28 1.89
C MET C 154 4.73 22.08 0.49
N THR C 155 3.71 21.25 0.38
CA THR C 155 3.10 20.96 -0.91
C THR C 155 1.61 21.22 -0.97
N ARG C 156 1.11 21.41 -2.19
CA ARG C 156 -0.30 21.36 -2.48
C ARG C 156 -0.43 20.70 -3.86
N GLY C 157 -1.37 19.76 -3.97
CA GLY C 157 -1.47 18.89 -5.11
C GLY C 157 -2.83 18.94 -5.78
N PRO C 158 -3.16 20.06 -6.44
CA PRO C 158 -4.44 20.22 -7.13
C PRO C 158 -4.69 19.20 -8.24
N VAL C 159 -5.94 19.10 -8.68
CA VAL C 159 -6.31 18.25 -9.80
C VAL C 159 -6.98 19.08 -10.89
N VAL C 160 -6.45 18.98 -12.11
CA VAL C 160 -7.04 19.63 -13.28
C VAL C 160 -7.49 18.57 -14.29
N ARG C 161 -8.50 18.92 -15.09
CA ARG C 161 -8.94 18.07 -16.19
C ARG C 161 -8.78 18.78 -17.51
N LEU C 162 -8.40 18.02 -18.54
CA LEU C 162 -8.46 18.51 -19.91
C LEU C 162 -9.51 17.67 -20.66
N PRO C 163 -9.90 18.08 -21.87
CA PRO C 163 -10.92 17.35 -22.63
C PRO C 163 -10.54 15.89 -22.91
N ARG C 164 -9.25 15.65 -23.14
CA ARG C 164 -8.75 14.30 -23.42
C ARG C 164 -7.44 14.02 -22.66
N ALA C 165 -7.15 12.74 -22.46
CA ALA C 165 -5.85 12.30 -21.94
C ALA C 165 -4.67 12.78 -22.77
N CYS C 166 -4.85 12.87 -24.09
CA CYS C 166 -3.82 13.35 -25.00
C CYS C 166 -3.43 14.79 -24.69
N ASP C 167 -4.42 15.60 -24.34
CA ASP C 167 -4.22 17.00 -23.98
C ASP C 167 -3.53 17.14 -22.64
N SER C 168 -3.94 16.34 -21.66
CA SER C 168 -3.31 16.36 -20.34
C SER C 168 -1.85 15.95 -20.44
N ALA C 169 -1.55 14.98 -21.30
CA ALA C 169 -0.18 14.55 -21.57
C ALA C 169 0.65 15.69 -22.17
N GLU C 170 -0.01 16.50 -23.00
CA GLU C 170 0.62 17.68 -23.58
C GLU C 170 1.00 18.69 -22.49
N VAL C 171 0.09 18.91 -21.53
CA VAL C 171 0.34 19.84 -20.42
C VAL C 171 1.47 19.34 -19.51
N LYS C 172 1.57 18.03 -19.32
CA LYS C 172 2.62 17.45 -18.49
C LYS C 172 3.98 17.69 -19.13
N ALA C 173 4.06 17.44 -20.44
CA ALA C 173 5.29 17.66 -21.21
C ALA C 173 5.69 19.14 -21.23
N TRP C 174 4.69 20.03 -21.23
CA TRP C 174 4.91 21.47 -21.26
C TRP C 174 5.47 21.96 -19.91
N LEU C 175 4.92 21.42 -18.82
CA LEU C 175 5.39 21.74 -17.47
C LEU C 175 6.79 21.18 -17.22
N GLU C 176 7.17 20.15 -17.96
CA GLU C 176 8.49 19.52 -17.81
C GLU C 176 9.59 20.25 -18.56
N THR C 177 9.22 21.05 -19.56
CA THR C 177 10.20 21.86 -20.27
C THR C 177 10.76 22.95 -19.38
N SER C 178 11.95 23.43 -19.76
CA SER C 178 12.61 24.51 -19.07
C SER C 178 11.79 25.81 -19.14
N GLU C 179 11.21 26.09 -20.31
CA GLU C 179 10.49 27.34 -20.55
C GLU C 179 9.11 27.36 -19.91
N GLY C 180 8.42 26.23 -19.94
CA GLY C 180 7.11 26.11 -19.33
C GLY C 180 7.19 26.23 -17.83
N PHE C 181 8.12 25.49 -17.23
CA PHE C 181 8.34 25.54 -15.79
C PHE C 181 8.71 26.94 -15.31
N ALA C 182 9.51 27.66 -16.11
CA ALA C 182 9.95 29.01 -15.77
C ALA C 182 8.78 30.00 -15.68
N VAL C 183 7.85 29.90 -16.64
CA VAL C 183 6.68 30.77 -16.69
C VAL C 183 5.73 30.49 -15.50
N ILE C 184 5.66 29.23 -15.10
CA ILE C 184 4.83 28.82 -13.96
C ILE C 184 5.49 29.23 -12.65
N LYS C 185 6.81 29.14 -12.60
CA LYS C 185 7.57 29.53 -11.42
C LYS C 185 7.44 31.02 -11.12
N GLU C 186 7.37 31.85 -12.16
CA GLU C 186 7.29 33.29 -11.98
C GLU C 186 5.94 33.69 -11.38
N ALA C 187 4.86 33.10 -11.88
CA ALA C 187 3.52 33.40 -11.37
C ALA C 187 3.33 32.92 -9.92
N PHE C 188 3.96 31.80 -9.58
CA PHE C 188 3.90 31.24 -8.24
C PHE C 188 4.66 32.13 -7.25
N ASP C 189 5.84 32.57 -7.67
CA ASP C 189 6.77 33.32 -6.81
C ASP C 189 6.35 34.78 -6.61
N SER C 190 5.48 35.29 -7.47
CA SER C 190 5.02 36.67 -7.41
C SER C 190 4.05 36.92 -6.26
N THR C 191 3.53 35.85 -5.65
CA THR C 191 2.50 35.95 -4.61
C THR C 191 3.05 36.19 -3.20
N SER C 192 4.31 35.81 -2.96
CA SER C 192 4.88 35.92 -1.61
C SER C 192 6.42 36.01 -1.61
N ARG C 193 6.95 36.55 -0.52
CA ARG C 193 8.39 36.70 -0.34
C ARG C 193 9.11 35.36 -0.34
N PHE C 194 8.56 34.41 0.41
CA PHE C 194 9.21 33.11 0.59
C PHE C 194 8.80 32.08 -0.48
N ALA C 195 7.84 32.45 -1.32
CA ALA C 195 7.39 31.56 -2.40
C ALA C 195 8.49 31.36 -3.44
N ARG C 196 9.13 30.19 -3.38
CA ARG C 196 10.17 29.82 -4.34
C ARG C 196 9.94 28.39 -4.83
N LEU C 197 9.38 28.27 -6.03
CA LEU C 197 8.92 27.00 -6.56
C LEU C 197 10.07 26.08 -6.97
N GLN C 198 10.02 24.85 -6.49
CA GLN C 198 11.00 23.81 -6.83
C GLN C 198 10.40 22.92 -7.92
N LYS C 199 11.14 21.89 -8.34
CA LYS C 199 10.71 21.07 -9.48
C LYS C 199 9.32 20.45 -9.27
N LEU C 200 8.45 20.62 -10.26
CA LEU C 200 7.10 20.06 -10.21
C LEU C 200 7.13 18.55 -10.35
N HIS C 201 6.18 17.90 -9.68
CA HIS C 201 5.97 16.46 -9.82
C HIS C 201 4.52 16.24 -10.26
N THR C 202 4.31 15.51 -11.34
CA THR C 202 2.96 15.31 -11.88
C THR C 202 2.61 13.84 -12.10
N SER C 203 1.33 13.55 -12.04
CA SER C 203 0.79 12.22 -12.36
C SER C 203 -0.50 12.40 -13.16
N ILE C 204 -0.60 11.67 -14.26
CA ILE C 204 -1.82 11.65 -15.06
C ILE C 204 -2.62 10.42 -14.69
N ALA C 205 -3.93 10.59 -14.64
CA ALA C 205 -4.88 9.48 -14.54
C ALA C 205 -6.00 9.75 -15.55
N GLY C 206 -5.77 9.38 -16.80
CA GLY C 206 -6.69 9.68 -17.88
C GLY C 206 -6.58 11.14 -18.25
N ARG C 207 -7.72 11.80 -18.39
CA ARG C 207 -7.72 13.24 -18.66
C ARG C 207 -7.49 14.09 -17.41
N ASN C 208 -7.39 13.44 -16.23
CA ASN C 208 -6.93 14.09 -15.02
C ASN C 208 -5.42 14.35 -15.04
N LEU C 209 -5.03 15.41 -14.37
CA LEU C 209 -3.63 15.77 -14.20
C LEU C 209 -3.45 16.33 -12.80
N TYR C 210 -2.65 15.64 -11.99
CA TYR C 210 -2.40 16.03 -10.61
C TYR C 210 -1.03 16.69 -10.56
N ILE C 211 -0.98 17.95 -10.14
CA ILE C 211 0.27 18.71 -10.13
C ILE C 211 0.64 19.02 -8.68
N ARG C 212 1.85 18.62 -8.29
CA ARG C 212 2.33 18.77 -6.92
C ARG C 212 3.31 19.96 -6.84
N PHE C 213 2.78 21.12 -6.46
CA PHE C 213 3.59 22.32 -6.25
C PHE C 213 4.28 22.22 -4.91
N GLN C 214 5.61 22.42 -4.88
CA GLN C 214 6.38 22.33 -3.64
C GLN C 214 7.22 23.58 -3.46
N SER C 215 7.27 24.10 -2.24
CA SER C 215 8.05 25.31 -1.97
C SER C 215 8.27 25.53 -0.47
N ARG C 216 9.38 26.20 -0.15
CA ARG C 216 9.62 26.67 1.21
C ARG C 216 8.60 27.75 1.56
N SER C 217 8.53 28.10 2.84
CA SER C 217 7.52 29.04 3.32
C SER C 217 8.04 29.90 4.47
N GLY C 218 9.35 30.10 4.50
CA GLY C 218 10.00 30.71 5.65
C GLY C 218 9.74 29.86 6.88
N ASP C 219 9.23 30.49 7.94
CA ASP C 219 8.97 29.84 9.21
C ASP C 219 7.52 29.42 9.39
N ALA C 220 6.66 29.71 8.41
CA ALA C 220 5.29 29.25 8.44
C ALA C 220 5.20 27.81 7.98
N MET C 221 4.15 27.12 8.42
CA MET C 221 3.86 25.77 7.93
C MET C 221 3.59 25.82 6.44
N GLY C 222 2.83 26.84 6.04
CA GLY C 222 2.79 27.27 4.65
C GLY C 222 1.61 26.83 3.82
N MET C 223 0.53 26.36 4.44
CA MET C 223 -0.64 25.87 3.69
C MET C 223 -1.31 27.01 2.90
N ASN C 224 -1.59 28.14 3.56
CA ASN C 224 -2.28 29.25 2.91
C ASN C 224 -1.43 29.89 1.83
N MET C 225 -0.13 29.95 2.06
CA MET C 225 0.78 30.61 1.15
C MET C 225 0.99 29.81 -0.14
N ILE C 226 1.17 28.50 -0.01
CA ILE C 226 1.34 27.63 -1.19
C ILE C 226 0.05 27.59 -2.02
N SER C 227 -1.10 27.68 -1.37
CA SER C 227 -2.40 27.68 -2.08
C SER C 227 -2.63 28.97 -2.87
N LYS C 228 -2.07 30.08 -2.40
CA LYS C 228 -2.17 31.35 -3.13
C LYS C 228 -1.26 31.30 -4.37
N GLY C 229 -0.04 30.82 -4.18
CA GLY C 229 0.89 30.62 -5.28
C GLY C 229 0.40 29.59 -6.28
N THR C 230 -0.35 28.60 -5.80
CA THR C 230 -0.89 27.54 -6.64
C THR C 230 -2.01 28.09 -7.51
N GLU C 231 -2.87 28.92 -6.94
CA GLU C 231 -4.01 29.49 -7.67
C GLU C 231 -3.55 30.44 -8.78
N LYS C 232 -2.51 31.21 -8.51
CA LYS C 232 -1.96 32.14 -9.51
C LYS C 232 -1.18 31.39 -10.58
N ALA C 233 -0.55 30.29 -10.20
CA ALA C 233 0.20 29.46 -11.12
C ALA C 233 -0.73 28.75 -12.10
N LEU C 234 -1.85 28.26 -11.59
CA LEU C 234 -2.87 27.61 -12.40
C LEU C 234 -3.59 28.62 -13.32
N SER C 235 -3.62 29.88 -12.90
CA SER C 235 -4.22 30.95 -13.69
C SER C 235 -3.39 31.23 -14.94
N LYS C 236 -2.07 31.21 -14.79
CA LYS C 236 -1.15 31.38 -15.91
C LYS C 236 -1.18 30.17 -16.85
N LEU C 237 -1.32 28.98 -16.27
CA LEU C 237 -1.44 27.75 -17.04
C LEU C 237 -2.72 27.78 -17.88
N HIS C 238 -3.75 28.44 -17.37
CA HIS C 238 -5.03 28.56 -18.06
C HIS C 238 -4.93 29.39 -19.34
N GLU C 239 -4.03 30.38 -19.35
CA GLU C 239 -3.78 31.19 -20.54
C GLU C 239 -3.09 30.40 -21.65
N TYR C 240 -2.23 29.46 -21.26
CA TYR C 240 -1.55 28.58 -22.23
C TYR C 240 -2.41 27.40 -22.67
N PHE C 241 -3.43 27.06 -21.87
CA PHE C 241 -4.31 25.93 -22.13
C PHE C 241 -5.72 26.29 -21.66
N PRO C 242 -6.47 27.02 -22.47
CA PRO C 242 -7.81 27.50 -22.08
C PRO C 242 -8.84 26.41 -21.79
N GLU C 243 -8.73 25.25 -22.43
CA GLU C 243 -9.67 24.14 -22.21
C GLU C 243 -9.51 23.44 -20.84
N MET C 244 -8.39 23.72 -20.15
CA MET C 244 -8.14 23.20 -18.80
C MET C 244 -9.19 23.68 -17.80
N GLN C 245 -9.75 22.73 -17.05
CA GLN C 245 -10.68 23.00 -15.96
C GLN C 245 -9.96 22.71 -14.65
N ILE C 246 -10.03 23.63 -13.70
CA ILE C 246 -9.45 23.42 -12.37
C ILE C 246 -10.51 22.74 -11.50
N LEU C 247 -10.47 21.42 -11.47
CA LEU C 247 -11.48 20.62 -10.74
C LEU C 247 -11.48 20.94 -9.24
N ALA C 248 -10.29 20.96 -8.63
CA ALA C 248 -10.16 21.25 -7.20
C ALA C 248 -8.73 21.64 -6.83
N VAL C 249 -8.59 22.71 -6.05
CA VAL C 249 -7.28 23.24 -5.68
C VAL C 249 -6.46 22.24 -4.84
N SER C 250 -7.17 21.30 -4.21
CA SER C 250 -6.54 20.10 -3.66
C SER C 250 -7.18 18.86 -4.28
N GLY C 251 -6.37 18.08 -4.98
CA GLY C 251 -6.79 16.79 -5.51
C GLY C 251 -6.24 15.60 -4.75
N ASN C 252 -6.00 15.78 -3.44
CA ASN C 252 -5.44 14.74 -2.56
C ASN C 252 -4.05 14.24 -2.95
N TYR C 253 -3.35 15.01 -3.76
CA TYR C 253 -2.03 14.63 -4.25
C TYR C 253 -0.92 15.33 -3.47
N CYS C 254 -1.32 16.12 -2.47
CA CYS C 254 -0.37 16.92 -1.68
C CYS C 254 0.61 16.08 -0.87
N THR C 255 0.18 15.12 -0.04
CA THR C 255 -1.20 14.90 0.41
C THR C 255 -1.33 15.38 1.86
N ASP C 256 -2.43 16.05 2.17
CA ASP C 256 -2.62 16.69 3.47
C ASP C 256 -3.63 15.95 4.33
N LYS C 257 -3.19 15.56 5.53
CA LYS C 257 -4.06 14.99 6.55
C LYS C 257 -4.69 13.63 6.20
N LYS C 258 -4.13 12.95 5.20
CA LYS C 258 -4.47 11.56 4.91
C LYS C 258 -3.19 10.73 4.71
N PRO C 259 -3.18 9.47 5.13
CA PRO C 259 -2.02 8.61 4.86
C PRO C 259 -1.78 8.52 3.36
N ALA C 260 -0.52 8.64 2.94
CA ALA C 260 -0.18 8.64 1.53
C ALA C 260 1.30 8.35 1.32
N ALA C 261 1.59 7.41 0.43
CA ALA C 261 2.96 7.00 0.12
C ALA C 261 3.76 8.11 -0.53
N ILE C 262 3.09 9.08 -1.17
CA ILE C 262 3.81 10.19 -1.80
C ILE C 262 4.51 11.06 -0.76
N ASN C 263 3.92 11.23 0.42
CA ASN C 263 4.61 11.96 1.49
C ASN C 263 5.82 11.19 2.03
N TRP C 264 5.67 9.87 2.15
CA TRP C 264 6.74 8.99 2.64
C TRP C 264 7.96 8.97 1.71
N ILE C 265 7.70 9.03 0.41
CA ILE C 265 8.72 8.81 -0.60
C ILE C 265 9.33 10.12 -1.10
N GLU C 266 8.48 11.11 -1.35
CA GLU C 266 8.94 12.43 -1.83
C GLU C 266 9.18 13.41 -0.69
N GLY C 267 8.58 13.17 0.46
CA GLY C 267 8.66 14.09 1.59
C GLY C 267 7.59 15.16 1.52
N ARG C 268 7.33 15.77 2.67
CA ARG C 268 6.41 16.91 2.76
C ARG C 268 6.74 17.72 4.01
N GLY C 269 6.85 19.03 3.85
CA GLY C 269 7.36 19.87 4.92
C GLY C 269 8.82 19.53 5.13
N LYS C 270 9.21 19.29 6.38
CA LYS C 270 10.61 18.99 6.70
C LYS C 270 10.86 17.49 6.75
N SER C 271 11.80 17.01 5.94
CA SER C 271 12.33 15.67 6.09
C SER C 271 13.54 15.77 7.03
N VAL C 272 13.61 14.86 8.00
CA VAL C 272 14.59 14.93 9.07
C VAL C 272 15.09 13.55 9.45
N VAL C 273 16.38 13.46 9.76
CA VAL C 273 16.97 12.25 10.33
C VAL C 273 17.64 12.62 11.67
N CYS C 274 17.68 11.66 12.59
CA CYS C 274 18.30 11.85 13.90
C CYS C 274 19.01 10.56 14.31
N GLU C 275 20.03 10.66 15.14
CA GLU C 275 20.78 9.48 15.57
C GLU C 275 21.50 9.64 16.92
N ALA C 276 21.86 8.52 17.53
CA ALA C 276 22.66 8.52 18.75
C ALA C 276 23.23 7.13 19.00
N VAL C 277 24.28 7.05 19.80
CA VAL C 277 24.83 5.78 20.26
C VAL C 277 24.71 5.73 21.80
N ILE C 278 24.05 4.68 22.29
CA ILE C 278 23.84 4.50 23.73
C ILE C 278 24.81 3.42 24.22
N PRO C 279 25.76 3.80 25.09
CA PRO C 279 26.71 2.83 25.65
C PRO C 279 26.02 1.65 26.33
N ALA C 280 26.66 0.48 26.29
CA ALA C 280 26.07 -0.75 26.84
C ALA C 280 25.66 -0.59 28.30
N LYS C 281 26.50 0.07 29.10
CA LYS C 281 26.23 0.27 30.51
C LYS C 281 24.97 1.09 30.72
N VAL C 282 24.79 2.14 29.92
CA VAL C 282 23.62 3.00 29.99
C VAL C 282 22.33 2.26 29.61
N VAL C 283 22.44 1.29 28.70
CA VAL C 283 21.29 0.48 28.28
C VAL C 283 20.86 -0.44 29.42
N ARG C 284 21.82 -0.93 30.20
CA ARG C 284 21.53 -1.82 31.34
C ARG C 284 20.94 -1.06 32.53
N GLU C 285 21.53 0.08 32.85
CA GLU C 285 21.23 0.80 34.10
C GLU C 285 20.04 1.73 33.98
N VAL C 286 19.98 2.47 32.87
CA VAL C 286 18.90 3.43 32.65
C VAL C 286 17.68 2.77 32.01
N LEU C 287 17.91 1.86 31.07
CA LEU C 287 16.84 1.28 30.25
C LEU C 287 16.46 -0.16 30.65
N LYS C 288 17.22 -0.78 31.55
CA LYS C 288 16.87 -2.08 32.14
C LYS C 288 16.78 -3.20 31.12
N THR C 289 17.69 -3.20 30.15
CA THR C 289 17.72 -4.19 29.08
C THR C 289 19.13 -4.30 28.49
N THR C 290 19.26 -5.03 27.38
CA THR C 290 20.51 -5.09 26.62
C THR C 290 20.34 -4.60 25.20
N THR C 291 21.47 -4.33 24.55
CA THR C 291 21.48 -3.89 23.15
C THR C 291 20.94 -4.97 22.24
N GLU C 292 21.35 -6.21 22.49
CA GLU C 292 20.89 -7.37 21.73
C GLU C 292 19.37 -7.53 21.80
N ALA C 293 18.78 -7.25 22.96
CA ALA C 293 17.34 -7.41 23.15
C ALA C 293 16.54 -6.29 22.49
N MET C 294 17.10 -5.09 22.50
CA MET C 294 16.50 -3.93 21.85
C MET C 294 16.46 -4.12 20.34
N ILE C 295 17.58 -4.58 19.77
CA ILE C 295 17.71 -4.81 18.34
C ILE C 295 16.72 -5.86 17.86
N GLU C 296 16.60 -6.95 18.61
CA GLU C 296 15.71 -8.04 18.24
C GLU C 296 14.25 -7.61 18.21
N VAL C 297 13.88 -6.74 19.15
CA VAL C 297 12.51 -6.25 19.25
C VAL C 297 12.24 -5.21 18.17
N ASN C 298 13.23 -4.38 17.85
CA ASN C 298 13.04 -3.35 16.83
C ASN C 298 12.87 -3.96 15.45
N ILE C 299 13.66 -4.98 15.14
CA ILE C 299 13.55 -5.63 13.85
C ILE C 299 12.16 -6.26 13.72
N ASN C 300 11.77 -7.05 14.71
CA ASN C 300 10.57 -7.87 14.60
C ASN C 300 9.26 -7.16 14.94
N LYS C 301 9.37 -5.99 15.55
CA LYS C 301 8.20 -5.16 15.85
C LYS C 301 8.11 -4.07 14.79
N ASN C 302 9.09 -3.18 14.78
CA ASN C 302 9.03 -1.98 13.95
C ASN C 302 9.24 -2.20 12.45
N LEU C 303 9.89 -3.29 12.05
CA LEU C 303 10.03 -3.61 10.62
C LEU C 303 9.08 -4.74 10.22
N VAL C 304 9.34 -5.94 10.71
CA VAL C 304 8.59 -7.12 10.30
C VAL C 304 7.12 -7.02 10.70
N GLY C 305 6.86 -6.53 11.90
CA GLY C 305 5.50 -6.43 12.41
C GLY C 305 4.67 -5.41 11.66
N SER C 306 5.23 -4.23 11.44
CA SER C 306 4.58 -3.20 10.63
C SER C 306 4.39 -3.71 9.20
N ALA C 307 5.33 -4.52 8.74
CA ALA C 307 5.24 -5.13 7.40
C ALA C 307 4.05 -6.08 7.32
N MET C 308 3.90 -6.97 8.31
CA MET C 308 2.81 -7.94 8.33
C MET C 308 1.43 -7.27 8.49
N ALA C 309 1.42 -6.05 9.05
CA ALA C 309 0.20 -5.26 9.22
C ALA C 309 -0.14 -4.39 8.01
N GLY C 310 0.73 -4.35 7.01
CA GLY C 310 0.47 -3.60 5.80
C GLY C 310 0.68 -2.10 6.00
N SER C 311 1.79 -1.75 6.63
CA SER C 311 2.09 -0.37 6.94
C SER C 311 2.84 0.34 5.83
N ILE C 312 2.40 1.56 5.52
CA ILE C 312 3.18 2.49 4.73
C ILE C 312 3.61 3.60 5.68
N GLY C 313 4.89 3.60 6.04
CA GLY C 313 5.47 4.68 6.81
C GLY C 313 5.30 4.57 8.31
N GLY C 314 4.74 3.45 8.78
CA GLY C 314 4.51 3.23 10.20
C GLY C 314 5.50 2.23 10.80
N TYR C 315 6.78 2.43 10.51
CA TYR C 315 7.83 1.54 11.00
C TYR C 315 8.45 2.10 12.27
N ASN C 316 7.61 2.32 13.26
CA ASN C 316 8.01 2.87 14.55
C ASN C 316 7.10 2.35 15.66
N ALA C 317 7.43 2.66 16.91
CA ALA C 317 6.63 2.21 18.06
C ALA C 317 5.49 3.18 18.37
N HIS C 318 5.83 4.44 18.59
CA HIS C 318 4.83 5.41 19.03
C HIS C 318 5.23 6.86 18.77
N ALA C 319 5.84 7.11 17.62
CA ALA C 319 6.17 8.48 17.19
C ALA C 319 4.97 9.42 17.29
N ALA C 320 3.79 8.90 17.00
CA ALA C 320 2.56 9.69 17.01
C ALA C 320 2.32 10.33 18.38
N ASN C 321 2.54 9.58 19.45
CA ASN C 321 2.42 10.10 20.80
C ASN C 321 3.23 11.38 21.03
N ILE C 322 4.50 11.35 20.63
CA ILE C 322 5.41 12.48 20.84
C ILE C 322 5.07 13.63 19.90
N VAL C 323 4.87 13.31 18.62
CA VAL C 323 4.49 14.32 17.64
C VAL C 323 3.24 15.06 18.08
N THR C 324 2.25 14.31 18.58
CA THR C 324 0.96 14.90 18.94
C THR C 324 1.06 15.81 20.15
N ALA C 325 1.83 15.39 21.15
CA ALA C 325 1.97 16.14 22.37
C ALA C 325 2.72 17.45 22.12
N ILE C 326 3.78 17.40 21.32
CA ILE C 326 4.53 18.61 21.01
C ILE C 326 3.66 19.56 20.17
N TYR C 327 2.97 19.00 19.17
CA TYR C 327 2.13 19.77 18.26
C TYR C 327 1.03 20.56 18.96
N ILE C 328 0.37 19.95 19.94
CA ILE C 328 -0.68 20.62 20.69
C ILE C 328 -0.08 21.76 21.54
N ALA C 329 0.99 21.45 22.26
CA ALA C 329 1.68 22.41 23.10
C ALA C 329 2.23 23.60 22.33
N CYS C 330 2.65 23.37 21.08
CA CYS C 330 3.39 24.36 20.31
C CYS C 330 2.58 25.05 19.20
N GLY C 331 1.25 24.88 19.23
CA GLY C 331 0.37 25.60 18.31
C GLY C 331 0.32 25.08 16.88
N GLN C 332 0.77 23.85 16.68
CA GLN C 332 0.71 23.20 15.38
C GLN C 332 -0.70 22.71 15.08
N ASP C 333 -0.95 22.39 13.81
CA ASP C 333 -2.17 21.71 13.39
C ASP C 333 -2.05 20.23 13.76
N ALA C 334 -2.74 19.82 14.82
CA ALA C 334 -2.57 18.47 15.35
C ALA C 334 -3.17 17.39 14.45
N ALA C 335 -4.05 17.78 13.54
CA ALA C 335 -4.56 16.87 12.52
C ALA C 335 -3.47 16.41 11.57
N GLN C 336 -2.42 17.22 11.44
CA GLN C 336 -1.27 16.89 10.60
C GLN C 336 -0.37 15.82 11.20
N ASN C 337 -0.68 15.37 12.42
CA ASN C 337 -0.05 14.19 12.99
C ASN C 337 -0.17 12.94 12.10
N VAL C 338 -1.19 12.89 11.25
CA VAL C 338 -1.41 11.75 10.35
C VAL C 338 -0.17 11.48 9.51
N GLY C 339 0.31 12.51 8.82
CA GLY C 339 1.51 12.40 8.00
C GLY C 339 2.80 12.72 8.74
N SER C 340 2.73 13.64 9.70
CA SER C 340 3.93 14.07 10.44
C SER C 340 4.55 13.00 11.33
N SER C 341 3.76 11.98 11.67
CA SER C 341 4.22 10.84 12.46
C SER C 341 4.92 9.75 11.65
N ASN C 342 4.91 9.86 10.32
CA ASN C 342 5.67 8.96 9.47
C ASN C 342 7.08 8.83 10.03
N CYS C 343 7.50 7.60 10.34
CA CYS C 343 8.79 7.38 10.98
C CYS C 343 9.26 5.96 10.80
N ILE C 344 10.54 5.80 10.48
CA ILE C 344 11.20 4.50 10.57
C ILE C 344 12.30 4.56 11.61
N THR C 345 12.23 3.65 12.58
CA THR C 345 13.18 3.56 13.68
C THR C 345 14.07 2.37 13.45
N LEU C 346 15.38 2.62 13.32
CA LEU C 346 16.37 1.57 13.08
C LEU C 346 17.30 1.44 14.28
N MET C 347 17.61 0.21 14.64
CA MET C 347 18.55 -0.09 15.72
C MET C 347 19.58 -1.13 15.28
N GLU C 348 20.82 -0.96 15.71
CA GLU C 348 21.89 -1.88 15.34
C GLU C 348 23.09 -1.83 16.29
N ALA C 349 23.99 -2.79 16.13
CA ALA C 349 25.14 -2.93 16.98
C ALA C 349 26.16 -1.86 16.64
N SER C 350 26.80 -1.31 17.67
CA SER C 350 27.88 -0.34 17.50
C SER C 350 29.00 -0.62 18.51
N GLY C 351 30.17 -0.06 18.24
CA GLY C 351 31.28 -0.14 19.17
C GLY C 351 32.16 -1.36 18.93
N PRO C 352 33.22 -1.47 19.72
CA PRO C 352 34.28 -2.47 19.48
C PRO C 352 33.77 -3.90 19.48
N THR C 353 32.88 -4.20 20.43
CA THR C 353 32.36 -5.54 20.66
C THR C 353 30.85 -5.64 20.40
N ASN C 354 30.32 -4.77 19.54
CA ASN C 354 28.89 -4.75 19.20
C ASN C 354 27.95 -4.71 20.41
N GLU C 355 28.36 -4.00 21.47
CA GLU C 355 27.57 -3.96 22.70
C GLU C 355 26.81 -2.66 22.92
N ASP C 356 27.16 -1.61 22.16
CA ASP C 356 26.45 -0.33 22.24
C ASP C 356 25.33 -0.27 21.19
N LEU C 357 24.34 0.57 21.45
CA LEU C 357 23.14 0.65 20.63
C LEU C 357 23.17 1.87 19.74
N TYR C 358 23.37 1.67 18.44
CA TYR C 358 23.09 2.72 17.47
C TYR C 358 21.57 2.79 17.22
N ILE C 359 21.01 3.98 17.33
CA ILE C 359 19.59 4.22 17.10
C ILE C 359 19.42 5.42 16.18
N SER C 360 18.48 5.33 15.25
CA SER C 360 18.13 6.47 14.41
C SER C 360 16.65 6.47 14.07
N CYS C 361 16.07 7.66 13.99
CA CYS C 361 14.73 7.83 13.46
C CYS C 361 14.81 8.69 12.22
N THR C 362 14.07 8.31 11.18
CA THR C 362 13.97 9.11 9.98
C THR C 362 12.50 9.45 9.73
N MET C 363 12.22 10.74 9.61
CA MET C 363 10.86 11.26 9.53
C MET C 363 10.76 12.20 8.33
N PRO C 364 10.31 11.68 7.18
CA PRO C 364 10.35 12.42 5.92
C PRO C 364 9.27 13.48 5.72
N SER C 365 8.25 13.55 6.56
CA SER C 365 7.13 14.48 6.33
C SER C 365 6.60 15.16 7.59
N ILE C 366 7.49 15.76 8.36
CA ILE C 366 7.11 16.60 9.49
C ILE C 366 6.58 17.95 8.97
N GLU C 367 5.27 18.16 9.11
CA GLU C 367 4.61 19.40 8.68
C GLU C 367 4.48 20.32 9.89
N ILE C 368 5.17 21.46 9.83
CA ILE C 368 5.43 22.26 11.03
C ILE C 368 5.74 23.73 10.74
N GLY C 369 5.61 24.56 11.78
CA GLY C 369 5.81 26.00 11.69
C GLY C 369 5.85 26.70 13.04
N THR C 370 6.48 27.86 13.05
CA THR C 370 6.57 28.70 14.25
C THR C 370 5.84 30.04 14.10
N VAL C 371 5.29 30.30 12.92
CA VAL C 371 4.44 31.46 12.66
C VAL C 371 3.14 31.01 11.98
N GLY C 372 2.05 31.74 12.26
CA GLY C 372 0.77 31.47 11.66
C GLY C 372 -0.02 30.42 12.40
N GLY C 373 -1.34 30.43 12.22
CA GLY C 373 -2.22 29.46 12.84
C GLY C 373 -2.27 29.61 14.35
N GLY C 374 -2.12 28.48 15.05
CA GLY C 374 -2.16 28.45 16.50
C GLY C 374 -0.89 28.94 17.19
N THR C 375 0.17 29.21 16.42
CA THR C 375 1.39 29.80 16.98
C THR C 375 1.28 31.32 17.15
N ASN C 376 0.14 31.88 16.77
CA ASN C 376 -0.16 33.29 17.02
C ASN C 376 -0.80 33.52 18.40
N LEU C 377 -1.13 32.44 19.09
CA LEU C 377 -1.73 32.52 20.43
C LEU C 377 -0.65 32.45 21.51
N LEU C 378 -0.81 33.26 22.56
CA LEU C 378 0.26 33.48 23.55
C LEU C 378 0.69 32.26 24.37
N PRO C 379 -0.25 31.45 24.85
CA PRO C 379 0.12 30.21 25.56
C PRO C 379 0.97 29.27 24.71
N GLN C 380 0.58 29.10 23.45
CA GLN C 380 1.33 28.24 22.53
C GLN C 380 2.70 28.85 22.25
N GLN C 381 2.76 30.18 22.16
CA GLN C 381 4.02 30.90 21.93
C GLN C 381 5.02 30.70 23.07
N ALA C 382 4.50 30.53 24.28
CA ALA C 382 5.34 30.33 25.46
C ALA C 382 6.11 29.03 25.37
N CYS C 383 5.44 27.98 24.89
CA CYS C 383 6.06 26.67 24.67
C CYS C 383 7.07 26.72 23.52
N LEU C 384 6.75 27.52 22.50
CA LEU C 384 7.69 27.75 21.41
C LEU C 384 8.91 28.53 21.93
N GLN C 385 8.70 29.43 22.88
CA GLN C 385 9.77 30.23 23.47
C GLN C 385 10.69 29.41 24.38
N MET C 386 10.12 28.42 25.07
CA MET C 386 10.89 27.46 25.85
C MET C 386 12.02 26.85 25.01
N LEU C 387 11.70 26.54 23.76
CA LEU C 387 12.63 25.89 22.84
C LEU C 387 13.50 26.87 22.04
N GLY C 388 13.21 28.17 22.17
CA GLY C 388 13.98 29.21 21.49
C GLY C 388 13.69 29.28 20.01
N VAL C 389 12.45 28.98 19.62
CA VAL C 389 12.05 28.92 18.20
C VAL C 389 10.76 29.67 17.87
N GLN C 390 10.22 30.44 18.82
CA GLN C 390 8.99 31.18 18.57
C GLN C 390 9.16 32.23 17.49
N GLY C 391 8.15 32.36 16.63
CA GLY C 391 8.10 33.41 15.63
C GLY C 391 9.08 33.23 14.49
N ALA C 392 9.16 34.24 13.63
CA ALA C 392 10.08 34.23 12.50
C ALA C 392 11.53 34.44 12.95
N CYS C 393 12.46 33.97 12.13
CA CYS C 393 13.89 34.22 12.30
C CYS C 393 14.36 35.15 11.18
N LYS C 394 14.55 36.42 11.52
CA LYS C 394 14.86 37.47 10.54
C LYS C 394 16.13 37.21 9.72
N ASP C 395 17.20 36.80 10.39
CA ASP C 395 18.48 36.59 9.73
C ASP C 395 18.46 35.40 8.76
N ASN C 396 17.79 34.32 9.18
CA ASN C 396 17.79 33.07 8.44
C ASN C 396 16.37 32.51 8.34
N PRO C 397 15.56 33.05 7.43
CA PRO C 397 14.15 32.65 7.30
C PRO C 397 13.97 31.15 7.12
N GLY C 398 13.18 30.54 8.01
CA GLY C 398 12.93 29.12 8.01
C GLY C 398 13.76 28.34 9.02
N GLU C 399 14.60 29.03 9.79
CA GLU C 399 15.54 28.37 10.71
C GLU C 399 14.84 27.95 12.01
N ASN C 400 13.84 28.72 12.43
CA ASN C 400 13.06 28.37 13.61
C ASN C 400 12.20 27.12 13.38
N ALA C 401 11.53 27.03 12.22
CA ALA C 401 10.71 25.87 11.87
C ALA C 401 11.55 24.61 11.61
N ARG C 402 12.75 24.81 11.08
CA ARG C 402 13.70 23.71 10.86
C ARG C 402 14.20 23.15 12.20
N GLN C 403 14.36 24.03 13.18
CA GLN C 403 14.87 23.66 14.49
C GLN C 403 13.81 22.91 15.29
N LEU C 404 12.56 23.35 15.20
CA LEU C 404 11.45 22.65 15.84
C LEU C 404 11.29 21.24 15.26
N ALA C 405 11.44 21.11 13.95
CA ALA C 405 11.36 19.82 13.28
C ALA C 405 12.44 18.88 13.80
N ARG C 406 13.65 19.39 13.99
CA ARG C 406 14.75 18.60 14.55
C ARG C 406 14.47 18.20 16.00
N ILE C 407 13.88 19.11 16.76
CA ILE C 407 13.47 18.84 18.14
C ILE C 407 12.40 17.72 18.18
N VAL C 408 11.46 17.74 17.24
CA VAL C 408 10.41 16.73 17.17
C VAL C 408 11.02 15.37 16.86
N CYS C 409 11.89 15.31 15.86
CA CYS C 409 12.52 14.06 15.47
C CYS C 409 13.43 13.51 16.58
N GLY C 410 14.07 14.41 17.32
CA GLY C 410 14.94 14.02 18.41
C GLY C 410 14.17 13.52 19.62
N THR C 411 13.08 14.22 19.94
CA THR C 411 12.20 13.80 21.02
C THR C 411 11.49 12.49 20.71
N VAL C 412 11.13 12.30 19.44
CA VAL C 412 10.56 11.04 18.98
C VAL C 412 11.56 9.93 19.21
N MET C 413 12.82 10.16 18.86
CA MET C 413 13.86 9.14 19.05
C MET C 413 14.02 8.79 20.53
N ALA C 414 13.96 9.80 21.40
CA ALA C 414 13.99 9.58 22.84
C ALA C 414 12.82 8.70 23.27
N GLY C 415 11.63 8.99 22.73
CA GLY C 415 10.44 8.20 22.97
C GLY C 415 10.54 6.75 22.49
N GLU C 416 11.23 6.55 21.36
CA GLU C 416 11.43 5.21 20.82
C GLU C 416 12.39 4.40 21.67
N LEU C 417 13.46 5.04 22.12
CA LEU C 417 14.42 4.39 23.01
C LEU C 417 13.73 3.86 24.26
N SER C 418 12.96 4.73 24.92
CA SER C 418 12.34 4.40 26.20
C SER C 418 11.28 3.31 26.08
N LEU C 419 10.29 3.50 25.22
CA LEU C 419 9.23 2.49 25.06
C LEU C 419 9.78 1.14 24.58
N MET C 420 10.71 1.15 23.63
CA MET C 420 11.28 -0.09 23.11
C MET C 420 12.06 -0.86 24.19
N ALA C 421 12.70 -0.13 25.09
CA ALA C 421 13.40 -0.73 26.22
C ALA C 421 12.43 -1.37 27.21
N ALA C 422 11.30 -0.72 27.45
CA ALA C 422 10.28 -1.27 28.33
C ALA C 422 9.64 -2.53 27.74
N LEU C 423 9.47 -2.56 26.42
CA LEU C 423 8.86 -3.70 25.74
C LEU C 423 9.81 -4.88 25.71
N ALA C 424 11.10 -4.60 25.57
CA ALA C 424 12.16 -5.63 25.55
C ALA C 424 12.36 -6.25 26.93
N ALA C 425 12.15 -5.45 27.98
CA ALA C 425 12.35 -5.89 29.35
C ALA C 425 11.18 -6.76 29.84
N GLY C 426 10.00 -6.56 29.27
CA GLY C 426 8.84 -7.37 29.61
C GLY C 426 8.14 -6.89 30.87
N HIS C 427 7.27 -7.74 31.43
CA HIS C 427 6.49 -7.42 32.63
C HIS C 427 6.07 -5.95 32.67
N GLY D 24 5.60 20.66 57.76
CA GLY D 24 6.81 20.26 57.01
C GLY D 24 7.16 21.23 55.89
N ALA D 25 6.65 20.97 54.70
CA ALA D 25 6.96 21.77 53.51
C ALA D 25 6.25 23.13 53.51
N LYS D 26 5.10 23.20 54.19
CA LYS D 26 4.31 24.44 54.25
C LYS D 26 5.02 25.56 55.01
N PHE D 27 5.90 25.18 55.93
CA PHE D 27 6.64 26.14 56.75
C PHE D 27 7.77 26.83 55.98
N LEU D 28 8.42 26.08 55.07
CA LEU D 28 9.50 26.62 54.23
C LEU D 28 8.95 27.58 53.18
N SER D 29 9.84 28.32 52.52
CA SER D 29 9.47 29.23 51.43
C SER D 29 9.81 28.59 50.08
N ASP D 30 9.50 29.31 48.98
CA ASP D 30 9.79 28.81 47.64
C ASP D 30 11.30 28.71 47.39
N ALA D 31 12.02 29.78 47.71
CA ALA D 31 13.47 29.84 47.50
C ALA D 31 14.24 28.78 48.30
N GLU D 32 13.73 28.42 49.48
CA GLU D 32 14.37 27.44 50.35
C GLU D 32 14.22 26.01 49.81
N ILE D 33 13.03 25.68 49.29
CA ILE D 33 12.74 24.34 48.80
C ILE D 33 13.55 24.02 47.55
N ILE D 34 13.75 25.02 46.70
CA ILE D 34 14.55 24.87 45.50
C ILE D 34 16.03 24.71 45.85
N GLN D 35 16.46 25.37 46.92
CA GLN D 35 17.83 25.22 47.44
C GLN D 35 18.12 23.77 47.83
N LEU D 36 17.09 23.06 48.28
CA LEU D 36 17.20 21.65 48.64
C LEU D 36 17.30 20.73 47.43
N VAL D 37 16.55 21.05 46.36
CA VAL D 37 16.51 20.19 45.16
C VAL D 37 17.83 20.22 44.40
N ASN D 38 18.44 21.39 44.28
CA ASN D 38 19.74 21.55 43.64
C ASN D 38 20.87 20.91 44.44
N ALA D 39 20.70 20.83 45.76
CA ALA D 39 21.71 20.27 46.65
C ALA D 39 21.47 18.79 46.97
N LYS D 40 21.11 18.01 45.93
CA LYS D 40 20.99 16.55 46.02
C LYS D 40 20.19 16.06 47.24
N HIS D 41 19.05 16.68 47.50
CA HIS D 41 18.21 16.36 48.65
C HIS D 41 16.73 16.37 48.26
N LEU D 50 5.35 15.45 48.87
CA LEU D 50 6.40 16.24 49.49
C LEU D 50 5.86 17.64 49.85
N ILE D 51 5.36 18.34 48.84
CA ILE D 51 4.67 19.62 49.04
C ILE D 51 3.19 19.31 49.28
N GLU D 52 2.54 20.13 50.10
CA GLU D 52 1.18 19.82 50.59
C GLU D 52 0.06 20.13 49.59
N THR D 53 0.31 21.07 48.68
CA THR D 53 -0.69 21.47 47.68
C THR D 53 -0.17 21.21 46.26
N HIS D 54 -1.06 20.78 45.37
CA HIS D 54 -0.68 20.42 43.99
C HIS D 54 -0.27 21.63 43.16
N GLU D 55 -1.01 22.73 43.32
CA GLU D 55 -0.73 23.95 42.54
C GLU D 55 0.63 24.56 42.84
N ARG D 56 1.09 24.42 44.09
CA ARG D 56 2.40 24.95 44.47
C ARG D 56 3.55 24.11 43.92
N GLY D 57 3.33 22.80 43.84
CA GLY D 57 4.28 21.90 43.22
C GLY D 57 4.51 22.20 41.75
N VAL D 58 3.44 22.62 41.07
CA VAL D 58 3.53 23.03 39.67
C VAL D 58 4.32 24.34 39.56
N SER D 59 4.15 25.22 40.53
CA SER D 59 4.85 26.51 40.54
C SER D 59 6.35 26.34 40.78
N ILE D 60 6.71 25.42 41.66
CA ILE D 60 8.12 25.17 41.97
C ILE D 60 8.81 24.51 40.79
N ARG D 61 8.09 23.65 40.06
CA ARG D 61 8.64 23.01 38.86
C ARG D 61 8.85 24.02 37.74
N ARG D 62 7.98 25.02 37.65
CA ARG D 62 8.15 26.11 36.69
C ARG D 62 9.40 26.94 37.01
N GLN D 63 9.62 27.20 38.29
CA GLN D 63 10.78 27.98 38.73
C GLN D 63 12.09 27.22 38.53
N LEU D 64 12.07 25.92 38.79
CA LEU D 64 13.23 25.06 38.54
C LEU D 64 13.56 25.01 37.05
N LEU D 65 12.52 24.83 36.23
CA LEU D 65 12.65 24.78 34.78
C LEU D 65 13.09 26.13 34.21
N SER D 66 12.68 27.21 34.87
CA SER D 66 13.03 28.56 34.45
C SER D 66 14.54 28.75 34.43
N LYS D 67 15.22 28.14 35.41
CA LYS D 67 16.66 28.26 35.57
C LYS D 67 17.47 27.58 34.45
N LYS D 68 16.82 26.74 33.67
CA LYS D 68 17.47 26.01 32.57
C LYS D 68 17.26 26.69 31.21
N LEU D 69 16.22 27.51 31.08
CA LEU D 69 15.86 28.14 29.81
C LEU D 69 16.67 29.40 29.53
N SER D 70 16.96 29.64 28.26
CA SER D 70 17.64 30.87 27.86
C SER D 70 16.74 32.09 28.11
N GLU D 71 15.45 31.95 27.81
CA GLU D 71 14.45 32.95 28.19
C GLU D 71 13.62 32.41 29.35
N PRO D 72 14.00 32.71 30.59
CA PRO D 72 13.20 32.32 31.76
C PRO D 72 11.80 32.94 31.82
N SER D 73 11.61 34.10 31.20
CA SER D 73 10.32 34.78 31.21
C SER D 73 9.29 34.16 30.25
N SER D 74 9.71 33.18 29.45
CA SER D 74 8.84 32.54 28.45
C SER D 74 7.63 31.81 29.04
N LEU D 75 7.76 31.33 30.28
CA LEU D 75 6.69 30.61 30.97
C LEU D 75 5.55 31.50 31.48
N GLN D 76 5.72 32.81 31.45
CA GLN D 76 4.82 33.73 32.14
C GLN D 76 3.38 33.78 31.59
N TYR D 77 3.21 33.50 30.30
CA TYR D 77 1.88 33.44 29.70
C TYR D 77 1.43 32.00 29.42
N LEU D 78 2.22 31.02 29.84
CA LEU D 78 1.74 29.63 29.94
C LEU D 78 0.98 29.52 31.24
N PRO D 79 -0.34 29.40 31.19
CA PRO D 79 -1.15 29.40 32.41
C PRO D 79 -0.93 28.15 33.26
N TYR D 80 -1.42 28.18 34.50
CA TYR D 80 -1.33 27.04 35.42
C TYR D 80 -2.23 27.21 36.66
N ARG D 81 -2.48 28.45 37.06
CA ARG D 81 -3.32 28.79 38.21
C ARG D 81 -4.74 28.24 38.14
N ASP D 82 -5.23 27.77 39.29
CA ASP D 82 -6.64 27.37 39.47
C ASP D 82 -7.10 26.33 38.44
N TYR D 83 -6.27 25.31 38.26
CA TYR D 83 -6.63 24.12 37.50
C TYR D 83 -6.65 22.95 38.48
N ASN D 84 -7.58 22.02 38.28
CA ASN D 84 -7.69 20.85 39.15
C ASN D 84 -6.64 19.81 38.76
N TYR D 85 -5.47 19.90 39.37
CA TYR D 85 -4.36 19.00 39.07
C TYR D 85 -4.48 17.64 39.75
N SER D 86 -5.43 17.48 40.66
CA SER D 86 -5.58 16.25 41.44
C SER D 86 -5.96 15.01 40.62
N LEU D 87 -6.71 15.21 39.53
CA LEU D 87 -7.13 14.12 38.65
C LEU D 87 -6.07 13.82 37.58
N VAL D 88 -5.04 14.67 37.49
CA VAL D 88 -3.97 14.52 36.51
C VAL D 88 -2.76 13.76 37.05
N MET D 89 -2.32 14.08 38.28
CA MET D 89 -1.08 13.52 38.81
C MET D 89 -1.23 12.02 39.07
N GLY D 90 -0.22 11.25 38.65
CA GLY D 90 -0.24 9.80 38.77
C GLY D 90 -1.32 9.13 37.91
N ALA D 91 -1.71 9.78 36.81
CA ALA D 91 -2.79 9.27 35.97
C ALA D 91 -2.74 9.73 34.51
N CYS D 92 -2.51 11.03 34.28
CA CYS D 92 -2.58 11.63 32.94
C CYS D 92 -1.30 12.32 32.45
N CYS D 93 -0.47 12.83 33.36
CA CYS D 93 0.71 13.62 32.97
C CYS D 93 1.71 13.82 34.11
N GLU D 94 3.00 13.85 33.76
CA GLU D 94 4.10 14.04 34.72
C GLU D 94 4.93 15.25 34.38
N ASN D 95 5.69 15.74 35.36
CA ASN D 95 6.49 16.96 35.22
C ASN D 95 5.65 18.12 34.70
N VAL D 96 4.48 18.30 35.29
CA VAL D 96 3.47 19.24 34.81
C VAL D 96 3.80 20.68 35.18
N ILE D 97 3.88 21.55 34.18
CA ILE D 97 4.24 22.95 34.36
C ILE D 97 3.09 23.91 33.98
N GLY D 98 1.86 23.38 33.88
CA GLY D 98 0.72 24.17 33.44
C GLY D 98 -0.24 23.43 32.54
N TYR D 99 -0.94 24.17 31.69
CA TYR D 99 -1.87 23.60 30.73
C TYR D 99 -1.92 24.45 29.46
N MET D 100 -2.48 23.87 28.38
CA MET D 100 -2.53 24.52 27.08
C MET D 100 -3.99 24.66 26.64
N PRO D 101 -4.51 25.88 26.65
CA PRO D 101 -5.89 26.12 26.21
C PRO D 101 -6.06 25.95 24.70
N ILE D 102 -6.97 25.08 24.30
CA ILE D 102 -7.35 24.94 22.89
C ILE D 102 -8.79 25.46 22.74
N PRO D 103 -8.99 26.51 21.96
CA PRO D 103 -10.33 27.05 21.71
C PRO D 103 -11.35 25.97 21.30
N VAL D 104 -12.53 25.98 21.91
CA VAL D 104 -13.58 25.03 21.62
C VAL D 104 -14.77 25.73 20.94
N GLY D 105 -15.10 25.28 19.73
CA GLY D 105 -16.26 25.76 18.98
C GLY D 105 -17.35 24.70 18.90
N VAL D 106 -18.54 25.10 18.46
CA VAL D 106 -19.67 24.18 18.36
C VAL D 106 -20.22 24.14 16.93
N ALA D 107 -20.25 22.93 16.38
CA ALA D 107 -20.91 22.65 15.10
C ALA D 107 -22.21 21.90 15.40
N GLY D 108 -23.35 22.53 15.09
CA GLY D 108 -24.64 21.91 15.30
C GLY D 108 -25.81 22.82 15.01
N PRO D 109 -27.03 22.30 15.11
CA PRO D 109 -27.30 20.90 15.49
C PRO D 109 -27.00 19.91 14.37
N LEU D 110 -26.46 18.75 14.74
CA LEU D 110 -26.24 17.66 13.79
C LEU D 110 -27.35 16.63 14.00
N CYS D 111 -28.23 16.50 13.00
CA CYS D 111 -29.33 15.55 13.07
C CYS D 111 -28.83 14.16 12.68
N LEU D 112 -28.82 13.26 13.65
CA LEU D 112 -28.22 11.95 13.50
C LEU D 112 -29.03 10.90 14.24
N ASP D 113 -29.55 9.92 13.50
CA ASP D 113 -30.42 8.87 14.04
C ASP D 113 -31.58 9.43 14.86
N GLU D 114 -32.25 10.44 14.31
CA GLU D 114 -33.46 11.04 14.89
C GLU D 114 -33.20 11.81 16.20
N LYS D 115 -31.95 12.19 16.42
CA LYS D 115 -31.56 13.01 17.57
C LYS D 115 -30.81 14.22 17.06
N GLU D 116 -30.51 15.15 17.95
CA GLU D 116 -29.75 16.34 17.59
C GLU D 116 -28.55 16.45 18.53
N PHE D 117 -27.40 16.85 17.98
CA PHE D 117 -26.16 16.90 18.75
C PHE D 117 -25.44 18.22 18.56
N GLN D 118 -25.05 18.83 19.66
CA GLN D 118 -24.17 19.99 19.64
C GLN D 118 -22.75 19.47 19.82
N VAL D 119 -22.00 19.48 18.72
CA VAL D 119 -20.69 18.84 18.64
C VAL D 119 -19.56 19.81 19.00
N PRO D 120 -18.83 19.54 20.08
CA PRO D 120 -17.69 20.37 20.46
C PRO D 120 -16.46 20.02 19.63
N MET D 121 -15.71 21.04 19.23
CA MET D 121 -14.56 20.88 18.35
C MET D 121 -13.41 21.77 18.84
N ALA D 122 -12.35 21.15 19.35
CA ALA D 122 -11.17 21.86 19.84
C ALA D 122 -10.13 21.98 18.72
N THR D 123 -10.01 23.19 18.16
CA THR D 123 -9.09 23.44 17.05
C THR D 123 -8.50 24.86 17.12
N THR D 124 -7.40 25.07 16.40
CA THR D 124 -6.84 26.42 16.18
C THR D 124 -6.80 26.79 14.70
N GLU D 125 -7.55 26.05 13.87
CA GLU D 125 -7.60 26.28 12.44
C GLU D 125 -8.86 27.05 12.11
N GLY D 126 -8.69 28.27 11.63
CA GLY D 126 -9.81 29.14 11.33
C GLY D 126 -10.73 28.53 10.29
N CYS D 127 -12.02 28.87 10.39
CA CYS D 127 -13.09 28.42 9.49
C CYS D 127 -13.46 26.94 9.54
N LEU D 128 -12.76 26.12 10.32
CA LEU D 128 -13.04 24.69 10.36
C LEU D 128 -14.38 24.41 11.01
N VAL D 129 -14.69 25.12 12.10
CA VAL D 129 -15.95 24.92 12.79
C VAL D 129 -17.09 25.46 11.94
N ALA D 130 -16.89 26.64 11.36
CA ALA D 130 -17.89 27.27 10.49
C ALA D 130 -18.18 26.43 9.25
N SER D 131 -17.19 25.70 8.76
CA SER D 131 -17.36 24.83 7.60
C SER D 131 -18.16 23.59 7.99
N THR D 132 -17.78 22.98 9.12
CA THR D 132 -18.48 21.82 9.65
C THR D 132 -19.92 22.16 9.99
N ASN D 133 -20.14 23.36 10.50
CA ASN D 133 -21.46 23.84 10.92
C ASN D 133 -22.41 23.96 9.73
N ARG D 134 -21.87 24.40 8.59
CA ARG D 134 -22.62 24.47 7.34
C ARG D 134 -22.97 23.08 6.81
N GLY D 135 -22.08 22.11 7.04
CA GLY D 135 -22.32 20.74 6.65
C GLY D 135 -23.45 20.13 7.44
N CYS D 136 -23.49 20.44 8.74
CA CYS D 136 -24.58 20.02 9.61
C CYS D 136 -25.91 20.61 9.14
N ARG D 137 -25.88 21.87 8.69
CA ARG D 137 -27.08 22.57 8.24
C ARG D 137 -27.65 21.90 6.99
N ALA D 138 -26.78 21.48 6.09
CA ALA D 138 -27.19 20.81 4.85
C ALA D 138 -27.82 19.46 5.14
N ILE D 139 -27.25 18.73 6.10
CA ILE D 139 -27.77 17.41 6.49
C ILE D 139 -29.15 17.51 7.14
N GLY D 140 -29.36 18.52 7.98
CA GLY D 140 -30.63 18.75 8.63
C GLY D 140 -31.75 19.05 7.64
N LEU D 141 -31.46 19.85 6.62
CA LEU D 141 -32.44 20.19 5.58
C LEU D 141 -32.72 19.04 4.61
N GLY D 142 -31.90 17.99 4.64
CA GLY D 142 -32.16 16.76 3.92
C GLY D 142 -32.69 15.63 4.78
N GLY D 143 -33.23 15.95 5.96
CA GLY D 143 -33.86 14.96 6.82
C GLY D 143 -32.93 14.21 7.77
N GLY D 144 -31.68 14.63 7.85
CA GLY D 144 -30.74 14.09 8.81
C GLY D 144 -29.94 12.90 8.29
N ALA D 145 -28.98 12.49 9.11
CA ALA D 145 -28.09 11.39 8.77
C ALA D 145 -28.49 10.14 9.53
N SER D 146 -28.09 8.98 9.01
CA SER D 146 -28.33 7.69 9.64
C SER D 146 -27.01 6.95 9.72
N SER D 147 -26.76 6.30 10.85
CA SER D 147 -25.49 5.63 11.08
C SER D 147 -25.68 4.28 11.72
N ARG D 148 -24.76 3.37 11.44
CA ARG D 148 -24.72 2.07 12.09
C ARG D 148 -23.28 1.73 12.48
N VAL D 149 -23.12 1.06 13.61
CA VAL D 149 -21.83 0.53 14.03
C VAL D 149 -21.76 -0.90 13.53
N LEU D 150 -20.73 -1.20 12.75
CA LEU D 150 -20.61 -2.48 12.04
C LEU D 150 -19.83 -3.50 12.85
N ALA D 151 -18.85 -3.03 13.62
CA ALA D 151 -18.04 -3.91 14.47
C ALA D 151 -17.53 -3.13 15.68
N ASP D 152 -17.12 -3.85 16.71
CA ASP D 152 -16.73 -3.24 17.97
C ASP D 152 -15.74 -4.12 18.73
N GLY D 153 -14.47 -3.71 18.76
CA GLY D 153 -13.46 -4.44 19.49
C GLY D 153 -12.08 -3.81 19.36
N MET D 154 -11.55 -3.30 20.47
CA MET D 154 -10.19 -2.81 20.54
C MET D 154 -9.21 -3.99 20.43
N THR D 155 -8.01 -3.75 19.92
CA THR D 155 -7.05 -4.84 19.74
C THR D 155 -5.70 -4.60 20.36
N ARG D 156 -4.93 -5.68 20.46
CA ARG D 156 -3.52 -5.65 20.79
C ARG D 156 -2.86 -6.83 20.08
N GLY D 157 -1.75 -6.57 19.41
CA GLY D 157 -1.14 -7.53 18.50
C GLY D 157 0.30 -7.85 18.87
N PRO D 158 0.50 -8.58 19.97
CA PRO D 158 1.85 -8.99 20.39
C PRO D 158 2.60 -9.84 19.37
N VAL D 159 3.92 -9.86 19.50
CA VAL D 159 4.76 -10.76 18.72
C VAL D 159 5.45 -11.76 19.66
N VAL D 160 5.34 -13.04 19.32
CA VAL D 160 6.06 -14.11 20.02
C VAL D 160 6.99 -14.84 19.04
N ARG D 161 7.96 -15.56 19.59
CA ARG D 161 8.91 -16.32 18.78
C ARG D 161 9.00 -17.76 19.26
N LEU D 162 9.09 -18.69 18.31
CA LEU D 162 9.37 -20.08 18.60
C LEU D 162 10.70 -20.44 17.94
N PRO D 163 11.33 -21.54 18.36
CA PRO D 163 12.63 -21.95 17.80
C PRO D 163 12.65 -22.08 16.27
N ARG D 164 11.55 -22.59 15.71
CA ARG D 164 11.44 -22.82 14.27
C ARG D 164 10.08 -22.34 13.75
N ALA D 165 10.04 -22.04 12.45
CA ALA D 165 8.81 -21.70 11.75
C ALA D 165 7.78 -22.82 11.78
N CYS D 166 8.25 -24.06 11.86
CA CYS D 166 7.38 -25.22 12.00
C CYS D 166 6.69 -25.25 13.36
N ASP D 167 7.40 -24.80 14.40
CA ASP D 167 6.83 -24.70 15.74
C ASP D 167 5.78 -23.61 15.83
N SER D 168 6.05 -22.46 15.21
CA SER D 168 5.09 -21.36 15.23
C SER D 168 3.87 -21.70 14.36
N ALA D 169 4.08 -22.52 13.32
CA ALA D 169 2.99 -23.06 12.51
C ALA D 169 2.09 -23.96 13.34
N GLU D 170 2.69 -24.69 14.28
CA GLU D 170 1.95 -25.56 15.19
C GLU D 170 1.10 -24.75 16.16
N VAL D 171 1.61 -23.61 16.61
CA VAL D 171 0.89 -22.75 17.54
C VAL D 171 -0.28 -22.06 16.86
N LYS D 172 -0.10 -21.67 15.59
CA LYS D 172 -1.18 -21.07 14.80
C LYS D 172 -2.32 -22.07 14.61
N ALA D 173 -1.96 -23.30 14.22
CA ALA D 173 -2.93 -24.38 14.06
C ALA D 173 -3.68 -24.68 15.35
N TRP D 174 -2.98 -24.62 16.48
CA TRP D 174 -3.58 -24.84 17.79
C TRP D 174 -4.54 -23.70 18.16
N LEU D 175 -4.16 -22.46 17.84
CA LEU D 175 -5.00 -21.31 18.16
C LEU D 175 -6.28 -21.26 17.32
N GLU D 176 -6.29 -21.98 16.20
CA GLU D 176 -7.43 -22.03 15.30
C GLU D 176 -8.39 -23.19 15.58
N THR D 177 -8.02 -24.10 16.48
CA THR D 177 -8.96 -25.12 16.95
C THR D 177 -9.96 -24.47 17.90
N SER D 178 -11.14 -25.08 18.02
CA SER D 178 -12.15 -24.59 18.93
C SER D 178 -11.68 -24.76 20.38
N GLU D 179 -10.93 -25.83 20.64
CA GLU D 179 -10.43 -26.14 21.98
C GLU D 179 -9.37 -25.13 22.41
N GLY D 180 -8.44 -24.83 21.51
CA GLY D 180 -7.36 -23.90 21.78
C GLY D 180 -7.83 -22.49 22.02
N PHE D 181 -8.74 -22.02 21.17
CA PHE D 181 -9.33 -20.70 21.32
C PHE D 181 -10.11 -20.56 22.63
N ALA D 182 -10.74 -21.66 23.06
CA ALA D 182 -11.56 -21.65 24.27
C ALA D 182 -10.72 -21.47 25.55
N VAL D 183 -9.54 -22.10 25.60
CA VAL D 183 -8.68 -21.96 26.78
C VAL D 183 -8.03 -20.57 26.79
N ILE D 184 -7.70 -20.06 25.61
CA ILE D 184 -7.16 -18.70 25.48
C ILE D 184 -8.23 -17.64 25.77
N LYS D 185 -9.48 -17.94 25.41
CA LYS D 185 -10.61 -17.06 25.70
C LYS D 185 -10.87 -17.02 27.21
N GLU D 186 -10.73 -18.16 27.88
CA GLU D 186 -10.96 -18.26 29.32
C GLU D 186 -9.92 -17.48 30.10
N ALA D 187 -8.67 -17.54 29.63
CA ALA D 187 -7.57 -16.85 30.30
C ALA D 187 -7.73 -15.34 30.15
N PHE D 188 -8.02 -14.91 28.93
CA PHE D 188 -8.27 -13.50 28.60
C PHE D 188 -9.44 -12.94 29.41
N ASP D 189 -10.53 -13.70 29.49
CA ASP D 189 -11.78 -13.19 30.06
C ASP D 189 -11.77 -13.12 31.58
N SER D 190 -10.83 -13.81 32.22
CA SER D 190 -10.72 -13.86 33.67
C SER D 190 -10.15 -12.59 34.30
N THR D 191 -9.55 -11.71 33.49
CA THR D 191 -8.79 -10.56 34.00
C THR D 191 -9.62 -9.30 34.28
N SER D 192 -10.82 -9.20 33.71
CA SER D 192 -11.61 -7.97 33.76
C SER D 192 -13.10 -8.21 33.47
N ARG D 193 -13.95 -7.28 33.92
CA ARG D 193 -15.40 -7.38 33.75
C ARG D 193 -15.77 -7.51 32.28
N PHE D 194 -15.25 -6.59 31.47
CA PHE D 194 -15.67 -6.41 30.09
C PHE D 194 -14.82 -7.22 29.10
N ALA D 195 -13.81 -7.92 29.60
CA ALA D 195 -12.92 -8.71 28.75
C ALA D 195 -13.65 -9.91 28.19
N ARG D 196 -14.19 -9.77 26.98
CA ARG D 196 -14.82 -10.88 26.28
C ARG D 196 -14.21 -11.04 24.89
N LEU D 197 -13.40 -12.08 24.73
CA LEU D 197 -12.54 -12.25 23.57
C LEU D 197 -13.32 -12.70 22.35
N GLN D 198 -13.04 -12.04 21.22
CA GLN D 198 -13.60 -12.40 19.93
C GLN D 198 -12.57 -13.21 19.15
N LYS D 199 -12.93 -13.63 17.94
CA LYS D 199 -12.03 -14.42 17.09
C LYS D 199 -10.62 -13.83 17.01
N LEU D 200 -9.61 -14.68 17.13
CA LEU D 200 -8.21 -14.27 16.95
C LEU D 200 -7.87 -14.11 15.48
N HIS D 201 -6.89 -13.27 15.21
CA HIS D 201 -6.27 -13.20 13.89
C HIS D 201 -4.75 -13.36 14.03
N THR D 202 -4.14 -14.20 13.21
CA THR D 202 -2.69 -14.43 13.31
C THR D 202 -1.95 -14.31 11.98
N SER D 203 -0.66 -13.99 12.08
CA SER D 203 0.26 -14.02 10.96
C SER D 203 1.62 -14.59 11.39
N ILE D 204 2.21 -15.42 10.53
CA ILE D 204 3.55 -15.89 10.72
C ILE D 204 4.50 -15.11 9.80
N ALA D 205 5.68 -14.83 10.32
CA ALA D 205 6.81 -14.36 9.53
C ALA D 205 8.01 -15.18 10.00
N GLY D 206 8.17 -16.37 9.43
CA GLY D 206 9.24 -17.27 9.81
C GLY D 206 8.94 -17.89 11.17
N ARG D 207 9.81 -17.65 12.14
CA ARG D 207 9.57 -18.13 13.49
C ARG D 207 8.89 -17.10 14.39
N ASN D 208 8.56 -15.93 13.82
CA ASN D 208 7.66 -14.98 14.48
C ASN D 208 6.20 -15.39 14.32
N LEU D 209 5.40 -15.12 15.35
CA LEU D 209 3.95 -15.26 15.30
C LEU D 209 3.29 -14.01 15.88
N TYR D 210 2.48 -13.34 15.07
CA TYR D 210 1.73 -12.17 15.50
C TYR D 210 0.30 -12.59 15.81
N ILE D 211 -0.18 -12.24 17.00
CA ILE D 211 -1.49 -12.67 17.48
C ILE D 211 -2.32 -11.45 17.84
N ARG D 212 -3.44 -11.27 17.13
CA ARG D 212 -4.31 -10.13 17.29
C ARG D 212 -5.49 -10.49 18.19
N PHE D 213 -5.42 -10.07 19.44
CA PHE D 213 -6.50 -10.22 20.40
C PHE D 213 -7.45 -9.04 20.23
N GLN D 214 -8.74 -9.34 20.05
CA GLN D 214 -9.76 -8.32 19.91
C GLN D 214 -10.87 -8.53 20.95
N SER D 215 -11.26 -7.46 21.62
CA SER D 215 -12.35 -7.53 22.58
C SER D 215 -12.96 -6.17 22.86
N ARG D 216 -14.22 -6.17 23.26
CA ARG D 216 -14.88 -4.97 23.76
C ARG D 216 -14.37 -4.70 25.16
N SER D 217 -14.72 -3.54 25.70
CA SER D 217 -14.09 -3.03 26.92
C SER D 217 -14.98 -2.06 27.68
N GLY D 218 -16.27 -2.37 27.75
CA GLY D 218 -17.25 -1.45 28.27
C GLY D 218 -17.17 -0.15 27.48
N ASP D 219 -17.14 0.96 28.20
CA ASP D 219 -17.10 2.29 27.58
C ASP D 219 -15.71 2.88 27.50
N ALA D 220 -14.71 2.17 28.03
CA ALA D 220 -13.32 2.58 27.90
C ALA D 220 -12.84 2.33 26.48
N MET D 221 -11.84 3.10 26.06
CA MET D 221 -11.13 2.85 24.79
C MET D 221 -10.53 1.45 24.81
N GLY D 222 -10.04 1.03 25.97
CA GLY D 222 -9.77 -0.37 26.26
C GLY D 222 -8.32 -0.82 26.20
N MET D 223 -7.39 0.12 26.01
CA MET D 223 -5.97 -0.23 25.83
C MET D 223 -5.41 -1.02 27.01
N ASN D 224 -5.47 -0.47 28.21
CA ASN D 224 -4.89 -1.12 29.39
C ASN D 224 -5.58 -2.43 29.73
N MET D 225 -6.89 -2.49 29.49
CA MET D 225 -7.68 -3.67 29.75
C MET D 225 -7.32 -4.83 28.81
N ILE D 226 -7.08 -4.53 27.54
CA ILE D 226 -6.77 -5.57 26.56
C ILE D 226 -5.33 -6.08 26.70
N SER D 227 -4.41 -5.19 27.09
CA SER D 227 -3.02 -5.57 27.35
C SER D 227 -2.92 -6.50 28.56
N LYS D 228 -3.78 -6.28 29.55
CA LYS D 228 -3.83 -7.13 30.73
C LYS D 228 -4.34 -8.52 30.38
N GLY D 229 -5.44 -8.57 29.64
CA GLY D 229 -5.98 -9.83 29.14
C GLY D 229 -5.00 -10.53 28.22
N THR D 230 -4.25 -9.76 27.45
CA THR D 230 -3.26 -10.33 26.52
C THR D 230 -2.13 -11.00 27.29
N GLU D 231 -1.68 -10.38 28.38
CA GLU D 231 -0.56 -10.89 29.17
C GLU D 231 -0.89 -12.23 29.80
N LYS D 232 -2.10 -12.37 30.35
CA LYS D 232 -2.54 -13.62 30.96
C LYS D 232 -2.86 -14.69 29.91
N ALA D 233 -3.35 -14.27 28.75
CA ALA D 233 -3.63 -15.18 27.65
C ALA D 233 -2.32 -15.74 27.07
N LEU D 234 -1.31 -14.89 27.01
CA LEU D 234 0.00 -15.27 26.46
C LEU D 234 0.77 -16.18 27.42
N SER D 235 0.53 -16.03 28.71
CA SER D 235 1.20 -16.85 29.71
C SER D 235 0.52 -18.22 29.79
N LYS D 236 -0.77 -18.27 29.47
CA LYS D 236 -1.49 -19.53 29.34
C LYS D 236 -1.02 -20.29 28.08
N LEU D 237 -0.72 -19.54 27.02
CA LEU D 237 -0.22 -20.13 25.77
C LEU D 237 1.18 -20.71 26.00
N HIS D 238 1.93 -20.05 26.88
CA HIS D 238 3.30 -20.43 27.23
C HIS D 238 3.35 -21.77 27.98
N GLU D 239 2.27 -22.12 28.67
CA GLU D 239 2.16 -23.41 29.31
C GLU D 239 2.01 -24.55 28.30
N TYR D 240 1.26 -24.27 27.23
CA TYR D 240 1.13 -25.24 26.12
C TYR D 240 2.38 -25.27 25.26
N PHE D 241 3.17 -24.21 25.28
CA PHE D 241 4.37 -24.10 24.47
C PHE D 241 5.47 -23.42 25.27
N PRO D 242 6.16 -24.18 26.14
CA PRO D 242 7.18 -23.60 27.03
C PRO D 242 8.38 -22.96 26.32
N GLU D 243 8.69 -23.38 25.10
CA GLU D 243 9.79 -22.78 24.33
C GLU D 243 9.43 -21.46 23.62
N MET D 244 8.18 -21.02 23.76
CA MET D 244 7.75 -19.73 23.23
C MET D 244 8.33 -18.57 24.05
N GLN D 245 9.00 -17.65 23.35
CA GLN D 245 9.45 -16.40 23.91
C GLN D 245 8.38 -15.36 23.61
N ILE D 246 8.05 -14.52 24.58
CA ILE D 246 7.19 -13.37 24.34
C ILE D 246 8.12 -12.18 24.08
N LEU D 247 8.30 -11.85 22.80
CA LEU D 247 9.22 -10.78 22.44
C LEU D 247 8.72 -9.41 22.86
N ALA D 248 7.44 -9.13 22.63
CA ALA D 248 6.86 -7.84 22.97
C ALA D 248 5.33 -7.91 23.05
N VAL D 249 4.75 -7.26 24.05
CA VAL D 249 3.30 -7.28 24.24
C VAL D 249 2.59 -6.56 23.09
N SER D 250 3.29 -5.62 22.44
CA SER D 250 2.87 -5.09 21.14
C SER D 250 3.95 -5.34 20.10
N GLY D 251 3.60 -6.12 19.08
CA GLY D 251 4.45 -6.37 17.92
C GLY D 251 4.05 -5.59 16.68
N ASN D 252 3.35 -4.46 16.87
CA ASN D 252 2.87 -3.58 15.79
C ASN D 252 1.80 -4.21 14.90
N TYR D 253 1.19 -5.30 15.37
CA TYR D 253 0.14 -6.00 14.66
C TYR D 253 -1.26 -5.56 15.15
N CYS D 254 -1.31 -4.53 16.01
CA CYS D 254 -2.58 -4.10 16.62
C CYS D 254 -3.56 -3.50 15.60
N THR D 255 -3.18 -2.48 14.82
CA THR D 255 -1.97 -1.67 14.95
C THR D 255 -2.36 -0.37 15.63
N ASP D 256 -1.56 0.04 16.62
CA ASP D 256 -1.84 1.24 17.40
C ASP D 256 -0.92 2.40 17.01
N LYS D 257 -1.55 3.49 16.57
CA LYS D 257 -0.90 4.79 16.36
C LYS D 257 0.13 4.83 15.23
N LYS D 258 0.08 3.85 14.33
CA LYS D 258 0.77 3.90 13.05
C LYS D 258 -0.21 3.50 11.93
N PRO D 259 0.00 4.03 10.72
CA PRO D 259 -0.84 3.62 9.58
C PRO D 259 -0.68 2.13 9.30
N ALA D 260 -1.79 1.42 9.08
CA ALA D 260 -1.72 0.00 8.77
C ALA D 260 -2.98 -0.53 8.10
N ALA D 261 -2.78 -1.26 7.01
CA ALA D 261 -3.87 -1.85 6.23
C ALA D 261 -4.74 -2.80 7.03
N ILE D 262 -4.19 -3.38 8.11
CA ILE D 262 -4.96 -4.31 8.93
C ILE D 262 -6.11 -3.62 9.69
N ASN D 263 -5.91 -2.38 10.11
CA ASN D 263 -7.00 -1.63 10.75
C ASN D 263 -8.09 -1.28 9.75
N TRP D 264 -7.67 -0.99 8.52
CA TRP D 264 -8.58 -0.67 7.43
C TRP D 264 -9.43 -1.86 6.97
N ILE D 265 -8.85 -3.06 6.98
CA ILE D 265 -9.51 -4.26 6.46
C ILE D 265 -10.26 -5.08 7.53
N GLU D 266 -9.71 -5.15 8.73
CA GLU D 266 -10.28 -5.90 9.85
C GLU D 266 -11.03 -5.01 10.85
N GLY D 267 -10.72 -3.72 10.84
CA GLY D 267 -11.28 -2.79 11.81
C GLY D 267 -10.48 -2.76 13.09
N ARG D 268 -10.72 -1.75 13.90
CA ARG D 268 -10.12 -1.62 15.23
C ARG D 268 -10.96 -0.62 16.02
N GLY D 269 -11.38 -1.00 17.22
CA GLY D 269 -12.37 -0.20 17.95
C GLY D 269 -13.70 -0.28 17.24
N LYS D 270 -14.31 0.86 16.96
CA LYS D 270 -15.63 0.93 16.34
C LYS D 270 -15.52 1.09 14.82
N SER D 271 -16.13 0.18 14.08
CA SER D 271 -16.30 0.36 12.64
C SER D 271 -17.68 0.95 12.44
N VAL D 272 -17.76 2.03 11.67
CA VAL D 272 -19.01 2.79 11.57
C VAL D 272 -19.28 3.23 10.13
N VAL D 273 -20.56 3.24 9.77
CA VAL D 273 -21.00 3.82 8.50
C VAL D 273 -22.06 4.88 8.77
N CYS D 274 -22.05 5.93 7.95
CA CYS D 274 -22.99 7.03 8.07
C CYS D 274 -23.43 7.49 6.68
N GLU D 275 -24.65 8.01 6.57
CA GLU D 275 -25.18 8.42 5.28
C GLU D 275 -26.24 9.52 5.37
N ALA D 276 -26.59 10.07 4.22
CA ALA D 276 -27.58 11.14 4.12
C ALA D 276 -27.85 11.42 2.64
N VAL D 277 -29.05 11.88 2.33
CA VAL D 277 -29.40 12.32 0.99
C VAL D 277 -29.75 13.81 1.07
N ILE D 278 -28.99 14.63 0.34
CA ILE D 278 -29.14 16.08 0.35
C ILE D 278 -29.94 16.53 -0.88
N PRO D 279 -31.16 17.04 -0.70
CA PRO D 279 -31.98 17.53 -1.82
C PRO D 279 -31.23 18.48 -2.75
N ALA D 280 -31.52 18.41 -4.05
CA ALA D 280 -30.82 19.22 -5.05
C ALA D 280 -30.92 20.71 -4.73
N LYS D 281 -32.09 21.13 -4.25
CA LYS D 281 -32.32 22.49 -3.78
C LYS D 281 -31.32 22.90 -2.69
N VAL D 282 -31.14 22.04 -1.69
CA VAL D 282 -30.24 22.32 -0.57
C VAL D 282 -28.74 22.30 -0.99
N VAL D 283 -28.39 21.52 -2.00
CA VAL D 283 -27.03 21.51 -2.55
C VAL D 283 -26.76 22.84 -3.27
N ARG D 284 -27.79 23.35 -3.93
CA ARG D 284 -27.70 24.58 -4.71
C ARG D 284 -27.62 25.81 -3.81
N GLU D 285 -28.50 25.88 -2.81
CA GLU D 285 -28.69 27.10 -2.02
C GLU D 285 -27.76 27.21 -0.82
N VAL D 286 -27.61 26.12 -0.07
CA VAL D 286 -26.69 26.11 1.07
C VAL D 286 -25.24 25.85 0.61
N LEU D 287 -25.04 24.82 -0.21
CA LEU D 287 -23.69 24.36 -0.56
C LEU D 287 -23.09 25.06 -1.80
N LYS D 288 -23.90 25.81 -2.55
CA LYS D 288 -23.44 26.69 -3.62
C LYS D 288 -22.79 25.96 -4.80
N THR D 289 -23.27 24.75 -5.05
CA THR D 289 -22.75 23.90 -6.13
C THR D 289 -23.88 23.00 -6.68
N THR D 290 -23.54 21.95 -7.43
CA THR D 290 -24.52 20.98 -7.90
C THR D 290 -24.15 19.56 -7.49
N THR D 291 -25.15 18.68 -7.43
CA THR D 291 -24.95 17.26 -7.15
C THR D 291 -23.97 16.60 -8.12
N GLU D 292 -24.05 17.01 -9.38
CA GLU D 292 -23.22 16.45 -10.43
C GLU D 292 -21.76 16.87 -10.24
N ALA D 293 -21.54 18.13 -9.87
CA ALA D 293 -20.20 18.66 -9.67
C ALA D 293 -19.55 18.08 -8.41
N MET D 294 -20.37 17.79 -7.39
CA MET D 294 -19.88 17.19 -6.15
C MET D 294 -19.38 15.76 -6.39
N ILE D 295 -20.10 15.02 -7.24
CA ILE D 295 -19.73 13.64 -7.57
C ILE D 295 -18.43 13.60 -8.36
N GLU D 296 -18.23 14.57 -9.24
CA GLU D 296 -17.04 14.63 -10.08
C GLU D 296 -15.79 14.92 -9.25
N VAL D 297 -15.92 15.85 -8.30
CA VAL D 297 -14.80 16.20 -7.42
C VAL D 297 -14.49 15.06 -6.45
N ASN D 298 -15.53 14.41 -5.90
CA ASN D 298 -15.32 13.32 -4.95
C ASN D 298 -14.62 12.13 -5.56
N ILE D 299 -15.07 11.70 -6.74
CA ILE D 299 -14.44 10.59 -7.43
C ILE D 299 -13.00 10.91 -7.75
N ASN D 300 -12.75 12.09 -8.31
CA ASN D 300 -11.43 12.42 -8.85
C ASN D 300 -10.43 12.99 -7.84
N LYS D 301 -10.92 13.38 -6.67
CA LYS D 301 -10.09 13.81 -5.56
C LYS D 301 -9.96 12.65 -4.57
N ASN D 302 -11.08 12.28 -3.95
CA ASN D 302 -11.07 11.32 -2.86
C ASN D 302 -10.80 9.89 -3.25
N LEU D 303 -11.07 9.51 -4.50
CA LEU D 303 -10.79 8.16 -4.95
C LEU D 303 -9.58 8.11 -5.88
N VAL D 304 -9.64 8.85 -6.98
CA VAL D 304 -8.58 8.75 -7.99
C VAL D 304 -7.33 9.46 -7.50
N GLY D 305 -7.49 10.59 -6.84
CA GLY D 305 -6.37 11.36 -6.32
C GLY D 305 -5.64 10.65 -5.20
N SER D 306 -6.41 10.15 -4.23
CA SER D 306 -5.85 9.39 -3.13
C SER D 306 -5.19 8.12 -3.67
N ALA D 307 -5.74 7.57 -4.74
CA ALA D 307 -5.16 6.39 -5.38
C ALA D 307 -3.78 6.71 -5.97
N MET D 308 -3.67 7.83 -6.68
CA MET D 308 -2.42 8.22 -7.33
C MET D 308 -1.32 8.55 -6.33
N ALA D 309 -1.73 8.95 -5.12
CA ALA D 309 -0.82 9.30 -4.03
C ALA D 309 -0.38 8.07 -3.24
N GLY D 310 -0.96 6.92 -3.52
CA GLY D 310 -0.62 5.70 -2.82
C GLY D 310 -1.17 5.61 -1.40
N SER D 311 -2.44 5.98 -1.25
CA SER D 311 -3.08 6.03 0.06
C SER D 311 -3.67 4.68 0.45
N ILE D 312 -3.46 4.29 1.71
CA ILE D 312 -4.21 3.21 2.33
C ILE D 312 -5.11 3.84 3.37
N GLY D 313 -6.42 3.82 3.12
CA GLY D 313 -7.41 4.27 4.08
C GLY D 313 -7.67 5.78 4.11
N GLY D 314 -7.09 6.53 3.18
CA GLY D 314 -7.20 7.97 3.17
C GLY D 314 -8.03 8.49 2.00
N TYR D 315 -9.19 7.88 1.80
CA TYR D 315 -10.07 8.22 0.69
C TYR D 315 -11.12 9.23 1.12
N ASN D 316 -10.65 10.37 1.60
CA ASN D 316 -11.49 11.43 2.13
C ASN D 316 -10.80 12.78 1.97
N ALA D 317 -11.54 13.85 2.20
CA ALA D 317 -11.01 15.21 2.08
C ALA D 317 -10.24 15.64 3.32
N HIS D 318 -10.90 15.62 4.47
CA HIS D 318 -10.30 16.10 5.71
C HIS D 318 -10.97 15.53 6.98
N ALA D 319 -11.30 14.25 6.97
CA ALA D 319 -11.80 13.57 8.17
C ALA D 319 -10.93 13.83 9.40
N ALA D 320 -9.61 13.87 9.21
CA ALA D 320 -8.67 14.06 10.31
C ALA D 320 -8.82 15.40 11.05
N ASN D 321 -9.21 16.46 10.34
CA ASN D 321 -9.59 17.73 10.99
C ASN D 321 -10.67 17.52 12.05
N ILE D 322 -11.75 16.84 11.67
CA ILE D 322 -12.92 16.68 12.53
C ILE D 322 -12.61 15.74 13.68
N VAL D 323 -12.08 14.56 13.35
CA VAL D 323 -11.70 13.58 14.36
C VAL D 323 -10.79 14.21 15.39
N THR D 324 -9.80 14.97 14.94
CA THR D 324 -8.82 15.54 15.85
C THR D 324 -9.45 16.57 16.77
N ALA D 325 -10.35 17.38 16.23
CA ALA D 325 -11.01 18.43 17.00
C ALA D 325 -11.94 17.85 18.07
N ILE D 326 -12.76 16.88 17.69
CA ILE D 326 -13.65 16.24 18.66
C ILE D 326 -12.83 15.50 19.72
N TYR D 327 -11.76 14.83 19.29
CA TYR D 327 -10.92 14.04 20.18
C TYR D 327 -10.28 14.90 21.28
N ILE D 328 -9.73 16.05 20.91
CA ILE D 328 -9.09 16.94 21.88
C ILE D 328 -10.12 17.48 22.88
N ALA D 329 -11.29 17.90 22.38
CA ALA D 329 -12.35 18.43 23.23
C ALA D 329 -12.97 17.39 24.17
N CYS D 330 -13.00 16.14 23.75
CA CYS D 330 -13.71 15.09 24.48
C CYS D 330 -12.81 14.13 25.26
N GLY D 331 -11.54 14.50 25.44
CA GLY D 331 -10.65 13.71 26.27
C GLY D 331 -10.16 12.40 25.68
N GLN D 332 -10.20 12.30 24.35
CA GLN D 332 -9.67 11.14 23.65
C GLN D 332 -8.16 11.23 23.55
N ASP D 333 -7.56 10.12 23.12
CA ASP D 333 -6.14 10.07 22.82
C ASP D 333 -5.95 10.60 21.41
N ALA D 334 -5.52 11.85 21.29
CA ALA D 334 -5.42 12.53 19.99
C ALA D 334 -4.40 11.90 19.04
N ALA D 335 -3.42 11.18 19.59
CA ALA D 335 -2.45 10.45 18.76
C ALA D 335 -3.12 9.33 17.96
N GLN D 336 -4.27 8.88 18.42
CA GLN D 336 -5.03 7.84 17.73
C GLN D 336 -5.82 8.36 16.52
N ASN D 337 -5.61 9.62 16.13
CA ASN D 337 -6.18 10.11 14.87
C ASN D 337 -5.48 9.52 13.64
N VAL D 338 -4.27 9.00 13.82
CA VAL D 338 -3.56 8.31 12.75
C VAL D 338 -4.47 7.27 12.09
N GLY D 339 -4.98 6.35 12.91
CA GLY D 339 -5.89 5.31 12.44
C GLY D 339 -7.37 5.66 12.49
N SER D 340 -7.78 6.47 13.46
CA SER D 340 -9.17 6.83 13.63
C SER D 340 -9.72 7.69 12.50
N SER D 341 -8.83 8.37 11.78
CA SER D 341 -9.21 9.21 10.65
C SER D 341 -9.46 8.42 9.37
N ASN D 342 -9.09 7.13 9.35
CA ASN D 342 -9.35 6.27 8.19
C ASN D 342 -10.81 6.44 7.76
N CYS D 343 -11.00 6.78 6.48
CA CYS D 343 -12.31 7.09 5.96
C CYS D 343 -12.39 7.04 4.43
N ILE D 344 -13.47 6.43 3.93
CA ILE D 344 -13.83 6.55 2.52
C ILE D 344 -15.17 7.29 2.36
N THR D 345 -15.11 8.41 1.63
CA THR D 345 -16.25 9.25 1.38
C THR D 345 -16.74 8.97 -0.03
N LEU D 346 -18.00 8.54 -0.15
CA LEU D 346 -18.61 8.26 -1.45
C LEU D 346 -19.78 9.19 -1.72
N MET D 347 -19.94 9.55 -2.98
CA MET D 347 -20.98 10.48 -3.41
C MET D 347 -21.60 10.00 -4.70
N GLU D 348 -22.92 9.84 -4.70
CA GLU D 348 -23.67 9.32 -5.84
C GLU D 348 -24.88 10.19 -6.18
N ALA D 349 -25.41 9.99 -7.39
CA ALA D 349 -26.66 10.59 -7.80
C ALA D 349 -27.80 9.79 -7.17
N SER D 350 -28.90 10.47 -6.88
CA SER D 350 -29.99 9.90 -6.10
C SER D 350 -31.32 10.60 -6.41
N GLY D 351 -32.43 9.96 -6.06
CA GLY D 351 -33.74 10.55 -6.21
C GLY D 351 -34.36 10.35 -7.59
N PRO D 352 -35.61 10.81 -7.76
CA PRO D 352 -36.37 10.58 -9.00
C PRO D 352 -35.70 11.13 -10.25
N THR D 353 -35.25 12.38 -10.21
CA THR D 353 -34.64 13.03 -11.37
C THR D 353 -33.13 12.86 -11.38
N ASN D 354 -32.60 12.11 -10.42
CA ASN D 354 -31.17 11.80 -10.34
C ASN D 354 -30.33 13.06 -10.05
N GLU D 355 -30.93 14.02 -9.34
CA GLU D 355 -30.29 15.30 -9.04
C GLU D 355 -29.98 15.49 -7.56
N ASP D 356 -30.44 14.56 -6.72
CA ASP D 356 -30.16 14.59 -5.29
C ASP D 356 -28.84 13.86 -4.96
N LEU D 357 -28.13 14.37 -3.96
CA LEU D 357 -26.80 13.89 -3.59
C LEU D 357 -26.86 12.87 -2.46
N TYR D 358 -26.52 11.61 -2.75
CA TYR D 358 -26.28 10.63 -1.70
C TYR D 358 -24.84 10.76 -1.23
N ILE D 359 -24.64 10.87 0.08
CA ILE D 359 -23.30 10.88 0.66
C ILE D 359 -23.20 9.82 1.76
N SER D 360 -22.06 9.14 1.82
CA SER D 360 -21.72 8.29 2.96
C SER D 360 -20.24 8.41 3.34
N CYS D 361 -19.96 8.23 4.63
CA CYS D 361 -18.60 8.05 5.10
C CYS D 361 -18.51 6.71 5.83
N THR D 362 -17.46 5.97 5.55
CA THR D 362 -17.23 4.69 6.19
C THR D 362 -15.88 4.72 6.87
N MET D 363 -15.90 4.55 8.18
CA MET D 363 -14.72 4.70 9.01
C MET D 363 -14.54 3.41 9.83
N PRO D 364 -13.69 2.50 9.36
CA PRO D 364 -13.60 1.17 9.96
C PRO D 364 -12.81 1.07 11.27
N SER D 365 -12.14 2.12 11.71
CA SER D 365 -11.22 2.01 12.86
C SER D 365 -11.21 3.23 13.80
N ILE D 366 -12.40 3.62 14.25
CA ILE D 366 -12.55 4.70 15.24
C ILE D 366 -12.20 4.18 16.63
N GLU D 367 -11.12 4.71 17.21
CA GLU D 367 -10.63 4.30 18.52
C GLU D 367 -11.04 5.33 19.57
N ILE D 368 -11.93 4.92 20.47
CA ILE D 368 -12.69 5.89 21.24
C ILE D 368 -13.22 5.36 22.57
N GLY D 369 -13.56 6.28 23.46
CA GLY D 369 -13.99 5.94 24.81
C GLY D 369 -14.55 7.12 25.57
N THR D 370 -15.45 6.82 26.52
CA THR D 370 -16.07 7.83 27.37
C THR D 370 -15.74 7.64 28.86
N VAL D 371 -14.87 6.67 29.17
CA VAL D 371 -14.29 6.55 30.52
C VAL D 371 -12.79 6.25 30.41
N GLY D 372 -12.03 6.74 31.39
CA GLY D 372 -10.60 6.53 31.42
C GLY D 372 -9.86 7.59 30.64
N GLY D 373 -8.55 7.66 30.82
CA GLY D 373 -7.72 8.64 30.13
C GLY D 373 -8.15 10.07 30.41
N GLY D 374 -8.21 10.87 29.35
CA GLY D 374 -8.56 12.29 29.45
C GLY D 374 -10.03 12.56 29.71
N THR D 375 -10.88 11.52 29.57
CA THR D 375 -12.30 11.63 29.92
C THR D 375 -12.55 11.64 31.43
N ASN D 376 -11.51 11.44 32.23
CA ASN D 376 -11.62 11.52 33.69
C ASN D 376 -11.49 12.96 34.20
N LEU D 377 -11.13 13.90 33.32
CA LEU D 377 -10.96 15.29 33.71
C LEU D 377 -12.25 16.07 33.44
N LEU D 378 -12.54 17.04 34.30
CA LEU D 378 -13.85 17.70 34.31
C LEU D 378 -14.19 18.49 33.04
N PRO D 379 -13.26 19.28 32.52
CA PRO D 379 -13.52 20.03 31.27
C PRO D 379 -13.86 19.11 30.10
N GLN D 380 -13.09 18.04 29.95
CA GLN D 380 -13.33 17.07 28.90
C GLN D 380 -14.71 16.43 29.06
N GLN D 381 -15.09 16.16 30.29
CA GLN D 381 -16.41 15.60 30.61
C GLN D 381 -17.55 16.54 30.25
N ALA D 382 -17.29 17.85 30.30
CA ALA D 382 -18.31 18.84 29.93
C ALA D 382 -18.70 18.67 28.46
N CYS D 383 -17.71 18.45 27.61
CA CYS D 383 -17.94 18.20 26.19
C CYS D 383 -18.62 16.85 25.94
N LEU D 384 -18.29 15.84 26.75
CA LEU D 384 -18.95 14.54 26.65
C LEU D 384 -20.38 14.61 27.16
N GLN D 385 -20.63 15.54 28.10
CA GLN D 385 -21.96 15.77 28.66
C GLN D 385 -22.85 16.49 27.65
N MET D 386 -22.28 17.44 26.91
CA MET D 386 -22.99 18.10 25.81
C MET D 386 -23.64 17.07 24.89
N LEU D 387 -22.90 16.02 24.57
CA LEU D 387 -23.34 14.98 23.64
C LEU D 387 -24.14 13.87 24.31
N GLY D 388 -24.18 13.87 25.65
CA GLY D 388 -24.96 12.91 26.40
C GLY D 388 -24.30 11.54 26.47
N VAL D 389 -22.98 11.50 26.31
CA VAL D 389 -22.23 10.24 26.30
C VAL D 389 -21.19 10.13 27.42
N GLN D 390 -21.17 11.07 28.35
CA GLN D 390 -20.16 11.08 29.40
C GLN D 390 -20.26 9.85 30.30
N GLY D 391 -19.12 9.23 30.58
CA GLY D 391 -19.05 8.13 31.52
C GLY D 391 -19.64 6.83 31.01
N ALA D 392 -19.79 5.87 31.93
CA ALA D 392 -20.32 4.56 31.61
C ALA D 392 -21.83 4.61 31.43
N CYS D 393 -22.31 3.86 30.44
CA CYS D 393 -23.73 3.59 30.25
C CYS D 393 -24.04 2.33 31.04
N LYS D 394 -24.66 2.50 32.20
CA LYS D 394 -24.83 1.42 33.17
C LYS D 394 -25.83 0.37 32.73
N ASP D 395 -26.89 0.80 32.04
CA ASP D 395 -27.90 -0.13 31.55
C ASP D 395 -27.38 -1.02 30.42
N ASN D 396 -26.39 -0.51 29.67
CA ASN D 396 -25.87 -1.23 28.51
C ASN D 396 -24.40 -0.89 28.27
N PRO D 397 -23.49 -1.52 29.02
CA PRO D 397 -22.06 -1.24 28.91
C PRO D 397 -21.53 -1.18 27.47
N GLY D 398 -20.88 -0.06 27.13
CA GLY D 398 -20.29 0.16 25.83
C GLY D 398 -21.11 1.07 24.92
N GLU D 399 -22.33 1.38 25.33
CA GLU D 399 -23.26 2.12 24.47
C GLU D 399 -22.93 3.61 24.35
N ASN D 400 -22.33 4.20 25.37
CA ASN D 400 -21.88 5.59 25.28
C ASN D 400 -20.75 5.77 24.28
N ALA D 401 -19.75 4.90 24.32
CA ALA D 401 -18.61 4.96 23.40
C ALA D 401 -19.06 4.70 21.97
N ARG D 402 -20.04 3.80 21.83
CA ARG D 402 -20.62 3.49 20.53
C ARG D 402 -21.30 4.73 19.95
N GLN D 403 -22.02 5.45 20.80
CA GLN D 403 -22.72 6.67 20.39
C GLN D 403 -21.74 7.77 20.00
N LEU D 404 -20.60 7.85 20.67
CA LEU D 404 -19.60 8.87 20.36
C LEU D 404 -18.98 8.60 18.99
N ALA D 405 -18.72 7.32 18.71
CA ALA D 405 -18.19 6.90 17.41
C ALA D 405 -19.17 7.28 16.30
N ARG D 406 -20.45 6.97 16.50
CA ARG D 406 -21.50 7.40 15.57
C ARG D 406 -21.48 8.93 15.37
N ILE D 407 -21.33 9.68 16.46
CA ILE D 407 -21.26 11.14 16.39
C ILE D 407 -20.05 11.63 15.60
N VAL D 408 -18.92 10.95 15.75
CA VAL D 408 -17.69 11.33 15.04
C VAL D 408 -17.88 11.10 13.54
N CYS D 409 -18.50 9.97 13.19
CA CYS D 409 -18.68 9.60 11.79
C CYS D 409 -19.65 10.56 11.11
N GLY D 410 -20.71 10.94 11.81
CA GLY D 410 -21.68 11.89 11.30
C GLY D 410 -21.09 13.28 11.11
N THR D 411 -20.30 13.72 12.09
CA THR D 411 -19.66 15.03 12.02
C THR D 411 -18.57 15.06 10.96
N VAL D 412 -17.89 13.93 10.74
CA VAL D 412 -16.93 13.81 9.66
C VAL D 412 -17.66 13.94 8.32
N MET D 413 -18.82 13.30 8.20
CA MET D 413 -19.60 13.39 6.98
C MET D 413 -20.07 14.84 6.74
N ALA D 414 -20.38 15.57 7.81
CA ALA D 414 -20.73 16.98 7.69
C ALA D 414 -19.54 17.77 7.17
N GLY D 415 -18.35 17.48 7.70
CA GLY D 415 -17.13 18.13 7.28
C GLY D 415 -16.80 17.86 5.83
N GLU D 416 -17.01 16.62 5.39
CA GLU D 416 -16.76 16.22 4.01
C GLU D 416 -17.72 16.92 3.08
N LEU D 417 -18.98 16.97 3.47
CA LEU D 417 -20.02 17.60 2.66
C LEU D 417 -19.65 19.07 2.38
N SER D 418 -19.26 19.78 3.42
CA SER D 418 -19.00 21.22 3.35
C SER D 418 -17.71 21.56 2.61
N LEU D 419 -16.61 20.92 2.96
CA LEU D 419 -15.34 21.20 2.30
C LEU D 419 -15.37 20.82 0.82
N MET D 420 -15.99 19.69 0.49
CA MET D 420 -16.07 19.24 -0.90
C MET D 420 -16.92 20.21 -1.74
N ALA D 421 -17.97 20.76 -1.14
CA ALA D 421 -18.80 21.75 -1.81
C ALA D 421 -18.00 23.02 -2.11
N ALA D 422 -17.17 23.43 -1.15
CA ALA D 422 -16.34 24.61 -1.32
C ALA D 422 -15.32 24.40 -2.43
N LEU D 423 -14.79 23.19 -2.51
CA LEU D 423 -13.77 22.85 -3.49
C LEU D 423 -14.37 22.81 -4.89
N ALA D 424 -15.59 22.28 -5.00
CA ALA D 424 -16.28 22.14 -6.29
C ALA D 424 -16.70 23.50 -6.83
N ALA D 425 -17.18 24.37 -5.94
CA ALA D 425 -17.61 25.70 -6.32
C ALA D 425 -16.43 26.54 -6.79
N GLY D 426 -15.22 26.13 -6.41
CA GLY D 426 -14.00 26.53 -7.09
C GLY D 426 -13.41 27.88 -6.71
N HIS D 427 -13.41 28.18 -5.42
CA HIS D 427 -12.91 29.48 -4.95
C HIS D 427 -11.39 29.48 -4.88
#